data_8P3C
# 
_entry.id   8P3C 
# 
_audit_conform.dict_name       mmcif_pdbx.dic 
_audit_conform.dict_version    5.402 
_audit_conform.dict_location   http://mmcif.pdb.org/dictionaries/ascii/mmcif_pdbx.dic 
# 
loop_
_database_2.database_id 
_database_2.database_code 
_database_2.pdbx_database_accession 
_database_2.pdbx_DOI 
PDB   8P3C         pdb_00008p3c 10.2210/pdb8p3c/pdb 
WWPDB D_1292130585 ?            ?                   
# 
loop_
_pdbx_audit_revision_history.ordinal 
_pdbx_audit_revision_history.data_content_type 
_pdbx_audit_revision_history.major_revision 
_pdbx_audit_revision_history.minor_revision 
_pdbx_audit_revision_history.revision_date 
_pdbx_audit_revision_history.part_number 
1 'Structure model' 1 0 2024-06-12 ? 
2 'Structure model' 1 1 2025-03-05 ? 
3 'Structure model' 1 2 2025-03-26 ? 
# 
_pdbx_audit_revision_details.ordinal             1 
_pdbx_audit_revision_details.revision_ordinal    1 
_pdbx_audit_revision_details.data_content_type   'Structure model' 
_pdbx_audit_revision_details.provider            repository 
_pdbx_audit_revision_details.type                'Initial release' 
_pdbx_audit_revision_details.description         ? 
_pdbx_audit_revision_details.details             ? 
# 
loop_
_pdbx_audit_revision_group.ordinal 
_pdbx_audit_revision_group.revision_ordinal 
_pdbx_audit_revision_group.data_content_type 
_pdbx_audit_revision_group.group 
1 2 'Structure model' 'Database references' 
2 2 'Structure model' 'Structure summary'   
3 3 'Structure model' 'Database references' 
# 
loop_
_pdbx_audit_revision_category.ordinal 
_pdbx_audit_revision_category.revision_ordinal 
_pdbx_audit_revision_category.data_content_type 
_pdbx_audit_revision_category.category 
1 2 'Structure model' citation           
2 2 'Structure model' citation_author    
3 2 'Structure model' pdbx_entry_details 
4 3 'Structure model' citation           
5 3 'Structure model' citation_author    
# 
loop_
_pdbx_audit_revision_item.ordinal 
_pdbx_audit_revision_item.revision_ordinal 
_pdbx_audit_revision_item.data_content_type 
_pdbx_audit_revision_item.item 
1  2 'Structure model' '_citation.country'                            
2  2 'Structure model' '_citation.journal_abbrev'                     
3  2 'Structure model' '_citation.journal_id_ASTM'                    
4  2 'Structure model' '_citation.journal_id_CSD'                     
5  2 'Structure model' '_citation.journal_id_ISSN'                    
6  2 'Structure model' '_citation.pdbx_database_id_DOI'               
7  2 'Structure model' '_citation.pdbx_database_id_PubMed'            
8  2 'Structure model' '_citation.title'                              
9  2 'Structure model' '_citation.year'                               
10 2 'Structure model' '_pdbx_entry_details.has_protein_modification' 
11 3 'Structure model' '_citation.journal_volume'                     
12 3 'Structure model' '_citation.page_first'                         
13 3 'Structure model' '_citation.page_last'                          
14 3 'Structure model' '_citation_author.identifier_ORCID'            
# 
_pdbx_database_status.status_code                     REL 
_pdbx_database_status.status_code_sf                  REL 
_pdbx_database_status.status_code_mr                  ? 
_pdbx_database_status.entry_id                        8P3C 
_pdbx_database_status.recvd_initial_deposition_date   2023-05-17 
_pdbx_database_status.SG_entry                        N 
_pdbx_database_status.deposit_site                    PDBE 
_pdbx_database_status.process_site                    PDBE 
_pdbx_database_status.status_code_cs                  ? 
_pdbx_database_status.status_code_nmr_data            ? 
_pdbx_database_status.methods_development_category    ? 
_pdbx_database_status.pdb_format_compatible           Y 
# 
_pdbx_contact_author.id                 2 
_pdbx_contact_author.email              a.guskov@rug.nl 
_pdbx_contact_author.name_first         Albert 
_pdbx_contact_author.name_last          Guskov 
_pdbx_contact_author.name_mi            ? 
_pdbx_contact_author.role               'principal investigator/group leader' 
_pdbx_contact_author.identifier_ORCID   0000-0003-2340-2216 
# 
loop_
_audit_author.name 
_audit_author.pdbx_ordinal 
_audit_author.identifier_ORCID 
'Whittaker, J.J.' 1 0000-0001-8966-111X 
'Guskov, A.'      2 0000-0003-2340-2216 
'Goretzki, B.'    3 0000-0002-7721-6657 
'Hellmich, U.A.'  4 0000-0001-7162-285X 
# 
_citation.abstract                  ? 
_citation.abstract_id_CAS           ? 
_citation.book_id_ISBN              ? 
_citation.book_publisher            ? 
_citation.book_publisher_city       ? 
_citation.book_title                ? 
_citation.coordinate_linkage        ? 
_citation.country                   US 
_citation.database_id_Medline       ? 
_citation.details                   ? 
_citation.id                        primary 
_citation.journal_abbrev            J.Med.Chem. 
_citation.journal_id_ASTM           JMCMAR 
_citation.journal_id_CSD            0151 
_citation.journal_id_ISSN           0022-2623 
_citation.journal_full              ? 
_citation.journal_issue             ? 
_citation.journal_volume            68 
_citation.language                  ? 
_citation.page_first                5926 
_citation.page_last                 5941 
_citation.title                     
;Structure and Dynamics of Macrophage Infectivity Potentiator Proteins from Pathogenic Bacteria and Protozoans Bound to Fluorinated Pipecolic Acid Inhibitors.
;
_citation.year                      2025 
_citation.database_id_CSD           ? 
_citation.pdbx_database_id_DOI      10.1021/acs.jmedchem.5c00134 
_citation.pdbx_database_id_PubMed   39976355 
_citation.pdbx_database_id_patent   ? 
_citation.unpublished_flag          ? 
# 
loop_
_citation_author.citation_id 
_citation_author.name 
_citation_author.ordinal 
_citation_author.identifier_ORCID 
primary 'Perez Carrillo, V.H.' 1  ? 
primary 'Whittaker, J.J.'      2  ? 
primary 'Wiedemann, C.'        3  ? 
primary 'Harder, J.M.'         4  ? 
primary 'Lohr, T.'             5  ? 
primary 'Jamithireddy, A.K.'   6  ? 
primary 'Dajka, M.'            7  ? 
primary 'Goretzki, B.'         8  ? 
primary 'Joseph, B.'           9  ? 
primary 'Guskov, A.'           10 ? 
primary 'Harmer, N.J.'         11 ? 
primary 'Holzgrabe, U.'        12 ? 
primary 'Hellmich, U.A.'       13 ? 
# 
loop_
_entity.id 
_entity.type 
_entity.src_method 
_entity.pdbx_description 
_entity.formula_weight 
_entity.pdbx_number_of_molecules 
_entity.pdbx_ec 
_entity.pdbx_mutation 
_entity.pdbx_fragment 
_entity.details 
1 polymer     man 'Peptidyl-prolyl cis-trans isomerase' 13622.192 1  5.2.1.8 ? ? ? 
2 non-polymer syn 
;(2~{S})-1-[(4-fluorophenyl)methylsulfonyl]-~{N}-[(2~{S})-3-(4-fluorophenyl)-1-oxidanylidene-1-(pyridin-3-ylmethylamino)propan-2-yl]piperidine-2-carboxamide
;
556.624   1  ?       ? ? ? 
3 non-polymer syn GLYCEROL 92.094    2  ?       ? ? ? 
4 non-polymer syn 'DI(HYDROXYETHYL)ETHER' 106.120   1  ?       ? ? ? 
5 water       nat water 18.015    80 ?       ? ? ? 
# 
_entity_poly.entity_id                      1 
_entity_poly.type                           'polypeptide(L)' 
_entity_poly.nstd_linkage                   no 
_entity_poly.nstd_monomer                   no 
_entity_poly.pdbx_seq_one_letter_code       
;MHHHHHHENLYFQGTVVTTESGLKYEDLTEGSGAEARAGQTVSVHYTGWLTDGQKFDSSKDRNDPFAFVLGGGMVIKGWD
EGVQGMKVGGVRRLTIPPQLGYGARGAGGVIPPNATLVFEVELLDV
;
_entity_poly.pdbx_seq_one_letter_code_can   
;MHHHHHHENLYFQGTVVTTESGLKYEDLTEGSGAEARAGQTVSVHYTGWLTDGQKFDSSKDRNDPFAFVLGGGMVIKGWD
EGVQGMKVGGVRRLTIPPQLGYGARGAGGVIPPNATLVFEVELLDV
;
_entity_poly.pdbx_strand_id                 B 
_entity_poly.pdbx_target_identifier         ? 
# 
loop_
_pdbx_entity_nonpoly.entity_id 
_pdbx_entity_nonpoly.name 
_pdbx_entity_nonpoly.comp_id 
2 
;(2~{S})-1-[(4-fluorophenyl)methylsulfonyl]-~{N}-[(2~{S})-3-(4-fluorophenyl)-1-oxidanylidene-1-(pyridin-3-ylmethylamino)propan-2-yl]piperidine-2-carboxamide
;
WRX 
3 GLYCEROL GOL 
4 'DI(HYDROXYETHYL)ETHER' PEG 
5 water HOH 
# 
loop_
_entity_poly_seq.entity_id 
_entity_poly_seq.num 
_entity_poly_seq.mon_id 
_entity_poly_seq.hetero 
1 1   MET n 
1 2   HIS n 
1 3   HIS n 
1 4   HIS n 
1 5   HIS n 
1 6   HIS n 
1 7   HIS n 
1 8   GLU n 
1 9   ASN n 
1 10  LEU n 
1 11  TYR n 
1 12  PHE n 
1 13  GLN n 
1 14  GLY n 
1 15  THR n 
1 16  VAL n 
1 17  VAL n 
1 18  THR n 
1 19  THR n 
1 20  GLU n 
1 21  SER n 
1 22  GLY n 
1 23  LEU n 
1 24  LYS n 
1 25  TYR n 
1 26  GLU n 
1 27  ASP n 
1 28  LEU n 
1 29  THR n 
1 30  GLU n 
1 31  GLY n 
1 32  SER n 
1 33  GLY n 
1 34  ALA n 
1 35  GLU n 
1 36  ALA n 
1 37  ARG n 
1 38  ALA n 
1 39  GLY n 
1 40  GLN n 
1 41  THR n 
1 42  VAL n 
1 43  SER n 
1 44  VAL n 
1 45  HIS n 
1 46  TYR n 
1 47  THR n 
1 48  GLY n 
1 49  TRP n 
1 50  LEU n 
1 51  THR n 
1 52  ASP n 
1 53  GLY n 
1 54  GLN n 
1 55  LYS n 
1 56  PHE n 
1 57  ASP n 
1 58  SER n 
1 59  SER n 
1 60  LYS n 
1 61  ASP n 
1 62  ARG n 
1 63  ASN n 
1 64  ASP n 
1 65  PRO n 
1 66  PHE n 
1 67  ALA n 
1 68  PHE n 
1 69  VAL n 
1 70  LEU n 
1 71  GLY n 
1 72  GLY n 
1 73  GLY n 
1 74  MET n 
1 75  VAL n 
1 76  ILE n 
1 77  LYS n 
1 78  GLY n 
1 79  TRP n 
1 80  ASP n 
1 81  GLU n 
1 82  GLY n 
1 83  VAL n 
1 84  GLN n 
1 85  GLY n 
1 86  MET n 
1 87  LYS n 
1 88  VAL n 
1 89  GLY n 
1 90  GLY n 
1 91  VAL n 
1 92  ARG n 
1 93  ARG n 
1 94  LEU n 
1 95  THR n 
1 96  ILE n 
1 97  PRO n 
1 98  PRO n 
1 99  GLN n 
1 100 LEU n 
1 101 GLY n 
1 102 TYR n 
1 103 GLY n 
1 104 ALA n 
1 105 ARG n 
1 106 GLY n 
1 107 ALA n 
1 108 GLY n 
1 109 GLY n 
1 110 VAL n 
1 111 ILE n 
1 112 PRO n 
1 113 PRO n 
1 114 ASN n 
1 115 ALA n 
1 116 THR n 
1 117 LEU n 
1 118 VAL n 
1 119 PHE n 
1 120 GLU n 
1 121 VAL n 
1 122 GLU n 
1 123 LEU n 
1 124 LEU n 
1 125 ASP n 
1 126 VAL n 
# 
_entity_src_gen.entity_id                          1 
_entity_src_gen.pdbx_src_id                        1 
_entity_src_gen.pdbx_alt_source_flag               sample 
_entity_src_gen.pdbx_seq_type                      'Biological sequence' 
_entity_src_gen.pdbx_beg_seq_num                   1 
_entity_src_gen.pdbx_end_seq_num                   126 
_entity_src_gen.gene_src_common_name               ? 
_entity_src_gen.gene_src_genus                     ? 
_entity_src_gen.pdbx_gene_src_gene                 'fbp, BPSS1823' 
_entity_src_gen.gene_src_species                   ? 
_entity_src_gen.gene_src_strain                    ? 
_entity_src_gen.gene_src_tissue                    ? 
_entity_src_gen.gene_src_tissue_fraction           ? 
_entity_src_gen.gene_src_details                   ? 
_entity_src_gen.pdbx_gene_src_fragment             ? 
_entity_src_gen.pdbx_gene_src_scientific_name      'Burkholderia pseudomallei' 
_entity_src_gen.pdbx_gene_src_ncbi_taxonomy_id     28450 
_entity_src_gen.pdbx_gene_src_variant              ? 
_entity_src_gen.pdbx_gene_src_cell_line            ? 
_entity_src_gen.pdbx_gene_src_atcc                 ? 
_entity_src_gen.pdbx_gene_src_organ                ? 
_entity_src_gen.pdbx_gene_src_organelle            ? 
_entity_src_gen.pdbx_gene_src_cell                 ? 
_entity_src_gen.pdbx_gene_src_cellular_location    ? 
_entity_src_gen.host_org_common_name               ? 
_entity_src_gen.pdbx_host_org_scientific_name      'Escherichia coli' 
_entity_src_gen.pdbx_host_org_ncbi_taxonomy_id     562 
_entity_src_gen.host_org_genus                     ? 
_entity_src_gen.pdbx_host_org_gene                 ? 
_entity_src_gen.pdbx_host_org_organ                ? 
_entity_src_gen.host_org_species                   ? 
_entity_src_gen.pdbx_host_org_tissue               ? 
_entity_src_gen.pdbx_host_org_tissue_fraction      ? 
_entity_src_gen.pdbx_host_org_strain               ? 
_entity_src_gen.pdbx_host_org_variant              ? 
_entity_src_gen.pdbx_host_org_cell_line            ? 
_entity_src_gen.pdbx_host_org_atcc                 ? 
_entity_src_gen.pdbx_host_org_culture_collection   ? 
_entity_src_gen.pdbx_host_org_cell                 ? 
_entity_src_gen.pdbx_host_org_organelle            ? 
_entity_src_gen.pdbx_host_org_cellular_location    ? 
_entity_src_gen.pdbx_host_org_vector_type          ? 
_entity_src_gen.pdbx_host_org_vector               ? 
_entity_src_gen.host_org_details                   ? 
_entity_src_gen.expression_system_id               ? 
_entity_src_gen.plasmid_name                       ? 
_entity_src_gen.plasmid_details                    ? 
_entity_src_gen.pdbx_description                   ? 
# 
loop_
_chem_comp.id 
_chem_comp.type 
_chem_comp.mon_nstd_flag 
_chem_comp.name 
_chem_comp.pdbx_synonyms 
_chem_comp.formula 
_chem_comp.formula_weight 
ALA 'L-peptide linking' y ALANINE ?                               'C3 H7 N O2'         89.093  
ARG 'L-peptide linking' y ARGININE ?                               'C6 H15 N4 O2 1'     175.209 
ASN 'L-peptide linking' y ASPARAGINE ?                               'C4 H8 N2 O3'        132.118 
ASP 'L-peptide linking' y 'ASPARTIC ACID' ?                               'C4 H7 N O4'         133.103 
GLN 'L-peptide linking' y GLUTAMINE ?                               'C5 H10 N2 O3'       146.144 
GLU 'L-peptide linking' y 'GLUTAMIC ACID' ?                               'C5 H9 N O4'         147.129 
GLY 'peptide linking'   y GLYCINE ?                               'C2 H5 N O2'         75.067  
GOL non-polymer         . GLYCEROL 'GLYCERIN; PROPANE-1,2,3-TRIOL' 'C3 H8 O3'           92.094  
HIS 'L-peptide linking' y HISTIDINE ?                               'C6 H10 N3 O2 1'     156.162 
HOH non-polymer         . WATER ?                               'H2 O'               18.015  
ILE 'L-peptide linking' y ISOLEUCINE ?                               'C6 H13 N O2'        131.173 
LEU 'L-peptide linking' y LEUCINE ?                               'C6 H13 N O2'        131.173 
LYS 'L-peptide linking' y LYSINE ?                               'C6 H15 N2 O2 1'     147.195 
MET 'L-peptide linking' y METHIONINE ?                               'C5 H11 N O2 S'      149.211 
PEG non-polymer         . 'DI(HYDROXYETHYL)ETHER' ?                               'C4 H10 O3'          106.120 
PHE 'L-peptide linking' y PHENYLALANINE ?                               'C9 H11 N O2'        165.189 
PRO 'L-peptide linking' y PROLINE ?                               'C5 H9 N O2'         115.130 
SER 'L-peptide linking' y SERINE ?                               'C3 H7 N O3'         105.093 
THR 'L-peptide linking' y THREONINE ?                               'C4 H9 N O3'         119.119 
TRP 'L-peptide linking' y TRYPTOPHAN ?                               'C11 H12 N2 O2'      204.225 
TYR 'L-peptide linking' y TYROSINE ?                               'C9 H11 N O3'        181.189 
VAL 'L-peptide linking' y VALINE ?                               'C5 H11 N O2'        117.146 
WRX non-polymer         . 
;(2~{S})-1-[(4-fluorophenyl)methylsulfonyl]-~{N}-[(2~{S})-3-(4-fluorophenyl)-1-oxidanylidene-1-(pyridin-3-ylmethylamino)propan-2-yl]piperidine-2-carboxamide
;
?                               'C28 H30 F2 N4 O4 S' 556.624 
# 
loop_
_pdbx_poly_seq_scheme.asym_id 
_pdbx_poly_seq_scheme.entity_id 
_pdbx_poly_seq_scheme.seq_id 
_pdbx_poly_seq_scheme.mon_id 
_pdbx_poly_seq_scheme.ndb_seq_num 
_pdbx_poly_seq_scheme.pdb_seq_num 
_pdbx_poly_seq_scheme.auth_seq_num 
_pdbx_poly_seq_scheme.pdb_mon_id 
_pdbx_poly_seq_scheme.auth_mon_id 
_pdbx_poly_seq_scheme.pdb_strand_id 
_pdbx_poly_seq_scheme.pdb_ins_code 
_pdbx_poly_seq_scheme.hetero 
A 1 1   MET 1   -12 -12 MET MET B . n 
A 1 2   HIS 2   -11 -11 HIS HIS B . n 
A 1 3   HIS 3   -10 -10 HIS HIS B . n 
A 1 4   HIS 4   -9  -9  HIS HIS B . n 
A 1 5   HIS 5   -8  -8  HIS HIS B . n 
A 1 6   HIS 6   -7  -7  HIS HIS B . n 
A 1 7   HIS 7   -6  -6  HIS HIS B . n 
A 1 8   GLU 8   -5  -5  GLU GLU B . n 
A 1 9   ASN 9   -4  -4  ASN ASN B . n 
A 1 10  LEU 10  -3  -3  LEU LEU B . n 
A 1 11  TYR 11  -2  -2  TYR TYR B . n 
A 1 12  PHE 12  -1  -1  PHE PHE B . n 
A 1 13  GLN 13  0   0   GLN GLN B . n 
A 1 14  GLY 14  1   1   GLY GLY B . n 
A 1 15  THR 15  2   2   THR THR B . n 
A 1 16  VAL 16  3   3   VAL VAL B . n 
A 1 17  VAL 17  4   4   VAL VAL B . n 
A 1 18  THR 18  5   5   THR THR B . n 
A 1 19  THR 19  6   6   THR THR B . n 
A 1 20  GLU 20  7   7   GLU GLU B . n 
A 1 21  SER 21  8   8   SER SER B . n 
A 1 22  GLY 22  9   9   GLY GLY B . n 
A 1 23  LEU 23  10  10  LEU LEU B . n 
A 1 24  LYS 24  11  11  LYS LYS B . n 
A 1 25  TYR 25  12  12  TYR TYR B . n 
A 1 26  GLU 26  13  13  GLU GLU B . n 
A 1 27  ASP 27  14  14  ASP ASP B . n 
A 1 28  LEU 28  15  15  LEU LEU B . n 
A 1 29  THR 29  16  16  THR THR B . n 
A 1 30  GLU 30  17  17  GLU GLU B . n 
A 1 31  GLY 31  18  18  GLY GLY B . n 
A 1 32  SER 32  19  19  SER SER B . n 
A 1 33  GLY 33  20  20  GLY GLY B . n 
A 1 34  ALA 34  21  21  ALA ALA B . n 
A 1 35  GLU 35  22  22  GLU GLU B . n 
A 1 36  ALA 36  23  23  ALA ALA B . n 
A 1 37  ARG 37  24  24  ARG ARG B . n 
A 1 38  ALA 38  25  25  ALA ALA B . n 
A 1 39  GLY 39  26  26  GLY GLY B . n 
A 1 40  GLN 40  27  27  GLN GLN B . n 
A 1 41  THR 41  28  28  THR THR B . n 
A 1 42  VAL 42  29  29  VAL VAL B . n 
A 1 43  SER 43  30  30  SER SER B . n 
A 1 44  VAL 44  31  31  VAL VAL B . n 
A 1 45  HIS 45  32  32  HIS HIS B . n 
A 1 46  TYR 46  33  33  TYR TYR B . n 
A 1 47  THR 47  34  34  THR THR B . n 
A 1 48  GLY 48  35  35  GLY GLY B . n 
A 1 49  TRP 49  36  36  TRP TRP B . n 
A 1 50  LEU 50  37  37  LEU LEU B . n 
A 1 51  THR 51  38  38  THR THR B . n 
A 1 52  ASP 52  39  39  ASP ASP B . n 
A 1 53  GLY 53  40  40  GLY GLY B . n 
A 1 54  GLN 54  41  41  GLN GLN B . n 
A 1 55  LYS 55  42  42  LYS LYS B . n 
A 1 56  PHE 56  43  43  PHE PHE B . n 
A 1 57  ASP 57  44  44  ASP ASP B . n 
A 1 58  SER 58  45  45  SER SER B . n 
A 1 59  SER 59  46  46  SER SER B . n 
A 1 60  LYS 60  47  47  LYS LYS B . n 
A 1 61  ASP 61  48  48  ASP ASP B . n 
A 1 62  ARG 62  49  49  ARG ARG B . n 
A 1 63  ASN 63  50  50  ASN ASN B . n 
A 1 64  ASP 64  51  51  ASP ASP B . n 
A 1 65  PRO 65  52  52  PRO PRO B . n 
A 1 66  PHE 66  53  53  PHE PHE B . n 
A 1 67  ALA 67  54  54  ALA ALA B . n 
A 1 68  PHE 68  55  55  PHE PHE B . n 
A 1 69  VAL 69  56  56  VAL VAL B . n 
A 1 70  LEU 70  57  57  LEU LEU B . n 
A 1 71  GLY 71  58  58  GLY GLY B . n 
A 1 72  GLY 72  59  59  GLY GLY B . n 
A 1 73  GLY 73  60  60  GLY GLY B . n 
A 1 74  MET 74  61  61  MET MET B . n 
A 1 75  VAL 75  62  62  VAL VAL B . n 
A 1 76  ILE 76  63  63  ILE ILE B . n 
A 1 77  LYS 77  64  64  LYS LYS B . n 
A 1 78  GLY 78  65  65  GLY GLY B . n 
A 1 79  TRP 79  66  66  TRP TRP B . n 
A 1 80  ASP 80  67  67  ASP ASP B . n 
A 1 81  GLU 81  68  68  GLU GLU B . n 
A 1 82  GLY 82  69  69  GLY GLY B . n 
A 1 83  VAL 83  70  70  VAL VAL B . n 
A 1 84  GLN 84  71  71  GLN GLN B . n 
A 1 85  GLY 85  72  72  GLY GLY B . n 
A 1 86  MET 86  73  73  MET MET B . n 
A 1 87  LYS 87  74  74  LYS LYS B . n 
A 1 88  VAL 88  75  75  VAL VAL B . n 
A 1 89  GLY 89  76  76  GLY GLY B . n 
A 1 90  GLY 90  77  77  GLY GLY B . n 
A 1 91  VAL 91  78  78  VAL VAL B . n 
A 1 92  ARG 92  79  79  ARG ARG B . n 
A 1 93  ARG 93  80  80  ARG ARG B . n 
A 1 94  LEU 94  81  81  LEU LEU B . n 
A 1 95  THR 95  82  82  THR THR B . n 
A 1 96  ILE 96  83  83  ILE ILE B . n 
A 1 97  PRO 97  84  84  PRO PRO B . n 
A 1 98  PRO 98  85  85  PRO PRO B . n 
A 1 99  GLN 99  86  86  GLN GLN B . n 
A 1 100 LEU 100 87  87  LEU LEU B . n 
A 1 101 GLY 101 88  88  GLY GLY B . n 
A 1 102 TYR 102 89  89  TYR TYR B . n 
A 1 103 GLY 103 90  90  GLY GLY B . n 
A 1 104 ALA 104 91  91  ALA ALA B . n 
A 1 105 ARG 105 92  92  ARG ARG B . n 
A 1 106 GLY 106 93  93  GLY GLY B . n 
A 1 107 ALA 107 94  94  ALA ALA B . n 
A 1 108 GLY 108 95  95  GLY GLY B . n 
A 1 109 GLY 109 96  96  GLY GLY B . n 
A 1 110 VAL 110 97  97  VAL VAL B . n 
A 1 111 ILE 111 98  98  ILE ILE B . n 
A 1 112 PRO 112 99  99  PRO PRO B . n 
A 1 113 PRO 113 100 100 PRO PRO B . n 
A 1 114 ASN 114 101 101 ASN ASN B . n 
A 1 115 ALA 115 102 102 ALA ALA B . n 
A 1 116 THR 116 103 103 THR THR B . n 
A 1 117 LEU 117 104 104 LEU LEU B . n 
A 1 118 VAL 118 105 105 VAL VAL B . n 
A 1 119 PHE 119 106 106 PHE PHE B . n 
A 1 120 GLU 120 107 107 GLU GLU B . n 
A 1 121 VAL 121 108 108 VAL VAL B . n 
A 1 122 GLU 122 109 109 GLU GLU B . n 
A 1 123 LEU 123 110 110 LEU LEU B . n 
A 1 124 LEU 124 111 111 LEU LEU B . n 
A 1 125 ASP 125 112 112 ASP ASP B . n 
A 1 126 VAL 126 113 113 VAL VAL B . n 
# 
loop_
_pdbx_nonpoly_scheme.asym_id 
_pdbx_nonpoly_scheme.entity_id 
_pdbx_nonpoly_scheme.mon_id 
_pdbx_nonpoly_scheme.ndb_seq_num 
_pdbx_nonpoly_scheme.pdb_seq_num 
_pdbx_nonpoly_scheme.auth_seq_num 
_pdbx_nonpoly_scheme.pdb_mon_id 
_pdbx_nonpoly_scheme.auth_mon_id 
_pdbx_nonpoly_scheme.pdb_strand_id 
_pdbx_nonpoly_scheme.pdb_ins_code 
B 2 WRX 1  201 202 WRX LIG B . 
C 3 GOL 1  202 203 GOL GOL B . 
D 3 GOL 1  203 204 GOL GOL B . 
E 4 PEG 1  204 205 PEG PEG B . 
F 5 HOH 1  301 82  HOH HOH B . 
F 5 HOH 2  302 35  HOH HOH B . 
F 5 HOH 3  303 29  HOH HOH B . 
F 5 HOH 4  304 34  HOH HOH B . 
F 5 HOH 5  305 105 HOH HOH B . 
F 5 HOH 6  306 2   HOH HOH B . 
F 5 HOH 7  307 104 HOH HOH B . 
F 5 HOH 8  308 93  HOH HOH B . 
F 5 HOH 9  309 86  HOH HOH B . 
F 5 HOH 10 310 59  HOH HOH B . 
F 5 HOH 11 311 56  HOH HOH B . 
F 5 HOH 12 312 36  HOH HOH B . 
F 5 HOH 13 313 13  HOH HOH B . 
F 5 HOH 14 314 108 HOH HOH B . 
F 5 HOH 15 315 110 HOH HOH B . 
F 5 HOH 16 316 57  HOH HOH B . 
F 5 HOH 17 317 33  HOH HOH B . 
F 5 HOH 18 318 31  HOH HOH B . 
F 5 HOH 19 319 45  HOH HOH B . 
F 5 HOH 20 320 18  HOH HOH B . 
F 5 HOH 21 321 17  HOH HOH B . 
F 5 HOH 22 322 21  HOH HOH B . 
F 5 HOH 23 323 14  HOH HOH B . 
F 5 HOH 24 324 84  HOH HOH B . 
F 5 HOH 25 325 68  HOH HOH B . 
F 5 HOH 26 326 79  HOH HOH B . 
F 5 HOH 27 327 22  HOH HOH B . 
F 5 HOH 28 328 65  HOH HOH B . 
F 5 HOH 29 329 27  HOH HOH B . 
F 5 HOH 30 330 8   HOH HOH B . 
F 5 HOH 31 331 74  HOH HOH B . 
F 5 HOH 32 332 5   HOH HOH B . 
F 5 HOH 33 333 66  HOH HOH B . 
F 5 HOH 34 334 12  HOH HOH B . 
F 5 HOH 35 335 3   HOH HOH B . 
F 5 HOH 36 336 62  HOH HOH B . 
F 5 HOH 37 337 10  HOH HOH B . 
F 5 HOH 38 338 9   HOH HOH B . 
F 5 HOH 39 339 23  HOH HOH B . 
F 5 HOH 40 340 25  HOH HOH B . 
F 5 HOH 41 341 95  HOH HOH B . 
F 5 HOH 42 342 50  HOH HOH B . 
F 5 HOH 43 343 53  HOH HOH B . 
F 5 HOH 44 344 43  HOH HOH B . 
F 5 HOH 45 345 101 HOH HOH B . 
F 5 HOH 46 346 109 HOH HOH B . 
F 5 HOH 47 347 11  HOH HOH B . 
F 5 HOH 48 348 55  HOH HOH B . 
F 5 HOH 49 349 52  HOH HOH B . 
F 5 HOH 50 350 89  HOH HOH B . 
F 5 HOH 51 351 16  HOH HOH B . 
F 5 HOH 52 352 88  HOH HOH B . 
F 5 HOH 53 353 80  HOH HOH B . 
F 5 HOH 54 354 106 HOH HOH B . 
F 5 HOH 55 355 58  HOH HOH B . 
F 5 HOH 56 356 54  HOH HOH B . 
F 5 HOH 57 357 49  HOH HOH B . 
F 5 HOH 58 358 85  HOH HOH B . 
F 5 HOH 59 359 40  HOH HOH B . 
F 5 HOH 60 360 51  HOH HOH B . 
F 5 HOH 61 361 69  HOH HOH B . 
F 5 HOH 62 362 32  HOH HOH B . 
F 5 HOH 63 363 30  HOH HOH B . 
F 5 HOH 64 364 47  HOH HOH B . 
F 5 HOH 65 365 6   HOH HOH B . 
F 5 HOH 66 366 48  HOH HOH B . 
F 5 HOH 67 367 103 HOH HOH B . 
F 5 HOH 68 368 111 HOH HOH B . 
F 5 HOH 69 369 15  HOH HOH B . 
F 5 HOH 70 370 71  HOH HOH B . 
F 5 HOH 71 371 102 HOH HOH B . 
F 5 HOH 72 372 72  HOH HOH B . 
F 5 HOH 73 373 70  HOH HOH B . 
F 5 HOH 74 374 87  HOH HOH B . 
F 5 HOH 75 375 91  HOH HOH B . 
F 5 HOH 76 376 67  HOH HOH B . 
F 5 HOH 77 377 28  HOH HOH B . 
F 5 HOH 78 378 38  HOH HOH B . 
F 5 HOH 79 379 92  HOH HOH B . 
F 5 HOH 80 380 99  HOH HOH B . 
# 
loop_
_software.citation_id 
_software.classification 
_software.compiler_name 
_software.compiler_version 
_software.contact_author 
_software.contact_author_email 
_software.date 
_software.description 
_software.dependencies 
_software.hardware 
_software.language 
_software.location 
_software.mods 
_software.name 
_software.os 
_software.os_version 
_software.type 
_software.version 
_software.pdbx_ordinal 
? refinement       ? ? ? ? ? ? ? ? ? ? ? REFMAC ? ? ? 5.8.0403 1 
? 'data scaling'   ? ? ? ? ? ? ? ? ? ? ? XDS    ? ? ? .        2 
? 'data reduction' ? ? ? ? ? ? ? ? ? ? ? XDS    ? ? ? .        3 
? phasing          ? ? ? ? ? ? ? ? ? ? ? PHASER ? ? ? .        4 
# 
_cell.angle_alpha                  90.00 
_cell.angle_alpha_esd              ? 
_cell.angle_beta                   90.00 
_cell.angle_beta_esd               ? 
_cell.angle_gamma                  120.00 
_cell.angle_gamma_esd              ? 
_cell.entry_id                     8P3C 
_cell.details                      ? 
_cell.formula_units_Z              ? 
_cell.length_a                     77.608 
_cell.length_a_esd                 ? 
_cell.length_b                     77.608 
_cell.length_b_esd                 ? 
_cell.length_c                     52.995 
_cell.length_c_esd                 ? 
_cell.volume                       ? 
_cell.volume_esd                   ? 
_cell.Z_PDB                        6 
_cell.reciprocal_angle_alpha       ? 
_cell.reciprocal_angle_beta        ? 
_cell.reciprocal_angle_gamma       ? 
_cell.reciprocal_angle_alpha_esd   ? 
_cell.reciprocal_angle_beta_esd    ? 
_cell.reciprocal_angle_gamma_esd   ? 
_cell.reciprocal_length_a          ? 
_cell.reciprocal_length_b          ? 
_cell.reciprocal_length_c          ? 
_cell.reciprocal_length_a_esd      ? 
_cell.reciprocal_length_b_esd      ? 
_cell.reciprocal_length_c_esd      ? 
_cell.pdbx_unique_axis             ? 
_cell.pdbx_esd_method              ? 
# 
_symmetry.entry_id                         8P3C 
_symmetry.cell_setting                     ? 
_symmetry.Int_Tables_number                152 
_symmetry.space_group_name_Hall            ? 
_symmetry.space_group_name_H-M             'P 31 2 1' 
_symmetry.pdbx_full_space_group_name_H-M   ? 
# 
_exptl.absorpt_coefficient_mu     ? 
_exptl.absorpt_correction_T_max   ? 
_exptl.absorpt_correction_T_min   ? 
_exptl.absorpt_correction_type    ? 
_exptl.absorpt_process_details    ? 
_exptl.entry_id                   8P3C 
_exptl.crystals_number            1 
_exptl.details                    ? 
_exptl.method                     'X-RAY DIFFRACTION' 
_exptl.method_details             ? 
# 
_exptl_crystal.colour                       ? 
_exptl_crystal.density_diffrn               ? 
_exptl_crystal.density_Matthews             3.38 
_exptl_crystal.density_method               ? 
_exptl_crystal.density_percent_sol          63.63 
_exptl_crystal.description                  ? 
_exptl_crystal.F_000                        ? 
_exptl_crystal.id                           1 
_exptl_crystal.preparation                  ? 
_exptl_crystal.size_max                     ? 
_exptl_crystal.size_mid                     ? 
_exptl_crystal.size_min                     ? 
_exptl_crystal.size_rad                     ? 
_exptl_crystal.colour_lustre                ? 
_exptl_crystal.colour_modifier              ? 
_exptl_crystal.colour_primary               ? 
_exptl_crystal.density_meas                 ? 
_exptl_crystal.density_meas_esd             ? 
_exptl_crystal.density_meas_gt              ? 
_exptl_crystal.density_meas_lt              ? 
_exptl_crystal.density_meas_temp            ? 
_exptl_crystal.density_meas_temp_esd        ? 
_exptl_crystal.density_meas_temp_gt         ? 
_exptl_crystal.density_meas_temp_lt         ? 
_exptl_crystal.pdbx_crystal_image_url       ? 
_exptl_crystal.pdbx_crystal_image_format    ? 
_exptl_crystal.pdbx_mosaicity               ? 
_exptl_crystal.pdbx_mosaicity_esd           ? 
_exptl_crystal.pdbx_mosaic_method           ? 
_exptl_crystal.pdbx_mosaic_block_size       ? 
_exptl_crystal.pdbx_mosaic_block_size_esd   ? 
# 
_exptl_crystal_grow.apparatus       ? 
_exptl_crystal_grow.atmosphere      ? 
_exptl_crystal_grow.crystal_id      1 
_exptl_crystal_grow.details         ? 
_exptl_crystal_grow.method          'VAPOR DIFFUSION, SITTING DROP' 
_exptl_crystal_grow.method_ref      ? 
_exptl_crystal_grow.pH              7.0 
_exptl_crystal_grow.pressure        ? 
_exptl_crystal_grow.pressure_esd    ? 
_exptl_crystal_grow.seeding         ? 
_exptl_crystal_grow.seeding_ref     ? 
_exptl_crystal_grow.temp_details    ? 
_exptl_crystal_grow.temp_esd        ? 
_exptl_crystal_grow.time            ? 
_exptl_crystal_grow.pdbx_details    
;0.1 M BisTris pH 5.0
0.8 M Ammonium sulfate 
PEG3350 14 %
;
_exptl_crystal_grow.pdbx_pH_range   ? 
_exptl_crystal_grow.temp            277 
# 
_diffrn.ambient_environment              ? 
_diffrn.ambient_temp                     100 
_diffrn.ambient_temp_details             ? 
_diffrn.ambient_temp_esd                 ? 
_diffrn.crystal_id                       1 
_diffrn.crystal_support                  ? 
_diffrn.crystal_treatment                ? 
_diffrn.details                          ? 
_diffrn.id                               1 
_diffrn.ambient_pressure                 ? 
_diffrn.ambient_pressure_esd             ? 
_diffrn.ambient_pressure_gt              ? 
_diffrn.ambient_pressure_lt              ? 
_diffrn.ambient_temp_gt                  ? 
_diffrn.ambient_temp_lt                  ? 
_diffrn.pdbx_serial_crystal_experiment   N 
# 
_diffrn_detector.details                      ? 
_diffrn_detector.detector                     PIXEL 
_diffrn_detector.diffrn_id                    1 
_diffrn_detector.type                         'DECTRIS PILATUS 6M' 
_diffrn_detector.area_resol_mean              ? 
_diffrn_detector.dtime                        ? 
_diffrn_detector.pdbx_frames_total            ? 
_diffrn_detector.pdbx_collection_time_total   ? 
_diffrn_detector.pdbx_collection_date         2021-05-06 
_diffrn_detector.pdbx_frequency               ? 
_diffrn_detector.id                           ? 
_diffrn_detector.number_of_axes               ? 
# 
_diffrn_radiation.collimation                      ? 
_diffrn_radiation.diffrn_id                        1 
_diffrn_radiation.filter_edge                      ? 
_diffrn_radiation.inhomogeneity                    ? 
_diffrn_radiation.monochromator                    ? 
_diffrn_radiation.polarisn_norm                    ? 
_diffrn_radiation.polarisn_ratio                   ? 
_diffrn_radiation.probe                            ? 
_diffrn_radiation.type                             ? 
_diffrn_radiation.xray_symbol                      ? 
_diffrn_radiation.wavelength_id                    1 
_diffrn_radiation.pdbx_monochromatic_or_laue_m_l   M 
_diffrn_radiation.pdbx_wavelength_list             ? 
_diffrn_radiation.pdbx_wavelength                  ? 
_diffrn_radiation.pdbx_diffrn_protocol             'SINGLE WAVELENGTH' 
_diffrn_radiation.pdbx_analyzer                    ? 
_diffrn_radiation.pdbx_scattering_type             x-ray 
# 
_diffrn_radiation_wavelength.id           1 
_diffrn_radiation_wavelength.wavelength   0.967 
_diffrn_radiation_wavelength.wt           1.0 
# 
_diffrn_source.current                     ? 
_diffrn_source.details                     ? 
_diffrn_source.diffrn_id                   1 
_diffrn_source.power                       ? 
_diffrn_source.size                        ? 
_diffrn_source.source                      SYNCHROTRON 
_diffrn_source.target                      ? 
_diffrn_source.type                        'ESRF BEAMLINE ID23-1' 
_diffrn_source.voltage                     ? 
_diffrn_source.take-off_angle              ? 
_diffrn_source.pdbx_wavelength_list        0.967 
_diffrn_source.pdbx_wavelength             ? 
_diffrn_source.pdbx_synchrotron_beamline   ID23-1 
_diffrn_source.pdbx_synchrotron_site       ESRF 
# 
_reflns.B_iso_Wilson_estimate                          30.77 
_reflns.entry_id                                       8P3C 
_reflns.data_reduction_details                         ? 
_reflns.data_reduction_method                          ? 
_reflns.d_resolution_high                              2.02 
_reflns.d_resolution_low                               67.21 
_reflns.details                                        ? 
_reflns.limit_h_max                                    ? 
_reflns.limit_h_min                                    ? 
_reflns.limit_k_max                                    ? 
_reflns.limit_k_min                                    ? 
_reflns.limit_l_max                                    ? 
_reflns.limit_l_min                                    ? 
_reflns.number_all                                     ? 
_reflns.number_obs                                     12368 
_reflns.observed_criterion                             ? 
_reflns.observed_criterion_F_max                       ? 
_reflns.observed_criterion_F_min                       ? 
_reflns.observed_criterion_I_max                       ? 
_reflns.observed_criterion_I_min                       ? 
_reflns.observed_criterion_sigma_F                     ? 
_reflns.observed_criterion_sigma_I                     ? 
_reflns.percent_possible_obs                           99.76 
_reflns.R_free_details                                 ? 
_reflns.Rmerge_F_all                                   ? 
_reflns.Rmerge_F_obs                                   ? 
_reflns.Friedel_coverage                               ? 
_reflns.number_gt                                      ? 
_reflns.threshold_expression                           ? 
_reflns.pdbx_redundancy                                8 
_reflns.pdbx_netI_over_av_sigmaI                       ? 
_reflns.pdbx_netI_over_sigmaI                          9.5 
_reflns.pdbx_res_netI_over_av_sigmaI_2                 ? 
_reflns.pdbx_res_netI_over_sigmaI_2                    ? 
_reflns.pdbx_chi_squared                               ? 
_reflns.pdbx_scaling_rejects                           ? 
_reflns.pdbx_d_res_high_opt                            ? 
_reflns.pdbx_d_res_low_opt                             ? 
_reflns.pdbx_d_res_opt_method                          ? 
_reflns.phase_calculation_details                      ? 
_reflns.pdbx_Rrim_I_all                                ? 
_reflns.pdbx_Rpim_I_all                                ? 
_reflns.pdbx_d_opt                                     ? 
_reflns.pdbx_number_measured_all                       ? 
_reflns.pdbx_diffrn_id                                 1 
_reflns.pdbx_ordinal                                   1 
_reflns.pdbx_CC_half                                   0.9 
_reflns.pdbx_CC_star                                   ? 
_reflns.pdbx_R_split                                   ? 
_reflns.pdbx_Rmerge_I_obs                              ? 
_reflns.pdbx_Rmerge_I_all                              ? 
_reflns.pdbx_Rsym_value                                ? 
_reflns.pdbx_CC_split_method                           ? 
_reflns.pdbx_aniso_diffraction_limit_axis_1_ortho[1]   ? 
_reflns.pdbx_aniso_diffraction_limit_axis_1_ortho[2]   ? 
_reflns.pdbx_aniso_diffraction_limit_axis_1_ortho[3]   ? 
_reflns.pdbx_aniso_diffraction_limit_axis_2_ortho[1]   ? 
_reflns.pdbx_aniso_diffraction_limit_axis_2_ortho[2]   ? 
_reflns.pdbx_aniso_diffraction_limit_axis_2_ortho[3]   ? 
_reflns.pdbx_aniso_diffraction_limit_axis_3_ortho[1]   ? 
_reflns.pdbx_aniso_diffraction_limit_axis_3_ortho[2]   ? 
_reflns.pdbx_aniso_diffraction_limit_axis_3_ortho[3]   ? 
_reflns.pdbx_aniso_diffraction_limit_1                 ? 
_reflns.pdbx_aniso_diffraction_limit_2                 ? 
_reflns.pdbx_aniso_diffraction_limit_3                 ? 
_reflns.pdbx_aniso_B_tensor_eigenvector_1_ortho[1]     ? 
_reflns.pdbx_aniso_B_tensor_eigenvector_1_ortho[2]     ? 
_reflns.pdbx_aniso_B_tensor_eigenvector_1_ortho[3]     ? 
_reflns.pdbx_aniso_B_tensor_eigenvector_2_ortho[1]     ? 
_reflns.pdbx_aniso_B_tensor_eigenvector_2_ortho[2]     ? 
_reflns.pdbx_aniso_B_tensor_eigenvector_2_ortho[3]     ? 
_reflns.pdbx_aniso_B_tensor_eigenvector_3_ortho[1]     ? 
_reflns.pdbx_aniso_B_tensor_eigenvector_3_ortho[2]     ? 
_reflns.pdbx_aniso_B_tensor_eigenvector_3_ortho[3]     ? 
_reflns.pdbx_aniso_B_tensor_eigenvalue_1               ? 
_reflns.pdbx_aniso_B_tensor_eigenvalue_2               ? 
_reflns.pdbx_aniso_B_tensor_eigenvalue_3               ? 
_reflns.pdbx_orthogonalization_convention              ? 
_reflns.pdbx_percent_possible_ellipsoidal              ? 
_reflns.pdbx_percent_possible_spherical                ? 
_reflns.pdbx_percent_possible_ellipsoidal_anomalous    ? 
_reflns.pdbx_percent_possible_spherical_anomalous      ? 
_reflns.pdbx_redundancy_anomalous                      ? 
_reflns.pdbx_CC_half_anomalous                         ? 
_reflns.pdbx_absDiff_over_sigma_anomalous              ? 
_reflns.pdbx_percent_possible_anomalous                ? 
_reflns.pdbx_observed_signal_threshold                 ? 
_reflns.pdbx_signal_type                               ? 
_reflns.pdbx_signal_details                            ? 
_reflns.pdbx_signal_software_id                        ? 
# 
_reflns_shell.d_res_high                                    2.02 
_reflns_shell.d_res_low                                     2.092 
_reflns_shell.meanI_over_sigI_all                           ? 
_reflns_shell.meanI_over_sigI_obs                           ? 
_reflns_shell.number_measured_all                           ? 
_reflns_shell.number_measured_obs                           ? 
_reflns_shell.number_possible                               ? 
_reflns_shell.number_unique_all                             ? 
_reflns_shell.number_unique_obs                             1234 
_reflns_shell.percent_possible_obs                          ? 
_reflns_shell.Rmerge_F_all                                  ? 
_reflns_shell.Rmerge_F_obs                                  ? 
_reflns_shell.meanI_over_sigI_gt                            ? 
_reflns_shell.meanI_over_uI_all                             ? 
_reflns_shell.meanI_over_uI_gt                              ? 
_reflns_shell.number_measured_gt                            ? 
_reflns_shell.number_unique_gt                              ? 
_reflns_shell.percent_possible_gt                           ? 
_reflns_shell.Rmerge_F_gt                                   ? 
_reflns_shell.Rmerge_I_gt                                   ? 
_reflns_shell.pdbx_redundancy                               ? 
_reflns_shell.pdbx_chi_squared                              ? 
_reflns_shell.pdbx_netI_over_sigmaI_all                     ? 
_reflns_shell.pdbx_netI_over_sigmaI_obs                     ? 
_reflns_shell.pdbx_Rrim_I_all                               ? 
_reflns_shell.pdbx_Rpim_I_all                               ? 
_reflns_shell.pdbx_rejects                                  ? 
_reflns_shell.pdbx_ordinal                                  1 
_reflns_shell.pdbx_diffrn_id                                1 
_reflns_shell.pdbx_CC_half                                  0.78 
_reflns_shell.pdbx_CC_star                                  ? 
_reflns_shell.pdbx_R_split                                  ? 
_reflns_shell.percent_possible_all                          ? 
_reflns_shell.Rmerge_I_all                                  ? 
_reflns_shell.Rmerge_I_obs                                  ? 
_reflns_shell.pdbx_Rsym_value                               ? 
_reflns_shell.pdbx_percent_possible_ellipsoidal             ? 
_reflns_shell.pdbx_percent_possible_spherical               ? 
_reflns_shell.pdbx_percent_possible_ellipsoidal_anomalous   ? 
_reflns_shell.pdbx_percent_possible_spherical_anomalous     ? 
_reflns_shell.pdbx_redundancy_anomalous                     ? 
_reflns_shell.pdbx_CC_half_anomalous                        ? 
_reflns_shell.pdbx_absDiff_over_sigma_anomalous             ? 
_reflns_shell.pdbx_percent_possible_anomalous               ? 
# 
_refine.aniso_B[1][1]                            0.03 
_refine.aniso_B[1][2]                            0.02 
_refine.aniso_B[1][3]                            0.00 
_refine.aniso_B[2][2]                            0.03 
_refine.aniso_B[2][3]                            0.00 
_refine.aniso_B[3][3]                            -0.11 
_refine.B_iso_max                                ? 
_refine.B_iso_mean                               33.938 
_refine.B_iso_min                                ? 
_refine.correlation_coeff_Fo_to_Fc               0.949 
_refine.correlation_coeff_Fo_to_Fc_free          0.935 
_refine.details                                  'HYDROGENS HAVE BEEN ADDED IN THE RIDING POSITIONS' 
_refine.diff_density_max                         ? 
_refine.diff_density_max_esd                     ? 
_refine.diff_density_min                         ? 
_refine.diff_density_min_esd                     ? 
_refine.diff_density_rms                         ? 
_refine.diff_density_rms_esd                     ? 
_refine.entry_id                                 8P3C 
_refine.pdbx_refine_id                           'X-RAY DIFFRACTION' 
_refine.ls_abs_structure_details                 ? 
_refine.ls_abs_structure_Flack                   ? 
_refine.ls_abs_structure_Flack_esd               ? 
_refine.ls_abs_structure_Rogers                  ? 
_refine.ls_abs_structure_Rogers_esd              ? 
_refine.ls_d_res_high                            2.02 
_refine.ls_d_res_low                             67.21 
_refine.ls_extinction_coef                       ? 
_refine.ls_extinction_coef_esd                   ? 
_refine.ls_extinction_expression                 ? 
_refine.ls_extinction_method                     ? 
_refine.ls_goodness_of_fit_all                   ? 
_refine.ls_goodness_of_fit_all_esd               ? 
_refine.ls_goodness_of_fit_obs                   ? 
_refine.ls_goodness_of_fit_obs_esd               ? 
_refine.ls_hydrogen_treatment                    ? 
_refine.ls_matrix_type                           ? 
_refine.ls_number_constraints                    ? 
_refine.ls_number_parameters                     ? 
_refine.ls_number_reflns_all                     ? 
_refine.ls_number_reflns_obs                     11920 
_refine.ls_number_reflns_R_free                  529 
_refine.ls_number_reflns_R_work                  ? 
_refine.ls_number_restraints                     ? 
_refine.ls_percent_reflns_obs                    99.80 
_refine.ls_percent_reflns_R_free                 4.2 
_refine.ls_R_factor_all                          ? 
_refine.ls_R_factor_obs                          0.19582 
_refine.ls_R_factor_R_free                       0.23525 
_refine.ls_R_factor_R_free_error                 ? 
_refine.ls_R_factor_R_free_error_details         ? 
_refine.ls_R_factor_R_work                       0.19398 
_refine.ls_R_Fsqd_factor_obs                     ? 
_refine.ls_R_I_factor_obs                        ? 
_refine.ls_redundancy_reflns_all                 ? 
_refine.ls_redundancy_reflns_obs                 ? 
_refine.ls_restrained_S_all                      ? 
_refine.ls_restrained_S_obs                      ? 
_refine.ls_shift_over_esd_max                    ? 
_refine.ls_shift_over_esd_mean                   ? 
_refine.ls_structure_factor_coef                 ? 
_refine.ls_weighting_details                     ? 
_refine.ls_weighting_scheme                      ? 
_refine.ls_wR_factor_all                         ? 
_refine.ls_wR_factor_obs                         ? 
_refine.ls_wR_factor_R_free                      ? 
_refine.ls_wR_factor_R_work                      ? 
_refine.occupancy_max                            ? 
_refine.occupancy_min                            ? 
_refine.solvent_model_details                    MASK 
_refine.solvent_model_param_bsol                 ? 
_refine.solvent_model_param_ksol                 ? 
_refine.pdbx_R_complete                          ? 
_refine.ls_R_factor_gt                           ? 
_refine.ls_goodness_of_fit_gt                    ? 
_refine.ls_goodness_of_fit_ref                   ? 
_refine.ls_shift_over_su_max                     ? 
_refine.ls_shift_over_su_max_lt                  ? 
_refine.ls_shift_over_su_mean                    ? 
_refine.ls_shift_over_su_mean_lt                 ? 
_refine.pdbx_ls_sigma_I                          ? 
_refine.pdbx_ls_sigma_F                          ? 
_refine.pdbx_ls_sigma_Fsqd                       ? 
_refine.pdbx_data_cutoff_high_absF               ? 
_refine.pdbx_data_cutoff_high_rms_absF           ? 
_refine.pdbx_data_cutoff_low_absF                ? 
_refine.pdbx_isotropic_thermal_model             ? 
_refine.pdbx_ls_cross_valid_method               THROUGHOUT 
_refine.pdbx_method_to_determine_struct          'MOLECULAR REPLACEMENT' 
_refine.pdbx_starting_model                      ? 
_refine.pdbx_stereochemistry_target_values       'MAXIMUM LIKELIHOOD' 
_refine.pdbx_R_Free_selection_details            RANDOM 
_refine.pdbx_stereochem_target_val_spec_case     ? 
_refine.pdbx_overall_ESU_R                       0.151 
_refine.pdbx_overall_ESU_R_Free                  0.146 
_refine.pdbx_solvent_vdw_probe_radii             1.20 
_refine.pdbx_solvent_ion_probe_radii             0.80 
_refine.pdbx_solvent_shrinkage_radii             0.80 
_refine.pdbx_real_space_R                        ? 
_refine.pdbx_density_correlation                 ? 
_refine.pdbx_pd_number_of_powder_patterns        ? 
_refine.pdbx_pd_number_of_points                 ? 
_refine.pdbx_pd_meas_number_of_points            ? 
_refine.pdbx_pd_proc_ls_prof_R_factor            ? 
_refine.pdbx_pd_proc_ls_prof_wR_factor           ? 
_refine.pdbx_pd_Marquardt_correlation_coeff      ? 
_refine.pdbx_pd_Fsqrd_R_factor                   ? 
_refine.pdbx_pd_ls_matrix_band_width             ? 
_refine.pdbx_overall_phase_error                 ? 
_refine.pdbx_overall_SU_R_free_Cruickshank_DPI   ? 
_refine.pdbx_overall_SU_R_free_Blow_DPI          ? 
_refine.pdbx_overall_SU_R_Blow_DPI               ? 
_refine.pdbx_TLS_residual_ADP_flag               ? 
_refine.pdbx_diffrn_id                           1 
_refine.overall_SU_B                             3.542 
_refine.overall_SU_ML                            0.096 
_refine.overall_SU_R_Cruickshank_DPI             ? 
_refine.overall_SU_R_free                        ? 
_refine.overall_FOM_free_R_set                   ? 
_refine.overall_FOM_work_R_set                   ? 
_refine.pdbx_average_fsc_overall                 ? 
_refine.pdbx_average_fsc_work                    ? 
_refine.pdbx_average_fsc_free                    ? 
# 
_refine_hist.pdbx_refine_id                   'X-RAY DIFFRACTION' 
_refine_hist.cycle_id                         1 
_refine_hist.details                          ? 
_refine_hist.d_res_high                       2.02 
_refine_hist.d_res_low                        67.21 
_refine_hist.number_atoms_solvent             80 
_refine_hist.number_atoms_total               1099 
_refine_hist.number_reflns_all                ? 
_refine_hist.number_reflns_obs                ? 
_refine_hist.number_reflns_R_free             ? 
_refine_hist.number_reflns_R_work             ? 
_refine_hist.R_factor_all                     ? 
_refine_hist.R_factor_obs                     ? 
_refine_hist.R_factor_R_free                  ? 
_refine_hist.R_factor_R_work                  ? 
_refine_hist.pdbx_number_residues_total       ? 
_refine_hist.pdbx_B_iso_mean_ligand           ? 
_refine_hist.pdbx_B_iso_mean_solvent          ? 
_refine_hist.pdbx_number_atoms_protein        961 
_refine_hist.pdbx_number_atoms_nucleic_acid   0 
_refine_hist.pdbx_number_atoms_ligand         58 
_refine_hist.pdbx_number_atoms_lipid          ? 
_refine_hist.pdbx_number_atoms_carb           ? 
_refine_hist.pdbx_pseudo_atom_details         ? 
# 
loop_
_refine_ls_restr.pdbx_refine_id 
_refine_ls_restr.criterion 
_refine_ls_restr.dev_ideal 
_refine_ls_restr.dev_ideal_target 
_refine_ls_restr.number 
_refine_ls_restr.rejects 
_refine_ls_restr.type 
_refine_ls_restr.weight 
_refine_ls_restr.pdbx_restraint_function 
'X-RAY DIFFRACTION' ? 0.013  0.012  1038 ? r_bond_refined_d             ? ? 
'X-RAY DIFFRACTION' ? 0.001  0.016  930  ? r_bond_other_d               ? ? 
'X-RAY DIFFRACTION' ? 2.487  1.683  1408 ? r_angle_refined_deg          ? ? 
'X-RAY DIFFRACTION' ? 0.639  1.604  2144 ? r_angle_other_deg            ? ? 
'X-RAY DIFFRACTION' ? 8.997  5.000  122  ? r_dihedral_angle_1_deg       ? ? 
'X-RAY DIFFRACTION' ? 22.586 5.000  9    ? r_dihedral_angle_2_deg       ? ? 
'X-RAY DIFFRACTION' ? 14.507 10.000 142  ? r_dihedral_angle_3_deg       ? ? 
'X-RAY DIFFRACTION' ? ?      ?      ?    ? r_dihedral_angle_4_deg       ? ? 
'X-RAY DIFFRACTION' ? 0.098  0.200  147  ? r_chiral_restr               ? ? 
'X-RAY DIFFRACTION' ? 0.011  0.020  1207 ? r_gen_planes_refined         ? ? 
'X-RAY DIFFRACTION' ? 0.001  0.020  245  ? r_gen_planes_other           ? ? 
'X-RAY DIFFRACTION' ? ?      ?      ?    ? r_nbd_refined                ? ? 
'X-RAY DIFFRACTION' ? ?      ?      ?    ? r_nbd_other                  ? ? 
'X-RAY DIFFRACTION' ? ?      ?      ?    ? r_nbtor_refined              ? ? 
'X-RAY DIFFRACTION' ? ?      ?      ?    ? r_nbtor_other                ? ? 
'X-RAY DIFFRACTION' ? ?      ?      ?    ? r_xyhbond_nbd_refined        ? ? 
'X-RAY DIFFRACTION' ? ?      ?      ?    ? r_xyhbond_nbd_other          ? ? 
'X-RAY DIFFRACTION' ? ?      ?      ?    ? r_metal_ion_refined          ? ? 
'X-RAY DIFFRACTION' ? ?      ?      ?    ? r_metal_ion_other            ? ? 
'X-RAY DIFFRACTION' ? ?      ?      ?    ? r_symmetry_vdw_refined       ? ? 
'X-RAY DIFFRACTION' ? ?      ?      ?    ? r_symmetry_vdw_other         ? ? 
'X-RAY DIFFRACTION' ? ?      ?      ?    ? r_symmetry_hbond_refined     ? ? 
'X-RAY DIFFRACTION' ? ?      ?      ?    ? r_symmetry_hbond_other       ? ? 
'X-RAY DIFFRACTION' ? ?      ?      ?    ? r_symmetry_metal_ion_refined ? ? 
'X-RAY DIFFRACTION' ? ?      ?      ?    ? r_symmetry_metal_ion_other   ? ? 
'X-RAY DIFFRACTION' ? 4.135  3.366  485  ? r_mcbond_it                  ? ? 
'X-RAY DIFFRACTION' ? 4.135  3.365  485  ? r_mcbond_other               ? ? 
'X-RAY DIFFRACTION' ? 6.576  6.053  605  ? r_mcangle_it                 ? ? 
'X-RAY DIFFRACTION' ? 6.574  6.051  606  ? r_mcangle_other              ? ? 
'X-RAY DIFFRACTION' ? 5.961  4.051  553  ? r_scbond_it                  ? ? 
'X-RAY DIFFRACTION' ? 5.956  4.053  554  ? r_scbond_other               ? ? 
'X-RAY DIFFRACTION' ? ?      ?      ?    ? r_scangle_it                 ? ? 
'X-RAY DIFFRACTION' ? 8.726  7.199  803  ? r_scangle_other              ? ? 
'X-RAY DIFFRACTION' ? 11.648 41.54  1076 ? r_long_range_B_refined       ? ? 
'X-RAY DIFFRACTION' ? 11.699 40.52  1065 ? r_long_range_B_other         ? ? 
'X-RAY DIFFRACTION' ? ?      ?      ?    ? r_rigid_bond_restr           ? ? 
'X-RAY DIFFRACTION' ? ?      ?      ?    ? r_sphericity_free            ? ? 
'X-RAY DIFFRACTION' ? ?      ?      ?    ? r_sphericity_bonded          ? ? 
# 
_refine_ls_shell.pdbx_refine_id                   'X-RAY DIFFRACTION' 
_refine_ls_shell.d_res_high                       2.021 
_refine_ls_shell.d_res_low                        2.068 
_refine_ls_shell.number_reflns_all                ? 
_refine_ls_shell.number_reflns_obs                ? 
_refine_ls_shell.number_reflns_R_free             27 
_refine_ls_shell.number_reflns_R_work             860 
_refine_ls_shell.percent_reflns_obs               99.89 
_refine_ls_shell.percent_reflns_R_free            ? 
_refine_ls_shell.R_factor_all                     ? 
_refine_ls_shell.R_factor_obs                     ? 
_refine_ls_shell.R_factor_R_free_error            ? 
_refine_ls_shell.R_factor_R_work                  0.248 
_refine_ls_shell.redundancy_reflns_all            ? 
_refine_ls_shell.redundancy_reflns_obs            ? 
_refine_ls_shell.wR_factor_all                    ? 
_refine_ls_shell.wR_factor_obs                    ? 
_refine_ls_shell.wR_factor_R_free                 ? 
_refine_ls_shell.wR_factor_R_work                 ? 
_refine_ls_shell.pdbx_R_complete                  ? 
_refine_ls_shell.pdbx_total_number_of_bins_used   ? 
_refine_ls_shell.pdbx_phase_error                 ? 
_refine_ls_shell.pdbx_fsc_work                    ? 
_refine_ls_shell.pdbx_fsc_free                    ? 
_refine_ls_shell.R_factor_R_free                  0.264 
# 
_struct.entry_id                     8P3C 
_struct.title                        'Full length structure of BpMIP with bound inhibitor NJS227.' 
_struct.pdbx_model_details           ? 
_struct.pdbx_formula_weight          ? 
_struct.pdbx_formula_weight_method   ? 
_struct.pdbx_model_type_details      ? 
_struct.pdbx_CASP_flag               N 
# 
_struct_keywords.entry_id        8P3C 
_struct_keywords.text            'Macrophage, potentiator, soluble, protein, STRUCTURAL PROTEIN' 
_struct_keywords.pdbx_keywords   'STRUCTURAL PROTEIN' 
# 
loop_
_struct_asym.id 
_struct_asym.pdbx_blank_PDB_chainid_flag 
_struct_asym.pdbx_modified 
_struct_asym.entity_id 
_struct_asym.details 
A N N 1 ? 
B N N 2 ? 
C N N 3 ? 
D N N 3 ? 
E N N 4 ? 
F N N 5 ? 
# 
_struct_ref.id                         1 
_struct_ref.db_name                    UNP 
_struct_ref.db_code                    Q63J95_BURPS 
_struct_ref.pdbx_db_accession          Q63J95 
_struct_ref.pdbx_db_isoform            ? 
_struct_ref.entity_id                  1 
_struct_ref.pdbx_seq_one_letter_code   
;TVVTTESGLKYEDLTEGSGAEARAGQTVSVHYTGWLTDGQKFDSSKDRNDPFAFVLGGGMVIKGWDEGVQGMKVGGVRRL
TIPPQLGYGARGAGGVIPPNATLVFEVELLDV
;
_struct_ref.pdbx_align_begin           2 
# 
_struct_ref_seq.align_id                      1 
_struct_ref_seq.ref_id                        1 
_struct_ref_seq.pdbx_PDB_id_code              8P3C 
_struct_ref_seq.pdbx_strand_id                B 
_struct_ref_seq.seq_align_beg                 15 
_struct_ref_seq.pdbx_seq_align_beg_ins_code   ? 
_struct_ref_seq.seq_align_end                 126 
_struct_ref_seq.pdbx_seq_align_end_ins_code   ? 
_struct_ref_seq.pdbx_db_accession             Q63J95 
_struct_ref_seq.db_align_beg                  2 
_struct_ref_seq.pdbx_db_align_beg_ins_code    ? 
_struct_ref_seq.db_align_end                  113 
_struct_ref_seq.pdbx_db_align_end_ins_code    ? 
_struct_ref_seq.pdbx_auth_seq_align_beg       2 
_struct_ref_seq.pdbx_auth_seq_align_end       113 
# 
loop_
_struct_ref_seq_dif.align_id 
_struct_ref_seq_dif.pdbx_pdb_id_code 
_struct_ref_seq_dif.mon_id 
_struct_ref_seq_dif.pdbx_pdb_strand_id 
_struct_ref_seq_dif.seq_num 
_struct_ref_seq_dif.pdbx_pdb_ins_code 
_struct_ref_seq_dif.pdbx_seq_db_name 
_struct_ref_seq_dif.pdbx_seq_db_accession_code 
_struct_ref_seq_dif.db_mon_id 
_struct_ref_seq_dif.pdbx_seq_db_seq_num 
_struct_ref_seq_dif.details 
_struct_ref_seq_dif.pdbx_auth_seq_num 
_struct_ref_seq_dif.pdbx_ordinal 
1 8P3C MET B 1  ? UNP Q63J95 ? ? 'initiating methionine' -12 1  
1 8P3C HIS B 2  ? UNP Q63J95 ? ? 'expression tag'        -11 2  
1 8P3C HIS B 3  ? UNP Q63J95 ? ? 'expression tag'        -10 3  
1 8P3C HIS B 4  ? UNP Q63J95 ? ? 'expression tag'        -9  4  
1 8P3C HIS B 5  ? UNP Q63J95 ? ? 'expression tag'        -8  5  
1 8P3C HIS B 6  ? UNP Q63J95 ? ? 'expression tag'        -7  6  
1 8P3C HIS B 7  ? UNP Q63J95 ? ? 'expression tag'        -6  7  
1 8P3C GLU B 8  ? UNP Q63J95 ? ? 'expression tag'        -5  8  
1 8P3C ASN B 9  ? UNP Q63J95 ? ? 'expression tag'        -4  9  
1 8P3C LEU B 10 ? UNP Q63J95 ? ? 'expression tag'        -3  10 
1 8P3C TYR B 11 ? UNP Q63J95 ? ? 'expression tag'        -2  11 
1 8P3C PHE B 12 ? UNP Q63J95 ? ? 'expression tag'        -1  12 
1 8P3C GLN B 13 ? UNP Q63J95 ? ? 'expression tag'        0   13 
1 8P3C GLY B 14 ? UNP Q63J95 ? ? 'expression tag'        1   14 
# 
_pdbx_struct_assembly.id                   1 
_pdbx_struct_assembly.details              author_and_software_defined_assembly 
_pdbx_struct_assembly.method_details       PISA 
_pdbx_struct_assembly.oligomeric_details   monomeric 
_pdbx_struct_assembly.oligomeric_count     1 
# 
loop_
_pdbx_struct_assembly_prop.biol_id 
_pdbx_struct_assembly_prop.type 
_pdbx_struct_assembly_prop.value 
_pdbx_struct_assembly_prop.details 
1 'ABSA (A^2)' 440  ? 
1 MORE         3    ? 
1 'SSA (A^2)'  7550 ? 
# 
_pdbx_struct_assembly_gen.assembly_id       1 
_pdbx_struct_assembly_gen.oper_expression   1 
_pdbx_struct_assembly_gen.asym_id_list      A,B,C,D,E,F 
# 
_pdbx_struct_assembly_auth_evidence.id                     1 
_pdbx_struct_assembly_auth_evidence.assembly_id            1 
_pdbx_struct_assembly_auth_evidence.experimental_support   'NMR relaxation study' 
_pdbx_struct_assembly_auth_evidence.details                ? 
# 
_pdbx_struct_oper_list.id                   1 
_pdbx_struct_oper_list.type                 'identity operation' 
_pdbx_struct_oper_list.name                 1_555 
_pdbx_struct_oper_list.symmetry_operation   x,y,z 
_pdbx_struct_oper_list.matrix[1][1]         1.0000000000 
_pdbx_struct_oper_list.matrix[1][2]         0.0000000000 
_pdbx_struct_oper_list.matrix[1][3]         0.0000000000 
_pdbx_struct_oper_list.vector[1]            0.0000000000 
_pdbx_struct_oper_list.matrix[2][1]         0.0000000000 
_pdbx_struct_oper_list.matrix[2][2]         1.0000000000 
_pdbx_struct_oper_list.matrix[2][3]         0.0000000000 
_pdbx_struct_oper_list.vector[2]            0.0000000000 
_pdbx_struct_oper_list.matrix[3][1]         0.0000000000 
_pdbx_struct_oper_list.matrix[3][2]         0.0000000000 
_pdbx_struct_oper_list.matrix[3][3]         1.0000000000 
_pdbx_struct_oper_list.vector[3]            0.0000000000 
# 
loop_
_struct_conf.conf_type_id 
_struct_conf.id 
_struct_conf.pdbx_PDB_helix_id 
_struct_conf.beg_label_comp_id 
_struct_conf.beg_label_asym_id 
_struct_conf.beg_label_seq_id 
_struct_conf.pdbx_beg_PDB_ins_code 
_struct_conf.end_label_comp_id 
_struct_conf.end_label_asym_id 
_struct_conf.end_label_seq_id 
_struct_conf.pdbx_end_PDB_ins_code 
_struct_conf.beg_auth_comp_id 
_struct_conf.beg_auth_asym_id 
_struct_conf.beg_auth_seq_id 
_struct_conf.end_auth_comp_id 
_struct_conf.end_auth_asym_id 
_struct_conf.end_auth_seq_id 
_struct_conf.pdbx_PDB_helix_class 
_struct_conf.details 
_struct_conf.pdbx_PDB_helix_length 
HELX_P HELX_P1 AA1 HIS A 6  ? TYR A 11  ? HIS B -7 TYR B -2 1 ? 6 
HELX_P HELX_P2 AA2 ILE A 76 ? VAL A 83  ? ILE B 63 VAL B 70 1 ? 8 
HELX_P HELX_P3 AA3 PRO A 97 ? GLY A 101 ? PRO B 84 GLY B 88 5 ? 5 
# 
_struct_conf_type.id          HELX_P 
_struct_conf_type.criteria    ? 
_struct_conf_type.reference   ? 
# 
loop_
_struct_sheet.id 
_struct_sheet.type 
_struct_sheet.number_strands 
_struct_sheet.details 
AA1 ? 6 ? 
AA2 ? 6 ? 
# 
loop_
_struct_sheet_order.sheet_id 
_struct_sheet_order.range_id_1 
_struct_sheet_order.range_id_2 
_struct_sheet_order.offset 
_struct_sheet_order.sense 
AA1 1 2 ? anti-parallel 
AA1 2 3 ? anti-parallel 
AA1 3 4 ? anti-parallel 
AA1 4 5 ? anti-parallel 
AA1 5 6 ? anti-parallel 
AA2 1 2 ? anti-parallel 
AA2 2 3 ? anti-parallel 
AA2 3 4 ? anti-parallel 
AA2 4 5 ? anti-parallel 
AA2 5 6 ? anti-parallel 
# 
loop_
_struct_sheet_range.sheet_id 
_struct_sheet_range.id 
_struct_sheet_range.beg_label_comp_id 
_struct_sheet_range.beg_label_asym_id 
_struct_sheet_range.beg_label_seq_id 
_struct_sheet_range.pdbx_beg_PDB_ins_code 
_struct_sheet_range.end_label_comp_id 
_struct_sheet_range.end_label_asym_id 
_struct_sheet_range.end_label_seq_id 
_struct_sheet_range.pdbx_end_PDB_ins_code 
_struct_sheet_range.beg_auth_comp_id 
_struct_sheet_range.beg_auth_asym_id 
_struct_sheet_range.beg_auth_seq_id 
_struct_sheet_range.end_auth_comp_id 
_struct_sheet_range.end_auth_asym_id 
_struct_sheet_range.end_auth_seq_id 
AA1 1 VAL A 17  ? THR A 18  ? VAL B 4   THR B 5   
AA1 2 LYS A 24  ? THR A 29  ? LYS B 11  THR B 16  
AA1 3 VAL A 91  ? ILE A 96  ? VAL B 78  ILE B 83  
AA1 4 LEU A 117 ? ASP A 125 ? LEU B 104 ASP B 112 
AA1 5 THR A 41  ? LEU A 50  ? THR B 28  LEU B 37  
AA1 6 LYS A 55  ? SER A 58  ? LYS B 42  SER B 45  
AA2 1 VAL A 17  ? THR A 18  ? VAL B 4   THR B 5   
AA2 2 LYS A 24  ? THR A 29  ? LYS B 11  THR B 16  
AA2 3 VAL A 91  ? ILE A 96  ? VAL B 78  ILE B 83  
AA2 4 LEU A 117 ? ASP A 125 ? LEU B 104 ASP B 112 
AA2 5 THR A 41  ? LEU A 50  ? THR B 28  LEU B 37  
AA2 6 PHE A 66  ? VAL A 69  ? PHE B 53  VAL B 56  
# 
loop_
_pdbx_struct_sheet_hbond.sheet_id 
_pdbx_struct_sheet_hbond.range_id_1 
_pdbx_struct_sheet_hbond.range_id_2 
_pdbx_struct_sheet_hbond.range_1_label_atom_id 
_pdbx_struct_sheet_hbond.range_1_label_comp_id 
_pdbx_struct_sheet_hbond.range_1_label_asym_id 
_pdbx_struct_sheet_hbond.range_1_label_seq_id 
_pdbx_struct_sheet_hbond.range_1_PDB_ins_code 
_pdbx_struct_sheet_hbond.range_1_auth_atom_id 
_pdbx_struct_sheet_hbond.range_1_auth_comp_id 
_pdbx_struct_sheet_hbond.range_1_auth_asym_id 
_pdbx_struct_sheet_hbond.range_1_auth_seq_id 
_pdbx_struct_sheet_hbond.range_2_label_atom_id 
_pdbx_struct_sheet_hbond.range_2_label_comp_id 
_pdbx_struct_sheet_hbond.range_2_label_asym_id 
_pdbx_struct_sheet_hbond.range_2_label_seq_id 
_pdbx_struct_sheet_hbond.range_2_PDB_ins_code 
_pdbx_struct_sheet_hbond.range_2_auth_atom_id 
_pdbx_struct_sheet_hbond.range_2_auth_comp_id 
_pdbx_struct_sheet_hbond.range_2_auth_asym_id 
_pdbx_struct_sheet_hbond.range_2_auth_seq_id 
AA1 1 2 N VAL A 17  ? N VAL B 4   O TYR A 25  ? O TYR B 12  
AA1 2 3 N LYS A 24  ? N LYS B 11  O THR A 95  ? O THR B 82  
AA1 3 4 N ARG A 92  ? N ARG B 79  O VAL A 121 ? O VAL B 108 
AA1 4 5 O VAL A 118 ? O VAL B 105 N TRP A 49  ? N TRP B 36  
AA1 5 6 N GLY A 48  ? N GLY B 35  O ASP A 57  ? O ASP B 44  
AA2 1 2 N VAL A 17  ? N VAL B 4   O TYR A 25  ? O TYR B 12  
AA2 2 3 N LYS A 24  ? N LYS B 11  O THR A 95  ? O THR B 82  
AA2 3 4 N ARG A 92  ? N ARG B 79  O VAL A 121 ? O VAL B 108 
AA2 4 5 O VAL A 118 ? O VAL B 105 N TRP A 49  ? N TRP B 36  
AA2 5 6 N VAL A 42  ? N VAL B 29  O PHE A 68  ? O PHE B 55  
# 
_pdbx_entry_details.entry_id                   8P3C 
_pdbx_entry_details.nonpolymer_details         ? 
_pdbx_entry_details.sequence_details           ? 
_pdbx_entry_details.compound_details           ? 
_pdbx_entry_details.source_details             ? 
_pdbx_entry_details.has_ligand_of_interest     N 
_pdbx_entry_details.has_protein_modification   N 
# 
loop_
_pdbx_validate_torsion.id 
_pdbx_validate_torsion.PDB_model_num 
_pdbx_validate_torsion.auth_comp_id 
_pdbx_validate_torsion.auth_asym_id 
_pdbx_validate_torsion.auth_seq_id 
_pdbx_validate_torsion.PDB_ins_code 
_pdbx_validate_torsion.label_alt_id 
_pdbx_validate_torsion.phi 
_pdbx_validate_torsion.psi 
1 1 ASP B 48 ? ? -15.37 -87.38  
2 1 ARG B 49 ? ? 41.45  -119.45 
# 
_pdbx_validate_peptide_omega.id               1 
_pdbx_validate_peptide_omega.PDB_model_num    1 
_pdbx_validate_peptide_omega.auth_comp_id_1   ASP 
_pdbx_validate_peptide_omega.auth_asym_id_1   B 
_pdbx_validate_peptide_omega.auth_seq_id_1    51 
_pdbx_validate_peptide_omega.PDB_ins_code_1   ? 
_pdbx_validate_peptide_omega.label_alt_id_1   ? 
_pdbx_validate_peptide_omega.auth_comp_id_2   PRO 
_pdbx_validate_peptide_omega.auth_asym_id_2   B 
_pdbx_validate_peptide_omega.auth_seq_id_2    52 
_pdbx_validate_peptide_omega.PDB_ins_code_2   ? 
_pdbx_validate_peptide_omega.label_alt_id_2   ? 
_pdbx_validate_peptide_omega.omega            55.80 
# 
loop_
_pdbx_validate_planes.id 
_pdbx_validate_planes.PDB_model_num 
_pdbx_validate_planes.auth_comp_id 
_pdbx_validate_planes.auth_asym_id 
_pdbx_validate_planes.auth_seq_id 
_pdbx_validate_planes.PDB_ins_code 
_pdbx_validate_planes.label_alt_id 
_pdbx_validate_planes.rmsd 
_pdbx_validate_planes.type 
1 1 ARG B 24 ? ? 0.216 'SIDE CHAIN' 
2 1 ARG B 49 ? ? 0.291 'SIDE CHAIN' 
3 1 ARG B 92 ? ? 0.275 'SIDE CHAIN' 
# 
loop_
_chem_comp_atom.comp_id 
_chem_comp_atom.atom_id 
_chem_comp_atom.type_symbol 
_chem_comp_atom.pdbx_aromatic_flag 
_chem_comp_atom.pdbx_stereo_config 
_chem_comp_atom.pdbx_ordinal 
ALA N    N N N 1   
ALA CA   C N S 2   
ALA C    C N N 3   
ALA O    O N N 4   
ALA CB   C N N 5   
ALA OXT  O N N 6   
ALA H    H N N 7   
ALA H2   H N N 8   
ALA HA   H N N 9   
ALA HB1  H N N 10  
ALA HB2  H N N 11  
ALA HB3  H N N 12  
ALA HXT  H N N 13  
ARG N    N N N 14  
ARG CA   C N S 15  
ARG C    C N N 16  
ARG O    O N N 17  
ARG CB   C N N 18  
ARG CG   C N N 19  
ARG CD   C N N 20  
ARG NE   N N N 21  
ARG CZ   C N N 22  
ARG NH1  N N N 23  
ARG NH2  N N N 24  
ARG OXT  O N N 25  
ARG H    H N N 26  
ARG H2   H N N 27  
ARG HA   H N N 28  
ARG HB2  H N N 29  
ARG HB3  H N N 30  
ARG HG2  H N N 31  
ARG HG3  H N N 32  
ARG HD2  H N N 33  
ARG HD3  H N N 34  
ARG HE   H N N 35  
ARG HH11 H N N 36  
ARG HH12 H N N 37  
ARG HH21 H N N 38  
ARG HH22 H N N 39  
ARG HXT  H N N 40  
ASN N    N N N 41  
ASN CA   C N S 42  
ASN C    C N N 43  
ASN O    O N N 44  
ASN CB   C N N 45  
ASN CG   C N N 46  
ASN OD1  O N N 47  
ASN ND2  N N N 48  
ASN OXT  O N N 49  
ASN H    H N N 50  
ASN H2   H N N 51  
ASN HA   H N N 52  
ASN HB2  H N N 53  
ASN HB3  H N N 54  
ASN HD21 H N N 55  
ASN HD22 H N N 56  
ASN HXT  H N N 57  
ASP N    N N N 58  
ASP CA   C N S 59  
ASP C    C N N 60  
ASP O    O N N 61  
ASP CB   C N N 62  
ASP CG   C N N 63  
ASP OD1  O N N 64  
ASP OD2  O N N 65  
ASP OXT  O N N 66  
ASP H    H N N 67  
ASP H2   H N N 68  
ASP HA   H N N 69  
ASP HB2  H N N 70  
ASP HB3  H N N 71  
ASP HD2  H N N 72  
ASP HXT  H N N 73  
GLN N    N N N 74  
GLN CA   C N S 75  
GLN C    C N N 76  
GLN O    O N N 77  
GLN CB   C N N 78  
GLN CG   C N N 79  
GLN CD   C N N 80  
GLN OE1  O N N 81  
GLN NE2  N N N 82  
GLN OXT  O N N 83  
GLN H    H N N 84  
GLN H2   H N N 85  
GLN HA   H N N 86  
GLN HB2  H N N 87  
GLN HB3  H N N 88  
GLN HG2  H N N 89  
GLN HG3  H N N 90  
GLN HE21 H N N 91  
GLN HE22 H N N 92  
GLN HXT  H N N 93  
GLU N    N N N 94  
GLU CA   C N S 95  
GLU C    C N N 96  
GLU O    O N N 97  
GLU CB   C N N 98  
GLU CG   C N N 99  
GLU CD   C N N 100 
GLU OE1  O N N 101 
GLU OE2  O N N 102 
GLU OXT  O N N 103 
GLU H    H N N 104 
GLU H2   H N N 105 
GLU HA   H N N 106 
GLU HB2  H N N 107 
GLU HB3  H N N 108 
GLU HG2  H N N 109 
GLU HG3  H N N 110 
GLU HE2  H N N 111 
GLU HXT  H N N 112 
GLY N    N N N 113 
GLY CA   C N N 114 
GLY C    C N N 115 
GLY O    O N N 116 
GLY OXT  O N N 117 
GLY H    H N N 118 
GLY H2   H N N 119 
GLY HA2  H N N 120 
GLY HA3  H N N 121 
GLY HXT  H N N 122 
GOL C1   C N N 123 
GOL O1   O N N 124 
GOL C2   C N N 125 
GOL O2   O N N 126 
GOL C3   C N N 127 
GOL O3   O N N 128 
GOL H11  H N N 129 
GOL H12  H N N 130 
GOL HO1  H N N 131 
GOL H2   H N N 132 
GOL HO2  H N N 133 
GOL H31  H N N 134 
GOL H32  H N N 135 
GOL HO3  H N N 136 
HIS N    N N N 137 
HIS CA   C N S 138 
HIS C    C N N 139 
HIS O    O N N 140 
HIS CB   C N N 141 
HIS CG   C Y N 142 
HIS ND1  N Y N 143 
HIS CD2  C Y N 144 
HIS CE1  C Y N 145 
HIS NE2  N Y N 146 
HIS OXT  O N N 147 
HIS H    H N N 148 
HIS H2   H N N 149 
HIS HA   H N N 150 
HIS HB2  H N N 151 
HIS HB3  H N N 152 
HIS HD1  H N N 153 
HIS HD2  H N N 154 
HIS HE1  H N N 155 
HIS HE2  H N N 156 
HIS HXT  H N N 157 
HOH O    O N N 158 
HOH H1   H N N 159 
HOH H2   H N N 160 
ILE N    N N N 161 
ILE CA   C N S 162 
ILE C    C N N 163 
ILE O    O N N 164 
ILE CB   C N S 165 
ILE CG1  C N N 166 
ILE CG2  C N N 167 
ILE CD1  C N N 168 
ILE OXT  O N N 169 
ILE H    H N N 170 
ILE H2   H N N 171 
ILE HA   H N N 172 
ILE HB   H N N 173 
ILE HG12 H N N 174 
ILE HG13 H N N 175 
ILE HG21 H N N 176 
ILE HG22 H N N 177 
ILE HG23 H N N 178 
ILE HD11 H N N 179 
ILE HD12 H N N 180 
ILE HD13 H N N 181 
ILE HXT  H N N 182 
LEU N    N N N 183 
LEU CA   C N S 184 
LEU C    C N N 185 
LEU O    O N N 186 
LEU CB   C N N 187 
LEU CG   C N N 188 
LEU CD1  C N N 189 
LEU CD2  C N N 190 
LEU OXT  O N N 191 
LEU H    H N N 192 
LEU H2   H N N 193 
LEU HA   H N N 194 
LEU HB2  H N N 195 
LEU HB3  H N N 196 
LEU HG   H N N 197 
LEU HD11 H N N 198 
LEU HD12 H N N 199 
LEU HD13 H N N 200 
LEU HD21 H N N 201 
LEU HD22 H N N 202 
LEU HD23 H N N 203 
LEU HXT  H N N 204 
LYS N    N N N 205 
LYS CA   C N S 206 
LYS C    C N N 207 
LYS O    O N N 208 
LYS CB   C N N 209 
LYS CG   C N N 210 
LYS CD   C N N 211 
LYS CE   C N N 212 
LYS NZ   N N N 213 
LYS OXT  O N N 214 
LYS H    H N N 215 
LYS H2   H N N 216 
LYS HA   H N N 217 
LYS HB2  H N N 218 
LYS HB3  H N N 219 
LYS HG2  H N N 220 
LYS HG3  H N N 221 
LYS HD2  H N N 222 
LYS HD3  H N N 223 
LYS HE2  H N N 224 
LYS HE3  H N N 225 
LYS HZ1  H N N 226 
LYS HZ2  H N N 227 
LYS HZ3  H N N 228 
LYS HXT  H N N 229 
MET N    N N N 230 
MET CA   C N S 231 
MET C    C N N 232 
MET O    O N N 233 
MET CB   C N N 234 
MET CG   C N N 235 
MET SD   S N N 236 
MET CE   C N N 237 
MET OXT  O N N 238 
MET H    H N N 239 
MET H2   H N N 240 
MET HA   H N N 241 
MET HB2  H N N 242 
MET HB3  H N N 243 
MET HG2  H N N 244 
MET HG3  H N N 245 
MET HE1  H N N 246 
MET HE2  H N N 247 
MET HE3  H N N 248 
MET HXT  H N N 249 
PEG C1   C N N 250 
PEG O1   O N N 251 
PEG C2   C N N 252 
PEG O2   O N N 253 
PEG C3   C N N 254 
PEG C4   C N N 255 
PEG O4   O N N 256 
PEG H11  H N N 257 
PEG H12  H N N 258 
PEG HO1  H N N 259 
PEG H21  H N N 260 
PEG H22  H N N 261 
PEG H31  H N N 262 
PEG H32  H N N 263 
PEG H41  H N N 264 
PEG H42  H N N 265 
PEG HO4  H N N 266 
PHE N    N N N 267 
PHE CA   C N S 268 
PHE C    C N N 269 
PHE O    O N N 270 
PHE CB   C N N 271 
PHE CG   C Y N 272 
PHE CD1  C Y N 273 
PHE CD2  C Y N 274 
PHE CE1  C Y N 275 
PHE CE2  C Y N 276 
PHE CZ   C Y N 277 
PHE OXT  O N N 278 
PHE H    H N N 279 
PHE H2   H N N 280 
PHE HA   H N N 281 
PHE HB2  H N N 282 
PHE HB3  H N N 283 
PHE HD1  H N N 284 
PHE HD2  H N N 285 
PHE HE1  H N N 286 
PHE HE2  H N N 287 
PHE HZ   H N N 288 
PHE HXT  H N N 289 
PRO N    N N N 290 
PRO CA   C N S 291 
PRO C    C N N 292 
PRO O    O N N 293 
PRO CB   C N N 294 
PRO CG   C N N 295 
PRO CD   C N N 296 
PRO OXT  O N N 297 
PRO H    H N N 298 
PRO HA   H N N 299 
PRO HB2  H N N 300 
PRO HB3  H N N 301 
PRO HG2  H N N 302 
PRO HG3  H N N 303 
PRO HD2  H N N 304 
PRO HD3  H N N 305 
PRO HXT  H N N 306 
SER N    N N N 307 
SER CA   C N S 308 
SER C    C N N 309 
SER O    O N N 310 
SER CB   C N N 311 
SER OG   O N N 312 
SER OXT  O N N 313 
SER H    H N N 314 
SER H2   H N N 315 
SER HA   H N N 316 
SER HB2  H N N 317 
SER HB3  H N N 318 
SER HG   H N N 319 
SER HXT  H N N 320 
THR N    N N N 321 
THR CA   C N S 322 
THR C    C N N 323 
THR O    O N N 324 
THR CB   C N R 325 
THR OG1  O N N 326 
THR CG2  C N N 327 
THR OXT  O N N 328 
THR H    H N N 329 
THR H2   H N N 330 
THR HA   H N N 331 
THR HB   H N N 332 
THR HG1  H N N 333 
THR HG21 H N N 334 
THR HG22 H N N 335 
THR HG23 H N N 336 
THR HXT  H N N 337 
TRP N    N N N 338 
TRP CA   C N S 339 
TRP C    C N N 340 
TRP O    O N N 341 
TRP CB   C N N 342 
TRP CG   C Y N 343 
TRP CD1  C Y N 344 
TRP CD2  C Y N 345 
TRP NE1  N Y N 346 
TRP CE2  C Y N 347 
TRP CE3  C Y N 348 
TRP CZ2  C Y N 349 
TRP CZ3  C Y N 350 
TRP CH2  C Y N 351 
TRP OXT  O N N 352 
TRP H    H N N 353 
TRP H2   H N N 354 
TRP HA   H N N 355 
TRP HB2  H N N 356 
TRP HB3  H N N 357 
TRP HD1  H N N 358 
TRP HE1  H N N 359 
TRP HE3  H N N 360 
TRP HZ2  H N N 361 
TRP HZ3  H N N 362 
TRP HH2  H N N 363 
TRP HXT  H N N 364 
TYR N    N N N 365 
TYR CA   C N S 366 
TYR C    C N N 367 
TYR O    O N N 368 
TYR CB   C N N 369 
TYR CG   C Y N 370 
TYR CD1  C Y N 371 
TYR CD2  C Y N 372 
TYR CE1  C Y N 373 
TYR CE2  C Y N 374 
TYR CZ   C Y N 375 
TYR OH   O N N 376 
TYR OXT  O N N 377 
TYR H    H N N 378 
TYR H2   H N N 379 
TYR HA   H N N 380 
TYR HB2  H N N 381 
TYR HB3  H N N 382 
TYR HD1  H N N 383 
TYR HD2  H N N 384 
TYR HE1  H N N 385 
TYR HE2  H N N 386 
TYR HH   H N N 387 
TYR HXT  H N N 388 
VAL N    N N N 389 
VAL CA   C N S 390 
VAL C    C N N 391 
VAL O    O N N 392 
VAL CB   C N N 393 
VAL CG1  C N N 394 
VAL CG2  C N N 395 
VAL OXT  O N N 396 
VAL H    H N N 397 
VAL H2   H N N 398 
VAL HA   H N N 399 
VAL HB   H N N 400 
VAL HG11 H N N 401 
VAL HG12 H N N 402 
VAL HG13 H N N 403 
VAL HG21 H N N 404 
VAL HG22 H N N 405 
VAL HG23 H N N 406 
VAL HXT  H N N 407 
WRX N1   N N N 408 
WRX N3   N N N 409 
WRX C4   C Y N 410 
WRX C5   C N N 411 
WRX C6   C N S 412 
WRX C7   C N N 413 
WRX C8   C N S 414 
WRX C10  C Y N 415 
WRX C13  C Y N 416 
WRX C15  C Y N 417 
WRX C17  C N N 418 
WRX C20  C Y N 419 
WRX C21  C Y N 420 
WRX C22  C Y N 421 
WRX C24  C N N 422 
WRX C26  C N N 423 
WRX C28  C Y N 424 
WRX F1   F N N 425 
WRX C1   C Y N 426 
WRX C2   C Y N 427 
WRX C3   C Y N 428 
WRX S1   S N N 429 
WRX O1   O N N 430 
WRX N2   N N N 431 
WRX C9   C N N 432 
WRX C11  C Y N 433 
WRX C12  C Y N 434 
WRX F2   F N N 435 
WRX C14  C Y N 436 
WRX C16  C N N 437 
WRX C18  C Y N 438 
WRX C19  C Y N 439 
WRX N4   N Y N 440 
WRX O2   O N N 441 
WRX O3   O N N 442 
WRX C23  C N N 443 
WRX C25  C N N 444 
WRX O4   O N N 445 
WRX C27  C Y N 446 
WRX H1   H N N 447 
WRX H2   H N N 448 
WRX H3   H N N 449 
WRX H4   H N N 450 
WRX H5   H N N 451 
WRX H6   H N N 452 
WRX H7   H N N 453 
WRX H8   H N N 454 
WRX H9   H N N 455 
WRX H10  H N N 456 
WRX H11  H N N 457 
WRX H12  H N N 458 
WRX H13  H N N 459 
WRX H14  H N N 460 
WRX H15  H N N 461 
WRX H16  H N N 462 
WRX H17  H N N 463 
WRX H18  H N N 464 
WRX H19  H N N 465 
WRX H20  H N N 466 
WRX H21  H N N 467 
WRX H22  H N N 468 
WRX H23  H N N 469 
WRX H24  H N N 470 
WRX H25  H N N 471 
WRX H26  H N N 472 
WRX H27  H N N 473 
WRX H28  H N N 474 
WRX H29  H N N 475 
WRX H30  H N N 476 
# 
loop_
_chem_comp_bond.comp_id 
_chem_comp_bond.atom_id_1 
_chem_comp_bond.atom_id_2 
_chem_comp_bond.value_order 
_chem_comp_bond.pdbx_aromatic_flag 
_chem_comp_bond.pdbx_stereo_config 
_chem_comp_bond.pdbx_ordinal 
ALA N   CA   sing N N 1   
ALA N   H    sing N N 2   
ALA N   H2   sing N N 3   
ALA CA  C    sing N N 4   
ALA CA  CB   sing N N 5   
ALA CA  HA   sing N N 6   
ALA C   O    doub N N 7   
ALA C   OXT  sing N N 8   
ALA CB  HB1  sing N N 9   
ALA CB  HB2  sing N N 10  
ALA CB  HB3  sing N N 11  
ALA OXT HXT  sing N N 12  
ARG N   CA   sing N N 13  
ARG N   H    sing N N 14  
ARG N   H2   sing N N 15  
ARG CA  C    sing N N 16  
ARG CA  CB   sing N N 17  
ARG CA  HA   sing N N 18  
ARG C   O    doub N N 19  
ARG C   OXT  sing N N 20  
ARG CB  CG   sing N N 21  
ARG CB  HB2  sing N N 22  
ARG CB  HB3  sing N N 23  
ARG CG  CD   sing N N 24  
ARG CG  HG2  sing N N 25  
ARG CG  HG3  sing N N 26  
ARG CD  NE   sing N N 27  
ARG CD  HD2  sing N N 28  
ARG CD  HD3  sing N N 29  
ARG NE  CZ   sing N N 30  
ARG NE  HE   sing N N 31  
ARG CZ  NH1  sing N N 32  
ARG CZ  NH2  doub N N 33  
ARG NH1 HH11 sing N N 34  
ARG NH1 HH12 sing N N 35  
ARG NH2 HH21 sing N N 36  
ARG NH2 HH22 sing N N 37  
ARG OXT HXT  sing N N 38  
ASN N   CA   sing N N 39  
ASN N   H    sing N N 40  
ASN N   H2   sing N N 41  
ASN CA  C    sing N N 42  
ASN CA  CB   sing N N 43  
ASN CA  HA   sing N N 44  
ASN C   O    doub N N 45  
ASN C   OXT  sing N N 46  
ASN CB  CG   sing N N 47  
ASN CB  HB2  sing N N 48  
ASN CB  HB3  sing N N 49  
ASN CG  OD1  doub N N 50  
ASN CG  ND2  sing N N 51  
ASN ND2 HD21 sing N N 52  
ASN ND2 HD22 sing N N 53  
ASN OXT HXT  sing N N 54  
ASP N   CA   sing N N 55  
ASP N   H    sing N N 56  
ASP N   H2   sing N N 57  
ASP CA  C    sing N N 58  
ASP CA  CB   sing N N 59  
ASP CA  HA   sing N N 60  
ASP C   O    doub N N 61  
ASP C   OXT  sing N N 62  
ASP CB  CG   sing N N 63  
ASP CB  HB2  sing N N 64  
ASP CB  HB3  sing N N 65  
ASP CG  OD1  doub N N 66  
ASP CG  OD2  sing N N 67  
ASP OD2 HD2  sing N N 68  
ASP OXT HXT  sing N N 69  
GLN N   CA   sing N N 70  
GLN N   H    sing N N 71  
GLN N   H2   sing N N 72  
GLN CA  C    sing N N 73  
GLN CA  CB   sing N N 74  
GLN CA  HA   sing N N 75  
GLN C   O    doub N N 76  
GLN C   OXT  sing N N 77  
GLN CB  CG   sing N N 78  
GLN CB  HB2  sing N N 79  
GLN CB  HB3  sing N N 80  
GLN CG  CD   sing N N 81  
GLN CG  HG2  sing N N 82  
GLN CG  HG3  sing N N 83  
GLN CD  OE1  doub N N 84  
GLN CD  NE2  sing N N 85  
GLN NE2 HE21 sing N N 86  
GLN NE2 HE22 sing N N 87  
GLN OXT HXT  sing N N 88  
GLU N   CA   sing N N 89  
GLU N   H    sing N N 90  
GLU N   H2   sing N N 91  
GLU CA  C    sing N N 92  
GLU CA  CB   sing N N 93  
GLU CA  HA   sing N N 94  
GLU C   O    doub N N 95  
GLU C   OXT  sing N N 96  
GLU CB  CG   sing N N 97  
GLU CB  HB2  sing N N 98  
GLU CB  HB3  sing N N 99  
GLU CG  CD   sing N N 100 
GLU CG  HG2  sing N N 101 
GLU CG  HG3  sing N N 102 
GLU CD  OE1  doub N N 103 
GLU CD  OE2  sing N N 104 
GLU OE2 HE2  sing N N 105 
GLU OXT HXT  sing N N 106 
GLY N   CA   sing N N 107 
GLY N   H    sing N N 108 
GLY N   H2   sing N N 109 
GLY CA  C    sing N N 110 
GLY CA  HA2  sing N N 111 
GLY CA  HA3  sing N N 112 
GLY C   O    doub N N 113 
GLY C   OXT  sing N N 114 
GLY OXT HXT  sing N N 115 
GOL C1  O1   sing N N 116 
GOL C1  C2   sing N N 117 
GOL C1  H11  sing N N 118 
GOL C1  H12  sing N N 119 
GOL O1  HO1  sing N N 120 
GOL C2  O2   sing N N 121 
GOL C2  C3   sing N N 122 
GOL C2  H2   sing N N 123 
GOL O2  HO2  sing N N 124 
GOL C3  O3   sing N N 125 
GOL C3  H31  sing N N 126 
GOL C3  H32  sing N N 127 
GOL O3  HO3  sing N N 128 
HIS N   CA   sing N N 129 
HIS N   H    sing N N 130 
HIS N   H2   sing N N 131 
HIS CA  C    sing N N 132 
HIS CA  CB   sing N N 133 
HIS CA  HA   sing N N 134 
HIS C   O    doub N N 135 
HIS C   OXT  sing N N 136 
HIS CB  CG   sing N N 137 
HIS CB  HB2  sing N N 138 
HIS CB  HB3  sing N N 139 
HIS CG  ND1  sing Y N 140 
HIS CG  CD2  doub Y N 141 
HIS ND1 CE1  doub Y N 142 
HIS ND1 HD1  sing N N 143 
HIS CD2 NE2  sing Y N 144 
HIS CD2 HD2  sing N N 145 
HIS CE1 NE2  sing Y N 146 
HIS CE1 HE1  sing N N 147 
HIS NE2 HE2  sing N N 148 
HIS OXT HXT  sing N N 149 
HOH O   H1   sing N N 150 
HOH O   H2   sing N N 151 
ILE N   CA   sing N N 152 
ILE N   H    sing N N 153 
ILE N   H2   sing N N 154 
ILE CA  C    sing N N 155 
ILE CA  CB   sing N N 156 
ILE CA  HA   sing N N 157 
ILE C   O    doub N N 158 
ILE C   OXT  sing N N 159 
ILE CB  CG1  sing N N 160 
ILE CB  CG2  sing N N 161 
ILE CB  HB   sing N N 162 
ILE CG1 CD1  sing N N 163 
ILE CG1 HG12 sing N N 164 
ILE CG1 HG13 sing N N 165 
ILE CG2 HG21 sing N N 166 
ILE CG2 HG22 sing N N 167 
ILE CG2 HG23 sing N N 168 
ILE CD1 HD11 sing N N 169 
ILE CD1 HD12 sing N N 170 
ILE CD1 HD13 sing N N 171 
ILE OXT HXT  sing N N 172 
LEU N   CA   sing N N 173 
LEU N   H    sing N N 174 
LEU N   H2   sing N N 175 
LEU CA  C    sing N N 176 
LEU CA  CB   sing N N 177 
LEU CA  HA   sing N N 178 
LEU C   O    doub N N 179 
LEU C   OXT  sing N N 180 
LEU CB  CG   sing N N 181 
LEU CB  HB2  sing N N 182 
LEU CB  HB3  sing N N 183 
LEU CG  CD1  sing N N 184 
LEU CG  CD2  sing N N 185 
LEU CG  HG   sing N N 186 
LEU CD1 HD11 sing N N 187 
LEU CD1 HD12 sing N N 188 
LEU CD1 HD13 sing N N 189 
LEU CD2 HD21 sing N N 190 
LEU CD2 HD22 sing N N 191 
LEU CD2 HD23 sing N N 192 
LEU OXT HXT  sing N N 193 
LYS N   CA   sing N N 194 
LYS N   H    sing N N 195 
LYS N   H2   sing N N 196 
LYS CA  C    sing N N 197 
LYS CA  CB   sing N N 198 
LYS CA  HA   sing N N 199 
LYS C   O    doub N N 200 
LYS C   OXT  sing N N 201 
LYS CB  CG   sing N N 202 
LYS CB  HB2  sing N N 203 
LYS CB  HB3  sing N N 204 
LYS CG  CD   sing N N 205 
LYS CG  HG2  sing N N 206 
LYS CG  HG3  sing N N 207 
LYS CD  CE   sing N N 208 
LYS CD  HD2  sing N N 209 
LYS CD  HD3  sing N N 210 
LYS CE  NZ   sing N N 211 
LYS CE  HE2  sing N N 212 
LYS CE  HE3  sing N N 213 
LYS NZ  HZ1  sing N N 214 
LYS NZ  HZ2  sing N N 215 
LYS NZ  HZ3  sing N N 216 
LYS OXT HXT  sing N N 217 
MET N   CA   sing N N 218 
MET N   H    sing N N 219 
MET N   H2   sing N N 220 
MET CA  C    sing N N 221 
MET CA  CB   sing N N 222 
MET CA  HA   sing N N 223 
MET C   O    doub N N 224 
MET C   OXT  sing N N 225 
MET CB  CG   sing N N 226 
MET CB  HB2  sing N N 227 
MET CB  HB3  sing N N 228 
MET CG  SD   sing N N 229 
MET CG  HG2  sing N N 230 
MET CG  HG3  sing N N 231 
MET SD  CE   sing N N 232 
MET CE  HE1  sing N N 233 
MET CE  HE2  sing N N 234 
MET CE  HE3  sing N N 235 
MET OXT HXT  sing N N 236 
PEG C1  O1   sing N N 237 
PEG C1  C2   sing N N 238 
PEG C1  H11  sing N N 239 
PEG C1  H12  sing N N 240 
PEG O1  HO1  sing N N 241 
PEG C2  O2   sing N N 242 
PEG C2  H21  sing N N 243 
PEG C2  H22  sing N N 244 
PEG O2  C3   sing N N 245 
PEG C3  C4   sing N N 246 
PEG C3  H31  sing N N 247 
PEG C3  H32  sing N N 248 
PEG C4  O4   sing N N 249 
PEG C4  H41  sing N N 250 
PEG C4  H42  sing N N 251 
PEG O4  HO4  sing N N 252 
PHE N   CA   sing N N 253 
PHE N   H    sing N N 254 
PHE N   H2   sing N N 255 
PHE CA  C    sing N N 256 
PHE CA  CB   sing N N 257 
PHE CA  HA   sing N N 258 
PHE C   O    doub N N 259 
PHE C   OXT  sing N N 260 
PHE CB  CG   sing N N 261 
PHE CB  HB2  sing N N 262 
PHE CB  HB3  sing N N 263 
PHE CG  CD1  doub Y N 264 
PHE CG  CD2  sing Y N 265 
PHE CD1 CE1  sing Y N 266 
PHE CD1 HD1  sing N N 267 
PHE CD2 CE2  doub Y N 268 
PHE CD2 HD2  sing N N 269 
PHE CE1 CZ   doub Y N 270 
PHE CE1 HE1  sing N N 271 
PHE CE2 CZ   sing Y N 272 
PHE CE2 HE2  sing N N 273 
PHE CZ  HZ   sing N N 274 
PHE OXT HXT  sing N N 275 
PRO N   CA   sing N N 276 
PRO N   CD   sing N N 277 
PRO N   H    sing N N 278 
PRO CA  C    sing N N 279 
PRO CA  CB   sing N N 280 
PRO CA  HA   sing N N 281 
PRO C   O    doub N N 282 
PRO C   OXT  sing N N 283 
PRO CB  CG   sing N N 284 
PRO CB  HB2  sing N N 285 
PRO CB  HB3  sing N N 286 
PRO CG  CD   sing N N 287 
PRO CG  HG2  sing N N 288 
PRO CG  HG3  sing N N 289 
PRO CD  HD2  sing N N 290 
PRO CD  HD3  sing N N 291 
PRO OXT HXT  sing N N 292 
SER N   CA   sing N N 293 
SER N   H    sing N N 294 
SER N   H2   sing N N 295 
SER CA  C    sing N N 296 
SER CA  CB   sing N N 297 
SER CA  HA   sing N N 298 
SER C   O    doub N N 299 
SER C   OXT  sing N N 300 
SER CB  OG   sing N N 301 
SER CB  HB2  sing N N 302 
SER CB  HB3  sing N N 303 
SER OG  HG   sing N N 304 
SER OXT HXT  sing N N 305 
THR N   CA   sing N N 306 
THR N   H    sing N N 307 
THR N   H2   sing N N 308 
THR CA  C    sing N N 309 
THR CA  CB   sing N N 310 
THR CA  HA   sing N N 311 
THR C   O    doub N N 312 
THR C   OXT  sing N N 313 
THR CB  OG1  sing N N 314 
THR CB  CG2  sing N N 315 
THR CB  HB   sing N N 316 
THR OG1 HG1  sing N N 317 
THR CG2 HG21 sing N N 318 
THR CG2 HG22 sing N N 319 
THR CG2 HG23 sing N N 320 
THR OXT HXT  sing N N 321 
TRP N   CA   sing N N 322 
TRP N   H    sing N N 323 
TRP N   H2   sing N N 324 
TRP CA  C    sing N N 325 
TRP CA  CB   sing N N 326 
TRP CA  HA   sing N N 327 
TRP C   O    doub N N 328 
TRP C   OXT  sing N N 329 
TRP CB  CG   sing N N 330 
TRP CB  HB2  sing N N 331 
TRP CB  HB3  sing N N 332 
TRP CG  CD1  doub Y N 333 
TRP CG  CD2  sing Y N 334 
TRP CD1 NE1  sing Y N 335 
TRP CD1 HD1  sing N N 336 
TRP CD2 CE2  doub Y N 337 
TRP CD2 CE3  sing Y N 338 
TRP NE1 CE2  sing Y N 339 
TRP NE1 HE1  sing N N 340 
TRP CE2 CZ2  sing Y N 341 
TRP CE3 CZ3  doub Y N 342 
TRP CE3 HE3  sing N N 343 
TRP CZ2 CH2  doub Y N 344 
TRP CZ2 HZ2  sing N N 345 
TRP CZ3 CH2  sing Y N 346 
TRP CZ3 HZ3  sing N N 347 
TRP CH2 HH2  sing N N 348 
TRP OXT HXT  sing N N 349 
TYR N   CA   sing N N 350 
TYR N   H    sing N N 351 
TYR N   H2   sing N N 352 
TYR CA  C    sing N N 353 
TYR CA  CB   sing N N 354 
TYR CA  HA   sing N N 355 
TYR C   O    doub N N 356 
TYR C   OXT  sing N N 357 
TYR CB  CG   sing N N 358 
TYR CB  HB2  sing N N 359 
TYR CB  HB3  sing N N 360 
TYR CG  CD1  doub Y N 361 
TYR CG  CD2  sing Y N 362 
TYR CD1 CE1  sing Y N 363 
TYR CD1 HD1  sing N N 364 
TYR CD2 CE2  doub Y N 365 
TYR CD2 HD2  sing N N 366 
TYR CE1 CZ   doub Y N 367 
TYR CE1 HE1  sing N N 368 
TYR CE2 CZ   sing Y N 369 
TYR CE2 HE2  sing N N 370 
TYR CZ  OH   sing N N 371 
TYR OH  HH   sing N N 372 
TYR OXT HXT  sing N N 373 
VAL N   CA   sing N N 374 
VAL N   H    sing N N 375 
VAL N   H2   sing N N 376 
VAL CA  C    sing N N 377 
VAL CA  CB   sing N N 378 
VAL CA  HA   sing N N 379 
VAL C   O    doub N N 380 
VAL C   OXT  sing N N 381 
VAL CB  CG1  sing N N 382 
VAL CB  CG2  sing N N 383 
VAL CB  HB   sing N N 384 
VAL CG1 HG11 sing N N 385 
VAL CG1 HG12 sing N N 386 
VAL CG1 HG13 sing N N 387 
VAL CG2 HG21 sing N N 388 
VAL CG2 HG22 sing N N 389 
VAL CG2 HG23 sing N N 390 
VAL OXT HXT  sing N N 391 
WRX F1  C1   sing N N 392 
WRX C1  C28  doub Y N 393 
WRX C1  C2   sing Y N 394 
WRX C28 C27  sing Y N 395 
WRX C2  C3   doub Y N 396 
WRX C27 C4   doub Y N 397 
WRX C3  C4   sing Y N 398 
WRX C4  C5   sing N N 399 
WRX O1  S1   doub N N 400 
WRX O4  S1   doub N N 401 
WRX S1  C5   sing N N 402 
WRX S1  N1   sing N N 403 
WRX F2  C13  sing N N 404 
WRX N1  C26  sing N N 405 
WRX N1  C6   sing N N 406 
WRX C13 C12  doub Y N 407 
WRX C13 C14  sing Y N 408 
WRX C26 C25  sing N N 409 
WRX C12 C11  sing Y N 410 
WRX C14 C15  doub Y N 411 
WRX C25 C24  sing N N 412 
WRX C6  C23  sing N N 413 
WRX C6  C7   sing N N 414 
WRX C23 C24  sing N N 415 
WRX C11 C10  doub Y N 416 
WRX C15 C10  sing Y N 417 
WRX C7  N2   sing N N 418 
WRX C7  O3   doub N N 419 
WRX N2  C8   sing N N 420 
WRX C10 C9   sing N N 421 
WRX O2  C16  doub N N 422 
WRX C8  C9   sing N N 423 
WRX C8  C16  sing N N 424 
WRX C16 N3   sing N N 425 
WRX C19 N4   doub Y N 426 
WRX C19 C18  sing Y N 427 
WRX N4  C20  sing Y N 428 
WRX N3  C17  sing N N 429 
WRX C17 C18  sing N N 430 
WRX C18 C22  doub Y N 431 
WRX C20 C21  doub Y N 432 
WRX C22 C21  sing Y N 433 
WRX N3  H1   sing N N 434 
WRX C5  H2   sing N N 435 
WRX C5  H3   sing N N 436 
WRX C6  H4   sing N N 437 
WRX C8  H5   sing N N 438 
WRX C15 H6   sing N N 439 
WRX C17 H7   sing N N 440 
WRX C17 H8   sing N N 441 
WRX C20 H9   sing N N 442 
WRX C21 H10  sing N N 443 
WRX C22 H11  sing N N 444 
WRX C24 H12  sing N N 445 
WRX C24 H13  sing N N 446 
WRX C26 H14  sing N N 447 
WRX C26 H15  sing N N 448 
WRX C28 H16  sing N N 449 
WRX C2  H17  sing N N 450 
WRX C3  H18  sing N N 451 
WRX N2  H19  sing N N 452 
WRX C9  H20  sing N N 453 
WRX C9  H21  sing N N 454 
WRX C11 H22  sing N N 455 
WRX C12 H23  sing N N 456 
WRX C14 H24  sing N N 457 
WRX C19 H25  sing N N 458 
WRX C23 H26  sing N N 459 
WRX C23 H27  sing N N 460 
WRX C25 H28  sing N N 461 
WRX C25 H29  sing N N 462 
WRX C27 H30  sing N N 463 
# 
_pdbx_audit_support.funding_organization   'German Research Foundation (DFG)' 
_pdbx_audit_support.country                Germany 
_pdbx_audit_support.grant_number           390713860 
_pdbx_audit_support.ordinal                1 
# 
_pdbx_initial_refinement_model.id               1 
_pdbx_initial_refinement_model.entity_id_list   ? 
_pdbx_initial_refinement_model.type             'experimental model' 
_pdbx_initial_refinement_model.source_name      PDB 
_pdbx_initial_refinement_model.accession_code   2Y78 
_pdbx_initial_refinement_model.details          ? 
# 
_atom_sites.entry_id                    8P3C 
_atom_sites.Cartn_transf_matrix[1][1]   ? 
_atom_sites.Cartn_transf_matrix[1][2]   ? 
_atom_sites.Cartn_transf_matrix[1][3]   ? 
_atom_sites.Cartn_transf_matrix[2][1]   ? 
_atom_sites.Cartn_transf_matrix[2][2]   ? 
_atom_sites.Cartn_transf_matrix[2][3]   ? 
_atom_sites.Cartn_transf_matrix[3][1]   ? 
_atom_sites.Cartn_transf_matrix[3][2]   ? 
_atom_sites.Cartn_transf_matrix[3][3]   ? 
_atom_sites.Cartn_transf_vector[1]      ? 
_atom_sites.Cartn_transf_vector[2]      ? 
_atom_sites.Cartn_transf_vector[3]      ? 
_atom_sites.Cartn_transform_axes        ? 
_atom_sites.fract_transf_matrix[1][1]   -0.01046830 
_atom_sites.fract_transf_matrix[1][2]   0.00994923 
_atom_sites.fract_transf_matrix[1][3]   -0.00357624 
_atom_sites.fract_transf_matrix[2][1]   -0.00179209 
_atom_sites.fract_transf_matrix[2][2]   0.00414323 
_atom_sites.fract_transf_matrix[2][3]   -0.01417768 
_atom_sites.fract_transf_matrix[3][1]   -0.01242540 
_atom_sites.fract_transf_matrix[3][2]   -0.01397733 
_atom_sites.fract_transf_matrix[3][3]   -0.00251408 
_atom_sites.fract_transf_vector[1]      -0.177692 
_atom_sites.fract_transf_vector[2]      0.336836 
_atom_sites.fract_transf_vector[3]      0.014031 
_atom_sites.solution_primary            ? 
_atom_sites.solution_secondary          ? 
_atom_sites.solution_hydrogens          ? 
_atom_sites.special_details             ? 
# 
loop_
_atom_type.symbol 
C 
F 
N 
O 
S 
# 
loop_
_atom_site.group_PDB 
_atom_site.id 
_atom_site.type_symbol 
_atom_site.label_atom_id 
_atom_site.label_alt_id 
_atom_site.label_comp_id 
_atom_site.label_asym_id 
_atom_site.label_entity_id 
_atom_site.label_seq_id 
_atom_site.pdbx_PDB_ins_code 
_atom_site.Cartn_x 
_atom_site.Cartn_y 
_atom_site.Cartn_z 
_atom_site.occupancy 
_atom_site.B_iso_or_equiv 
_atom_site.pdbx_formal_charge 
_atom_site.auth_seq_id 
_atom_site.auth_comp_id 
_atom_site.auth_asym_id 
_atom_site.auth_atom_id 
_atom_site.pdbx_PDB_model_num 
ATOM   1    N N   . MET A 1 1   ? 2.533   -31.828 0.415   1.00 30.00  ? -12 MET B N   1 
ATOM   2    C CA  . MET A 1 1   ? 1.797   -30.622 0.867   1.00 30.00  ? -12 MET B CA  1 
ATOM   3    C C   . MET A 1 1   ? 2.756   -29.437 1.066   1.00 30.00  ? -12 MET B C   1 
ATOM   4    O O   . MET A 1 1   ? 3.805   -29.636 1.697   1.00 30.00  ? -12 MET B O   1 
ATOM   5    C CB  . MET A 1 1   ? 1.061   -30.910 2.176   1.00 30.00  ? -12 MET B CB  1 
ATOM   6    C CG  . MET A 1 1   ? 0.565   -29.667 2.882   1.00 30.00  ? -12 MET B CG  1 
ATOM   7    S SD  . MET A 1 1   ? -1.002  -29.083 2.203   1.00 30.00  ? -12 MET B SD  1 
ATOM   8    C CE  . MET A 1 1   ? -1.535  -27.991 3.519   1.00 30.00  ? -12 MET B CE  1 
ATOM   9    N N   . HIS A 1 2   ? 2.411   -28.262 0.528   1.00 30.00  ? -11 HIS B N   1 
ATOM   10   C CA  . HIS A 1 2   ? 3.233   -27.036 0.726   1.00 30.00  ? -11 HIS B CA  1 
ATOM   11   C C   . HIS A 1 2   ? 2.966   -26.418 2.104   1.00 30.00  ? -11 HIS B C   1 
ATOM   12   O O   . HIS A 1 2   ? 1.793   -26.378 2.518   1.00 30.00  ? -11 HIS B O   1 
ATOM   13   C CB  . HIS A 1 2   ? 2.921   -25.995 -0.357  1.00 30.00  ? -11 HIS B CB  1 
ATOM   14   C CG  . HIS A 1 2   ? 3.738   -24.754 -0.250  1.00 30.00  ? -11 HIS B CG  1 
ATOM   15   N ND1 . HIS A 1 2   ? 3.244   -23.575 0.260   1.00 30.00  ? -11 HIS B ND1 1 
ATOM   16   C CD2 . HIS A 1 2   ? 5.012   -24.514 -0.569  1.00 30.00  ? -11 HIS B CD2 1 
ATOM   17   C CE1 . HIS A 1 2   ? 4.196   -22.655 0.233   1.00 30.00  ? -11 HIS B CE1 1 
ATOM   18   N NE2 . HIS A 1 2   ? 5.278   -23.206 -0.266  1.00 30.00  ? -11 HIS B NE2 1 
ATOM   19   N N   . HIS A 1 3   ? 4.014   -25.930 2.781   1.00 30.00  ? -10 HIS B N   1 
ATOM   20   C CA  . HIS A 1 3   ? 3.831   -25.221 4.072   1.00 30.00  ? -10 HIS B CA  1 
ATOM   21   C C   . HIS A 1 3   ? 4.343   -23.785 3.917   1.00 30.00  ? -10 HIS B C   1 
ATOM   22   O O   . HIS A 1 3   ? 5.342   -23.585 3.205   1.00 30.00  ? -10 HIS B O   1 
ATOM   23   C CB  . HIS A 1 3   ? 4.585   -25.931 5.198   1.00 30.00  ? -10 HIS B CB  1 
ATOM   24   C CG  . HIS A 1 3   ? 4.550   -27.422 5.153   1.00 30.00  ? -10 HIS B CG  1 
ATOM   25   N ND1 . HIS A 1 3   ? 3.614   -28.160 5.843   1.00 30.00  ? -10 HIS B ND1 1 
ATOM   26   C CD2 . HIS A 1 3   ? 5.329   -28.310 4.523   1.00 30.00  ? -10 HIS B CD2 1 
ATOM   27   C CE1 . HIS A 1 3   ? 3.823   -29.450 5.624   1.00 30.00  ? -10 HIS B CE1 1 
ATOM   28   N NE2 . HIS A 1 3   ? 4.859   -29.563 4.825   1.00 30.00  ? -10 HIS B NE2 1 
ATOM   29   N N   . HIS A 1 4   ? 3.712   -22.828 4.600   1.00 30.00  ? -9  HIS B N   1 
ATOM   30   C CA  . HIS A 1 4   ? 4.205   -21.422 4.563   1.00 30.00  ? -9  HIS B CA  1 
ATOM   31   C C   . HIS A 1 4   ? 5.425   -21.304 5.481   1.00 30.00  ? -9  HIS B C   1 
ATOM   32   O O   . HIS A 1 4   ? 5.524   -22.073 6.462   1.00 30.00  ? -9  HIS B O   1 
ATOM   33   C CB  . HIS A 1 4   ? 3.074   -20.452 4.917   1.00 30.00  ? -9  HIS B CB  1 
ATOM   34   C CG  . HIS A 1 4   ? 1.977   -20.473 3.907   1.00 30.00  ? -9  HIS B CG  1 
ATOM   35   N ND1 . HIS A 1 4   ? 2.191   -20.875 2.606   1.00 30.00  ? -9  HIS B ND1 1 
ATOM   36   C CD2 . HIS A 1 4   ? 0.679   -20.160 3.990   1.00 30.00  ? -9  HIS B CD2 1 
ATOM   37   C CE1 . HIS A 1 4   ? 1.052   -20.801 1.933   1.00 30.00  ? -9  HIS B CE1 1 
ATOM   38   N NE2 . HIS A 1 4   ? 0.121   -20.369 2.755   1.00 30.00  ? -9  HIS B NE2 1 
ATOM   39   N N   . HIS A 1 5   ? 6.329   -20.369 5.177   1.00 30.00  ? -8  HIS B N   1 
ATOM   40   C CA  . HIS A 1 5   ? 7.593   -20.254 5.969   1.00 30.00  ? -8  HIS B CA  1 
ATOM   41   C C   . HIS A 1 5   ? 7.716   -18.891 6.677   1.00 30.00  ? -8  HIS B C   1 
ATOM   42   O O   . HIS A 1 5   ? 8.639   -18.758 7.502   1.00 30.00  ? -8  HIS B O   1 
ATOM   43   C CB  . HIS A 1 5   ? 8.801   -20.624 5.102   1.00 30.00  ? -8  HIS B CB  1 
ATOM   44   C CG  . HIS A 1 5   ? 8.724   -22.018 4.582   1.00 30.00  ? -8  HIS B CG  1 
ATOM   45   N ND1 . HIS A 1 5   ? 8.576   -22.317 3.246   1.00 30.00  ? -8  HIS B ND1 1 
ATOM   46   C CD2 . HIS A 1 5   ? 8.755   -23.191 5.223   1.00 30.00  ? -8  HIS B CD2 1 
ATOM   47   C CE1 . HIS A 1 5   ? 8.533   -23.632 3.097   1.00 30.00  ? -8  HIS B CE1 1 
ATOM   48   N NE2 . HIS A 1 5   ? 8.640   -24.183 4.286   1.00 30.00  ? -8  HIS B NE2 1 
ATOM   49   N N   . HIS A 1 6   ? 6.856   -17.921 6.371   1.00 41.64  ? -7  HIS B N   1 
ATOM   50   C CA  . HIS A 1 6   ? 6.813   -16.620 7.108   1.00 40.52  ? -7  HIS B CA  1 
ATOM   51   C C   . HIS A 1 6   ? 8.144   -15.849 7.110   1.00 36.69  ? -7  HIS B C   1 
ATOM   52   O O   . HIS A 1 6   ? 8.399   -15.124 8.082   1.00 34.11  ? -7  HIS B O   1 
ATOM   53   C CB  . HIS A 1 6   ? 6.333   -16.845 8.546   1.00 41.39  ? -7  HIS B CB  1 
ATOM   54   C CG  . HIS A 1 6   ? 5.167   -17.766 8.668   1.00 43.25  ? -7  HIS B CG  1 
ATOM   55   N ND1 . HIS A 1 6   ? 5.291   -19.069 9.097   1.00 46.30  ? -7  HIS B ND1 1 
ATOM   56   C CD2 . HIS A 1 6   ? 3.870   -17.578 8.420   1.00 45.48  ? -7  HIS B CD2 1 
ATOM   57   C CE1 . HIS A 1 6   ? 4.098   -19.638 9.109   1.00 50.32  ? -7  HIS B CE1 1 
ATOM   58   N NE2 . HIS A 1 6   ? 3.220   -18.751 8.701   1.00 42.93  ? -7  HIS B NE2 1 
ATOM   59   N N   . HIS A 1 7   ? 8.913   -15.932 6.039   1.00 31.52  ? -6  HIS B N   1 
ATOM   60   C CA  . HIS A 1 7   ? 10.218  -15.221 5.943   1.00 36.84  ? -6  HIS B CA  1 
ATOM   61   C C   . HIS A 1 7   ? 10.026  -13.704 6.080   1.00 36.90  ? -6  HIS B C   1 
ATOM   62   O O   . HIS A 1 7   ? 10.689  -13.082 6.925   1.00 37.37  ? -6  HIS B O   1 
ATOM   63   C CB  . HIS A 1 7   ? 10.900  -15.586 4.620   1.00 39.43  ? -6  HIS B CB  1 
ATOM   64   C CG  . HIS A 1 7   ? 12.158  -14.852 4.304   1.00 43.15  ? -6  HIS B CG  1 
ATOM   65   N ND1 . HIS A 1 7   ? 13.407  -15.348 4.609   1.00 49.26  ? -6  HIS B ND1 1 
ATOM   66   C CD2 . HIS A 1 7   ? 12.364  -13.682 3.686   1.00 44.05  ? -6  HIS B CD2 1 
ATOM   67   C CE1 . HIS A 1 7   ? 14.328  -14.488 4.200   1.00 49.68  ? -6  HIS B CE1 1 
ATOM   68   N NE2 . HIS A 1 7   ? 13.717  -13.470 3.637   1.00 51.11  ? -6  HIS B NE2 1 
ATOM   69   N N   . GLU A 1 8   ? 9.138   -13.124 5.274   1.00 33.92  ? -5  GLU B N   1 
ATOM   70   C CA  . GLU A 1 8   ? 8.969   -11.644 5.274   1.00 33.26  ? -5  GLU B CA  1 
ATOM   71   C C   . GLU A 1 8   ? 8.449   -11.167 6.636   1.00 36.45  ? -5  GLU B C   1 
ATOM   72   O O   . GLU A 1 8   ? 8.762   -10.026 6.986   1.00 36.47  ? -5  GLU B O   1 
ATOM   73   C CB  . GLU A 1 8   ? 8.097   -11.194 4.093   1.00 30.00  ? -5  GLU B CB  1 
ATOM   74   C CG  . GLU A 1 8   ? 7.690   -9.722  4.115   1.00 30.00  ? -5  GLU B CG  1 
ATOM   75   C CD  . GLU A 1 8   ? 8.767   -8.652  4.256   1.00 30.00  ? -5  GLU B CD  1 
ATOM   76   O OE1 . GLU A 1 8   ? 8.419   -7.517  4.632   1.00 30.00  ? -5  GLU B OE1 1 
ATOM   77   O OE2 . GLU A 1 8   ? 9.944   -8.944  3.990   1.00 30.00  ? -5  GLU B OE2 1 
ATOM   78   N N   . ASN A 1 9   ? 7.690   -12.000 7.352   1.00 32.13  ? -4  ASN B N   1 
ATOM   79   C CA  . ASN A 1 9   ? 7.160   -11.671 8.703   1.00 32.16  ? -4  ASN B CA  1 
ATOM   80   C C   . ASN A 1 9   ? 8.288   -11.690 9.744   1.00 28.97  ? -4  ASN B C   1 
ATOM   81   O O   . ASN A 1 9   ? 8.331   -10.777 10.576  1.00 31.24  ? -4  ASN B O   1 
ATOM   82   C CB  . ASN A 1 9   ? 6.044   -12.643 9.097   1.00 30.00  ? -4  ASN B CB  1 
ATOM   83   C CG  . ASN A 1 9   ? 4.925   -12.678 8.080   1.00 30.00  ? -4  ASN B CG  1 
ATOM   84   O OD1 . ASN A 1 9   ? 4.286   -11.662 7.813   1.00 30.00  ? -4  ASN B OD1 1 
ATOM   85   N ND2 . ASN A 1 9   ? 4.686   -13.838 7.492   1.00 30.00  ? -4  ASN B ND2 1 
ATOM   86   N N   . LEU A 1 10  ? 9.155   -12.693 9.676   1.00 26.01  ? -3  LEU B N   1 
ATOM   87   C CA  . LEU A 1 10  ? 10.239  -12.863 10.677  1.00 30.41  ? -3  LEU B CA  1 
ATOM   88   C C   . LEU A 1 10  ? 11.407  -11.890 10.454  1.00 28.10  ? -3  LEU B C   1 
ATOM   89   O O   . LEU A 1 10  ? 11.981  -11.463 11.454  1.00 25.79  ? -3  LEU B O   1 
ATOM   90   C CB  . LEU A 1 10  ? 10.733  -14.311 10.600  1.00 30.00  ? -3  LEU B CB  1 
ATOM   91   C CG  . LEU A 1 10  ? 9.772   -15.385 11.108  1.00 30.00  ? -3  LEU B CG  1 
ATOM   92   C CD1 . LEU A 1 10  ? 10.497  -16.708 11.285  1.00 30.00  ? -3  LEU B CD1 1 
ATOM   93   C CD2 . LEU A 1 10  ? 9.114   -14.966 12.411  1.00 30.00  ? -3  LEU B CD2 1 
ATOM   94   N N   . TYR A 1 11  ? 11.765  -11.593 9.209   1.00 25.02  ? -2  TYR B N   1 
ATOM   95   C CA  . TYR A 1 11  ? 12.953  -10.750 8.914   1.00 25.61  ? -2  TYR B CA  1 
ATOM   96   C C   . TYR A 1 11  ? 12.568  -9.438  8.209   1.00 25.54  ? -2  TYR B C   1 
ATOM   97   O O   . TYR A 1 11  ? 13.282  -9.057  7.276   1.00 24.85  ? -2  TYR B O   1 
ATOM   98   C CB  . TYR A 1 11  ? 13.916  -11.606 8.097   1.00 30.00  ? -2  TYR B CB  1 
ATOM   99   C CG  . TYR A 1 11  ? 14.162  -12.971 8.684   1.00 30.00  ? -2  TYR B CG  1 
ATOM   100  C CD1 . TYR A 1 11  ? 14.816  -13.116 9.896   1.00 30.00  ? -2  TYR B CD1 1 
ATOM   101  C CD2 . TYR A 1 11  ? 13.738  -14.118 8.037   1.00 30.00  ? -2  TYR B CD2 1 
ATOM   102  C CE1 . TYR A 1 11  ? 15.044  -14.362 10.453  1.00 30.00  ? -2  TYR B CE1 1 
ATOM   103  C CE2 . TYR A 1 11  ? 13.957  -15.373 8.579   1.00 30.00  ? -2  TYR B CE2 1 
ATOM   104  C CZ  . TYR A 1 11  ? 14.612  -15.495 9.790   1.00 30.00  ? -2  TYR B CZ  1 
ATOM   105  O OH  . TYR A 1 11  ? 14.839  -16.733 10.338  1.00 30.00  ? -2  TYR B OH  1 
ATOM   106  N N   . PHE A 1 12  ? 11.523  -8.758  8.684   1.00 23.16  ? -1  PHE B N   1 
ATOM   107  C CA  . PHE A 1 12  ? 10.978  -7.540  8.021   1.00 24.45  ? -1  PHE B CA  1 
ATOM   108  C C   . PHE A 1 12  ? 11.809  -6.255  8.209   1.00 23.58  ? -1  PHE B C   1 
ATOM   109  O O   . PHE A 1 12  ? 11.642  -5.354  7.385   1.00 22.77  ? -1  PHE B O   1 
ATOM   110  C CB  . PHE A 1 12  ? 9.569   -7.304  8.567   1.00 30.00  ? -1  PHE B CB  1 
ATOM   111  C CG  . PHE A 1 12  ? 9.518   -6.643  9.920   1.00 30.00  ? -1  PHE B CG  1 
ATOM   112  C CD1 . PHE A 1 12  ? 9.552   -7.399  11.080  1.00 30.00  ? -1  PHE B CD1 1 
ATOM   113  C CD2 . PHE A 1 12  ? 9.431   -5.264  10.035  1.00 30.00  ? -1  PHE B CD2 1 
ATOM   114  C CE1 . PHE A 1 12  ? 9.508   -6.788  12.323  1.00 30.00  ? -1  PHE B CE1 1 
ATOM   115  C CE2 . PHE A 1 12  ? 9.391   -4.656  11.278  1.00 30.00  ? -1  PHE B CE2 1 
ATOM   116  C CZ  . PHE A 1 12  ? 9.426   -5.419  12.420  1.00 30.00  ? -1  PHE B CZ  1 
ATOM   117  N N   . GLN A 1 13  ? 12.676  -6.186  9.218   1.00 23.66  ? 0   GLN B N   1 
ATOM   118  C CA  . GLN A 1 13  ? 13.368  -4.910  9.556   1.00 26.53  ? 0   GLN B CA  1 
ATOM   119  C C   . GLN A 1 13  ? 14.345  -4.433  8.468   1.00 28.73  ? 0   GLN B C   1 
ATOM   120  O O   . GLN A 1 13  ? 15.327  -5.134  8.229   1.00 26.14  ? 0   GLN B O   1 
ATOM   121  C CB  . GLN A 1 13  ? 14.039  -5.024  10.933  1.00 30.00  ? 0   GLN B CB  1 
ATOM   122  C CG  . GLN A 1 13  ? 14.434  -3.682  11.534  1.00 30.00  ? 0   GLN B CG  1 
ATOM   123  C CD  . GLN A 1 13  ? 13.290  -2.699  11.608  1.00 30.00  ? 0   GLN B CD  1 
ATOM   124  O OE1 . GLN A 1 13  ? 13.295  -1.663  10.950  1.00 30.00  ? 0   GLN B OE1 1 
ATOM   125  N NE2 . GLN A 1 13  ? 12.300  -3.011  12.426  1.00 30.00  ? 0   GLN B NE2 1 
ATOM   126  N N   . GLY A 1 14  ? 14.105  -3.246  7.902   1.00 27.24  ? 1   GLY B N   1 
ATOM   127  C CA  . GLY A 1 14  ? 14.982  -2.647  6.875   1.00 26.33  ? 1   GLY B CA  1 
ATOM   128  C C   . GLY A 1 14  ? 14.886  -3.346  5.536   1.00 27.14  ? 1   GLY B C   1 
ATOM   129  O O   . GLY A 1 14  ? 15.673  -2.993  4.651   1.00 27.21  ? 1   GLY B O   1 
ATOM   130  N N   . THR A 1 15  ? 13.926  -4.256  5.377   1.00 24.66  ? 2   THR B N   1 
ATOM   131  C CA  . THR A 1 15  ? 13.839  -5.108  4.161   1.00 23.61  ? 2   THR B CA  1 
ATOM   132  C C   . THR A 1 15  ? 12.926  -4.496  3.087   1.00 25.45  ? 2   THR B C   1 
ATOM   133  O O   . THR A 1 15  ? 11.754  -4.273  3.373   1.00 26.30  ? 2   THR B O   1 
ATOM   134  C CB  . THR A 1 15  ? 13.444  -6.540  4.556   1.00 22.74  ? 2   THR B CB  1 
ATOM   135  O OG1 . THR A 1 15  ? 14.353  -6.988  5.559   1.00 22.36  ? 2   THR B OG1 1 
ATOM   136  C CG2 . THR A 1 15  ? 13.425  -7.491  3.379   1.00 24.62  ? 2   THR B CG2 1 
ATOM   137  N N   . VAL A 1 16  ? 13.474  -4.244  1.901   1.00 25.07  ? 3   VAL B N   1 
ATOM   138  C CA  . VAL A 1 16  ? 12.677  -3.708  0.762   1.00 26.90  ? 3   VAL B CA  1 
ATOM   139  C C   . VAL A 1 16  ? 12.397  -4.876  -0.195  1.00 28.51  ? 3   VAL B C   1 
ATOM   140  O O   . VAL A 1 16  ? 13.355  -5.447  -0.729  1.00 27.97  ? 3   VAL B O   1 
ATOM   141  C CB  . VAL A 1 16  ? 13.365  -2.518  0.062   1.00 30.72  ? 3   VAL B CB  1 
ATOM   142  C CG1 . VAL A 1 16  ? 12.539  -1.978  -1.094  1.00 33.87  ? 3   VAL B CG1 1 
ATOM   143  C CG2 . VAL A 1 16  ? 13.718  -1.408  1.038   1.00 30.57  ? 3   VAL B CG2 1 
ATOM   144  N N   . VAL A 1 17  ? 11.131  -5.254  -0.325  1.00 24.48  ? 4   VAL B N   1 
ATOM   145  C CA  . VAL A 1 17  ? 10.731  -6.360  -1.232  1.00 29.00  ? 4   VAL B CA  1 
ATOM   146  C C   . VAL A 1 17  ? 10.404  -5.801  -2.622  1.00 27.78  ? 4   VAL B C   1 
ATOM   147  O O   . VAL A 1 17  ? 9.710   -4.790  -2.697  1.00 26.69  ? 4   VAL B O   1 
ATOM   148  C CB  . VAL A 1 17  ? 9.543   -7.145  -0.641  1.00 29.58  ? 4   VAL B CB  1 
ATOM   149  C CG1 . VAL A 1 17  ? 9.042   -8.227  -1.582  1.00 31.83  ? 4   VAL B CG1 1 
ATOM   150  C CG2 . VAL A 1 17  ? 9.848   -7.712  0.735   1.00 28.28  ? 4   VAL B CG2 1 
ATOM   151  N N   . THR A 1 18  ? 10.953  -6.401  -3.669  1.00 27.19  ? 5   THR B N   1 
ATOM   152  C CA  . THR A 1 18  ? 10.586  -6.034  -5.063  1.00 25.65  ? 5   THR B CA  1 
ATOM   153  C C   . THR A 1 18  ? 9.824   -7.227  -5.667  1.00 26.05  ? 5   THR B C   1 
ATOM   154  O O   . THR A 1 18  ? 10.391  -8.326  -5.709  1.00 26.95  ? 5   THR B O   1 
ATOM   155  C CB  . THR A 1 18  ? 11.824  -5.648  -5.879  1.00 30.54  ? 5   THR B CB  1 
ATOM   156  O OG1 . THR A 1 18  ? 12.476  -4.549  -5.239  1.00 28.09  ? 5   THR B OG1 1 
ATOM   157  C CG2 . THR A 1 18  ? 11.496  -5.291  -7.312  1.00 31.01  ? 5   THR B CG2 1 
ATOM   158  N N   . THR A 1 19  ? 8.583   -7.020  -6.096  1.00 23.51  ? 6   THR B N   1 
ATOM   159  C CA  . THR A 1 19  ? 7.777   -8.144  -6.615  1.00 25.35  ? 6   THR B CA  1 
ATOM   160  C C   . THR A 1 19  ? 7.907   -8.248  -8.148  1.00 25.63  ? 6   THR B C   1 
ATOM   161  O O   . THR A 1 19  ? 8.463   -7.355  -8.776  1.00 24.92  ? 6   THR B O   1 
ATOM   162  C CB  . THR A 1 19  ? 6.284   -7.987  -6.273  1.00 27.76  ? 6   THR B CB  1 
ATOM   163  O OG1 . THR A 1 19  ? 5.816   -6.955  -7.146  1.00 23.25  ? 6   THR B OG1 1 
ATOM   164  C CG2 . THR A 1 19  ? 5.955   -7.618  -4.840  1.00 28.41  ? 6   THR B CG2 1 
ATOM   165  N N   . GLU A 1 20  ? 7.322   -9.301  -8.766  1.00 24.47  ? 7   GLU B N   1 
ATOM   166  C CA  . GLU A 1 20  ? 7.444   -9.559  -10.205 1.00 25.34  ? 7   GLU B CA  1 
ATOM   167  C C   . GLU A 1 20  ? 6.800   -8.438  -11.023 1.00 23.32  ? 7   GLU B C   1 
ATOM   168  O O   . GLU A 1 20  ? 7.128   -8.266  -12.198 1.00 23.42  ? 7   GLU B O   1 
ATOM   169  C CB  . GLU A 1 20  ? 6.836   -10.938 -10.583 1.00 25.03  ? 7   GLU B CB  1 
ATOM   170  C CG  . GLU A 1 20  ? 7.571   -12.139 -9.965  1.00 29.31  ? 7   GLU B CG  1 
ATOM   171  C CD  . GLU A 1 20  ? 6.919   -13.500 -10.237 1.00 36.20  ? 7   GLU B CD  1 
ATOM   172  O OE1 . GLU A 1 20  ? 5.859   -13.516 -10.900 1.00 33.97  ? 7   GLU B OE1 1 
ATOM   173  O OE2 . GLU A 1 20  ? 7.497   -14.570 -9.826  1.00 34.66  ? 7   GLU B OE2 1 
ATOM   174  N N   . SER A 1 21  ? 5.851   -7.689  -10.429 1.00 22.75  ? 8   SER B N   1 
ATOM   175  C CA  . SER A 1 21  ? 5.202   -6.571  -11.088 1.00 22.46  ? 8   SER B CA  1 
ATOM   176  C C   . SER A 1 21  ? 6.098   -5.339  -11.102 1.00 24.83  ? 8   SER B C   1 
ATOM   177  O O   . SER A 1 21  ? 5.833   -4.389  -11.847 1.00 24.30  ? 8   SER B O   1 
ATOM   178  C CB  . SER A 1 21  ? 3.892   -6.223  -10.411 1.00 26.08  ? 8   SER B CB  1 
ATOM   179  O OG  . SER A 1 21  ? 4.136   -5.696  -9.099  1.00 24.26  ? 8   SER B OG  1 
ATOM   180  N N   . GLY A 1 22  ? 7.117   -5.294  -10.229 1.00 22.13  ? 9   GLY B N   1 
ATOM   181  C CA  . GLY A 1 22  ? 7.947   -4.100  -10.145 1.00 23.80  ? 9   GLY B CA  1 
ATOM   182  C C   . GLY A 1 22  ? 7.580   -3.186  -8.965  1.00 21.39  ? 9   GLY B C   1 
ATOM   183  O O   . GLY A 1 22  ? 8.318   -2.247  -8.659  1.00 21.32  ? 9   GLY B O   1 
ATOM   184  N N   . LEU A 1 23  ? 6.524   -3.562  -8.264  1.00 22.04  ? 10  LEU B N   1 
ATOM   185  C CA  . LEU A 1 23  ? 6.152   -2.853  -7.024  1.00 22.46  ? 10  LEU B CA  1 
ATOM   186  C C   . LEU A 1 23  ? 7.228   -3.101  -5.968  1.00 25.19  ? 10  LEU B C   1 
ATOM   187  O O   . LEU A 1 23  ? 7.783   -4.195  -5.942  1.00 23.98  ? 10  LEU B O   1 
ATOM   188  C CB  . LEU A 1 23  ? 4.818   -3.414  -6.525  1.00 25.02  ? 10  LEU B CB  1 
ATOM   189  C CG  . LEU A 1 23  ? 4.383   -2.961  -5.132  1.00 25.06  ? 10  LEU B CG  1 
ATOM   190  C CD1 . LEU A 1 23  ? 3.856   -1.536  -5.170  1.00 27.70  ? 10  LEU B CD1 1 
ATOM   191  C CD2 . LEU A 1 23  ? 3.336   -3.900  -4.559  1.00 27.65  ? 10  LEU B CD2 1 
ATOM   192  N N   . LYS A 1 24  ? 7.521   -2.088  -5.157  1.00 24.47  ? 11  LYS B N   1 
ATOM   193  C CA  . LYS A 1 24  ? 8.462   -2.263  -4.024  1.00 25.26  ? 11  LYS B CA  1 
ATOM   194  C C   . LYS A 1 24  ? 7.736   -1.884  -2.732  1.00 24.72  ? 11  LYS B C   1 
ATOM   195  O O   . LYS A 1 24  ? 6.927   -0.952  -2.763  1.00 22.49  ? 11  LYS B O   1 
ATOM   196  C CB  . LYS A 1 24  ? 9.700   -1.387  -4.192  1.00 26.54  ? 11  LYS B CB  1 
ATOM   197  C CG  . LYS A 1 24  ? 10.692  -1.813  -5.262  1.00 29.56  ? 11  LYS B CG  1 
ATOM   198  C CD  . LYS A 1 24  ? 11.925  -0.940  -5.260  1.00 32.56  ? 11  LYS B CD  1 
ATOM   199  C CE  . LYS A 1 24  ? 12.704  -0.985  -6.555  1.00 41.61  ? 11  LYS B CE  1 
ATOM   200  N NZ  . LYS A 1 24  ? 13.448  -2.255  -6.703  1.00 45.02  ? 11  LYS B NZ  1 
ATOM   201  N N   . TYR A 1 25  ? 8.042   -2.573  -1.640  1.00 24.48  ? 12  TYR B N   1 
ATOM   202  C CA  . TYR A 1 25  ? 7.438   -2.221  -0.334  1.00 23.05  ? 12  TYR B CA  1 
ATOM   203  C C   . TYR A 1 25  ? 8.409   -2.545  0.808   1.00 24.74  ? 12  TYR B C   1 
ATOM   204  O O   . TYR A 1 25  ? 9.318   -3.339  0.587   1.00 25.57  ? 12  TYR B O   1 
ATOM   205  C CB  . TYR A 1 25  ? 6.067   -2.891  -0.171  1.00 23.37  ? 12  TYR B CB  1 
ATOM   206  C CG  . TYR A 1 25  ? 6.046   -4.385  0.036   1.00 25.71  ? 12  TYR B CG  1 
ATOM   207  C CD1 . TYR A 1 25  ? 6.313   -4.948  1.273   1.00 25.43  ? 12  TYR B CD1 1 
ATOM   208  C CD2 . TYR A 1 25  ? 5.702   -5.238  -0.998  1.00 31.26  ? 12  TYR B CD2 1 
ATOM   209  C CE1 . TYR A 1 25  ? 6.273   -6.318  1.470   1.00 27.73  ? 12  TYR B CE1 1 
ATOM   210  C CE2 . TYR A 1 25  ? 5.653   -6.609  -0.820  1.00 31.00  ? 12  TYR B CE2 1 
ATOM   211  C CZ  . TYR A 1 25  ? 5.939   -7.151  0.418   1.00 29.81  ? 12  TYR B CZ  1 
ATOM   212  O OH  . TYR A 1 25  ? 5.888   -8.510  0.591   1.00 32.82  ? 12  TYR B OH  1 
ATOM   213  N N   . GLU A 1 26  ? 8.196   -1.939  1.969   1.00 19.65  ? 13  GLU B N   1 
ATOM   214  C CA  . GLU A 1 26  ? 9.019   -2.178  3.174   1.00 21.55  ? 13  GLU B CA  1 
ATOM   215  C C   . GLU A 1 26  ? 8.065   -2.041  4.357   1.00 23.04  ? 13  GLU B C   1 
ATOM   216  O O   . GLU A 1 26  ? 7.313   -1.058  4.381   1.00 23.44  ? 13  GLU B O   1 
ATOM   217  C CB  . GLU A 1 26  ? 10.171  -1.176  3.278   1.00 23.30  ? 13  GLU B CB  1 
ATOM   218  C CG  . GLU A 1 26  ? 10.761  -1.053  4.665   1.00 25.22  ? 13  GLU B CG  1 
ATOM   219  C CD  . GLU A 1 26  ? 11.868  -0.020  4.780   1.00 31.47  ? 13  GLU B CD  1 
ATOM   220  O OE1 . GLU A 1 26  ? 11.981  0.825   3.878   1.00 32.78  ? 13  GLU B OE1 1 
ATOM   221  O OE2 . GLU A 1 26  ? 12.609  -0.066  5.772   1.00 27.94  ? 13  GLU B OE2 1 
ATOM   222  N N   . ASP A 1 27  ? 8.042   -3.037  5.229   1.00 22.57  ? 14  ASP B N   1 
ATOM   223  C CA  . ASP A 1 27  ? 7.218   -2.961  6.464   1.00 24.32  ? 14  ASP B CA  1 
ATOM   224  C C   . ASP A 1 27  ? 7.980   -2.129  7.506   1.00 27.04  ? 14  ASP B C   1 
ATOM   225  O O   . ASP A 1 27  ? 9.023   -2.600  7.963   1.00 24.83  ? 14  ASP B O   1 
ATOM   226  C CB  . ASP A 1 27  ? 6.777   -4.359  6.906   1.00 23.64  ? 14  ASP B CB  1 
ATOM   227  C CG  . ASP A 1 27  ? 5.652   -4.924  6.057   1.00 31.08  ? 14  ASP B CG  1 
ATOM   228  O OD1 . ASP A 1 27  ? 4.759   -4.149  5.684   1.00 27.72  ? 14  ASP B OD1 1 
ATOM   229  O OD2 . ASP A 1 27  ? 5.679   -6.133  5.783   1.00 28.42  ? 14  ASP B OD2 1 
ATOM   230  N N   . LEU A 1 28  ? 7.502   -0.923  7.817   1.00 24.47  ? 15  LEU B N   1 
ATOM   231  C CA  . LEU A 1 28  ? 8.145   -0.032  8.821   1.00 30.49  ? 15  LEU B CA  1 
ATOM   232  C C   . LEU A 1 28  ? 7.789   -0.547  10.220  1.00 32.31  ? 15  LEU B C   1 
ATOM   233  O O   . LEU A 1 28  ? 8.633   -0.439  11.109  1.00 28.62  ? 15  LEU B O   1 
ATOM   234  C CB  . LEU A 1 28  ? 7.679   1.408   8.594   1.00 26.42  ? 15  LEU B CB  1 
ATOM   235  C CG  . LEU A 1 28  ? 7.703   1.899   7.148   1.00 31.05  ? 15  LEU B CG  1 
ATOM   236  C CD1 . LEU A 1 28  ? 7.188   3.325   7.059   1.00 30.34  ? 15  LEU B CD1 1 
ATOM   237  C CD2 . LEU A 1 28  ? 9.103   1.802   6.565   1.00 34.13  ? 15  LEU B CD2 1 
ATOM   238  N N   . THR A 1 29  ? 6.577   -1.069  10.380  1.00 26.82  ? 16  THR B N   1 
ATOM   239  C CA  . THR A 1 29  ? 6.166   -1.715  11.651  1.00 31.52  ? 16  THR B CA  1 
ATOM   240  C C   . THR A 1 29  ? 5.403   -2.996  11.294  1.00 30.08  ? 16  THR B C   1 
ATOM   241  O O   . THR A 1 29  ? 4.529   -2.908  10.431  1.00 31.31  ? 16  THR B O   1 
ATOM   242  C CB  . THR A 1 29  ? 5.326   -0.794  12.553  1.00 36.85  ? 16  THR B CB  1 
ATOM   243  O OG1 . THR A 1 29  ? 3.947   -0.931  12.214  1.00 45.49  ? 16  THR B OG1 1 
ATOM   244  C CG2 . THR A 1 29  ? 5.710   0.665   12.466  1.00 33.91  ? 16  THR B CG2 1 
ATOM   245  N N   . GLU A 1 30  ? 5.744   -4.128  11.904  1.00 29.42  ? 17  GLU B N   1 
ATOM   246  C CA  . GLU A 1 30  ? 4.991   -5.390  11.678  1.00 30.69  ? 17  GLU B CA  1 
ATOM   247  C C   . GLU A 1 30  ? 3.732   -5.416  12.544  1.00 35.15  ? 17  GLU B C   1 
ATOM   248  O O   . GLU A 1 30  ? 3.827   -5.180  13.756  1.00 29.63  ? 17  GLU B O   1 
ATOM   249  C CB  . GLU A 1 30  ? 5.828   -6.632  11.969  1.00 33.37  ? 17  GLU B CB  1 
ATOM   250  C CG  . GLU A 1 30  ? 5.125   -7.935  11.656  1.00 33.48  ? 17  GLU B CG  1 
ATOM   251  C CD  . GLU A 1 30  ? 5.292   -8.411  10.224  1.00 34.87  ? 17  GLU B CD  1 
ATOM   252  O OE1 . GLU A 1 30  ? 4.698   -9.443  9.880   1.00 32.04  ? 17  GLU B OE1 1 
ATOM   253  O OE2 . GLU A 1 30  ? 6.018   -7.752  9.463   1.00 28.50  ? 17  GLU B OE2 1 
ATOM   254  N N   . GLY A 1 31  ? 2.604   -5.743  11.925  1.00 33.73  ? 18  GLY B N   1 
ATOM   255  C CA  . GLY A 1 31  ? 1.338   -5.769  12.663  1.00 32.78  ? 18  GLY B CA  1 
ATOM   256  C C   . GLY A 1 31  ? 1.206   -7.012  13.513  1.00 35.42  ? 18  GLY B C   1 
ATOM   257  O O   . GLY A 1 31  ? 1.813   -8.022  13.150  1.00 31.23  ? 18  GLY B O   1 
ATOM   258  N N   . SER A 1 32  ? 0.434   -6.931  14.589  1.00 34.94  ? 19  SER B N   1 
ATOM   259  C CA  . SER A 1 32  ? 0.144   -8.064  15.468  1.00 42.08  ? 19  SER B CA  1 
ATOM   260  C C   . SER A 1 32  ? -1.119  -8.842  15.097  1.00 42.20  ? 19  SER B C   1 
ATOM   261  O O   . SER A 1 32  ? -1.289  -9.956  15.585  1.00 42.46  ? 19  SER B O   1 
ATOM   262  C CB  . SER A 1 32  ? -0.042  -7.592  16.892  1.00 48.36  ? 19  SER B CB  1 
ATOM   263  O OG  . SER A 1 32  ? 1.123   -6.930  17.367  1.00 63.97  ? 19  SER B OG  1 
ATOM   264  N N   . GLY A 1 33  ? -2.051  -8.197  14.384  1.00 39.74  ? 20  GLY B N   1 
ATOM   265  C CA  . GLY A 1 33  ? -3.380  -8.796  14.162  1.00 39.99  ? 20  GLY B CA  1 
ATOM   266  C C   . GLY A 1 33  ? -3.616  -9.581  12.891  1.00 38.66  ? 20  GLY B C   1 
ATOM   267  O O   . GLY A 1 33  ? -2.651  -10.095 12.332  1.00 40.94  ? 20  GLY B O   1 
ATOM   268  N N   . ALA A 1 34  ? -4.875  -9.651  12.456  1.00 36.40  ? 21  ALA B N   1 
ATOM   269  C CA  . ALA A 1 34  ? -5.266  -10.493 11.298  1.00 39.00  ? 21  ALA B CA  1 
ATOM   270  C C   . ALA A 1 34  ? -4.647  -10.039 9.967   1.00 34.82  ? 21  ALA B C   1 
ATOM   271  O O   . ALA A 1 34  ? -4.293  -8.863  9.860   1.00 31.26  ? 21  ALA B O   1 
ATOM   272  C CB  . ALA A 1 34  ? -6.765  -10.538 11.219  1.00 41.70  ? 21  ALA B CB  1 
ATOM   273  N N   . GLU A 1 35  ? -4.550  -10.960 9.004   1.00 29.79  ? 22  GLU B N   1 
ATOM   274  C CA  . GLU A 1 35  ? -3.900  -10.663 7.705   1.00 36.28  ? 22  GLU B CA  1 
ATOM   275  C C   . GLU A 1 35  ? -4.917  -10.193 6.664   1.00 37.08  ? 22  GLU B C   1 
ATOM   276  O O   . GLU A 1 35  ? -6.008  -10.788 6.599   1.00 34.47  ? 22  GLU B O   1 
ATOM   277  C CB  . GLU A 1 35  ? -3.190  -11.911 7.182   1.00 35.22  ? 22  GLU B CB  1 
ATOM   278  C CG  . GLU A 1 35  ? -2.600  -11.757 5.795   1.00 39.32  ? 22  GLU B CG  1 
ATOM   279  C CD  . GLU A 1 35  ? -1.666  -12.883 5.392   1.00 43.98  ? 22  GLU B CD  1 
ATOM   280  O OE1 . GLU A 1 35  ? -1.249  -13.646 6.276   1.00 51.08  ? 22  GLU B OE1 1 
ATOM   281  O OE2 . GLU A 1 35  ? -1.353  -12.991 4.197   1.00 46.38  ? 22  GLU B OE2 1 
ATOM   282  N N   . ALA A 1 36  ? -4.556  -9.183  5.876   1.00 30.77  ? 23  ALA B N   1 
ATOM   283  C CA  . ALA A 1 36  ? -5.416  -8.704  4.776   1.00 26.78  ? 23  ALA B CA  1 
ATOM   284  C C   . ALA A 1 36  ? -5.369  -9.683  3.596   1.00 29.00  ? 23  ALA B C   1 
ATOM   285  O O   . ALA A 1 36  ? -4.272  -10.015 3.143   1.00 27.30  ? 23  ALA B O   1 
ATOM   286  C CB  . ALA A 1 36  ? -4.971  -7.328  4.369   1.00 28.15  ? 23  ALA B CB  1 
ATOM   287  N N   . ARG A 1 37  ? -6.535  -10.139 3.143   1.00 27.38  ? 24  ARG B N   1 
ATOM   288  C CA  . ARG A 1 37  ? -6.641  -11.096 2.017   1.00 28.57  ? 24  ARG B CA  1 
ATOM   289  C C   . ARG A 1 37  ? -7.682  -10.594 1.007   1.00 26.89  ? 24  ARG B C   1 
ATOM   290  O O   . ARG A 1 37  ? -8.593  -9.859  1.403   1.00 24.37  ? 24  ARG B O   1 
ATOM   291  C CB  . ARG A 1 37  ? -7.029  -12.475 2.552   1.00 38.93  ? 24  ARG B CB  1 
ATOM   292  C CG  . ARG A 1 37  ? -6.127  -12.988 3.666   1.00 45.10  ? 24  ARG B CG  1 
ATOM   293  C CD  . ARG A 1 37  ? -6.715  -14.135 4.464   1.00 56.04  ? 24  ARG B CD  1 
ATOM   294  N NE  . ARG A 1 37  ? -6.570  -13.920 5.897   1.00 64.18  ? 24  ARG B NE  1 
ATOM   295  C CZ  . ARG A 1 37  ? -6.330  -14.871 6.793   1.00 70.37  ? 24  ARG B CZ  1 
ATOM   296  N NH1 . ARG A 1 37  ? -7.065  -14.943 7.889   1.00 66.89  ? 24  ARG B NH1 1 
ATOM   297  N NH2 . ARG A 1 37  ? -5.350  -15.738 6.599   1.00 64.33  ? 24  ARG B NH2 1 
ATOM   298  N N   . ALA A 1 38  ? -7.545  -11.010 -0.249  1.00 25.93  ? 25  ALA B N   1 
ATOM   299  C CA  . ALA A 1 38  ? -8.471  -10.558 -1.311  1.00 28.33  ? 25  ALA B CA  1 
ATOM   300  C C   . ALA A 1 38  ? -9.927  -10.923 -0.984  1.00 31.21  ? 25  ALA B C   1 
ATOM   301  O O   . ALA A 1 38  ? -10.150 -12.033 -0.480  1.00 23.79  ? 25  ALA B O   1 
ATOM   302  C CB  . ALA A 1 38  ? -8.056  -11.147 -2.620  1.00 26.77  ? 25  ALA B CB  1 
ATOM   303  N N   . GLY A 1 39  ? -10.863 -10.003 -1.255  1.00 27.53  ? 26  GLY B N   1 
ATOM   304  C CA  . GLY A 1 39  ? -12.294 -10.242 -0.997  1.00 29.25  ? 26  GLY B CA  1 
ATOM   305  C C   . GLY A 1 39  ? -12.785 -9.523  0.242   1.00 27.67  ? 26  GLY B C   1 
ATOM   306  O O   . GLY A 1 39  ? -14.002 -9.378  0.396   1.00 27.70  ? 26  GLY B O   1 
ATOM   307  N N   . GLN A 1 40  ? -11.858 -9.086  1.091   1.00 24.50  ? 27  GLN B N   1 
ATOM   308  C CA  . GLN A 1 40  ? -12.235 -8.429  2.367   1.00 27.30  ? 27  GLN B CA  1 
ATOM   309  C C   . GLN A 1 40  ? -12.427 -6.924  2.193   1.00 27.98  ? 27  GLN B C   1 
ATOM   310  O O   . GLN A 1 40  ? -11.782 -6.355  1.312   1.00 29.30  ? 27  GLN B O   1 
ATOM   311  C CB  . GLN A 1 40  ? -11.144 -8.595  3.425   1.00 29.11  ? 27  GLN B CB  1 
ATOM   312  C CG  . GLN A 1 40  ? -10.923 -10.016 3.916   1.00 31.19  ? 27  GLN B CG  1 
ATOM   313  C CD  . GLN A 1 40  ? -9.709  -10.082 4.812   1.00 32.54  ? 27  GLN B CD  1 
ATOM   314  O OE1 . GLN A 1 40  ? -8.834  -9.224  4.765   1.00 30.77  ? 27  GLN B OE1 1 
ATOM   315  N NE2 . GLN A 1 40  ? -9.651  -11.106 5.646   1.00 39.58  ? 27  GLN B NE2 1 
ATOM   316  N N   . THR A 1 41  ? -13.267 -6.323  3.033   1.00 26.47  ? 28  THR B N   1 
ATOM   317  C CA  . THR A 1 41  ? -13.404 -4.844  3.035   1.00 27.10  ? 28  THR B CA  1 
ATOM   318  C C   . THR A 1 41  ? -12.404 -4.327  4.078   1.00 27.68  ? 28  THR B C   1 
ATOM   319  O O   . THR A 1 41  ? -12.609 -4.598  5.259   1.00 29.74  ? 28  THR B O   1 
ATOM   320  C CB  . THR A 1 41  ? -14.864 -4.394  3.209   1.00 32.10  ? 28  THR B CB  1 
ATOM   321  O OG1 . THR A 1 41  ? -15.643 -4.945  2.149   1.00 32.85  ? 28  THR B OG1 1 
ATOM   322  C CG2 . THR A 1 41  ? -15.011 -2.890  3.224   1.00 36.33  ? 28  THR B CG2 1 
ATOM   323  N N   . VAL A 1 42  ? -11.348 -3.652  3.635   1.00 28.00  ? 29  VAL B N   1 
ATOM   324  C CA  . VAL A 1 42  ? -10.269 -3.216  4.570   1.00 28.90  ? 29  VAL B CA  1 
ATOM   325  C C   . VAL A 1 42  ? -10.345 -1.708  4.845   1.00 27.62  ? 29  VAL B C   1 
ATOM   326  O O   . VAL A 1 42  ? -10.796 -0.994  3.963   1.00 27.08  ? 29  VAL B O   1 
ATOM   327  C CB  . VAL A 1 42  ? -8.887  -3.656  4.045   1.00 28.08  ? 29  VAL B CB  1 
ATOM   328  C CG1 . VAL A 1 42  ? -8.792  -5.165  3.894   1.00 26.44  ? 29  VAL B CG1 1 
ATOM   329  C CG2 . VAL A 1 42  ? -8.525  -2.964  2.744   1.00 29.39  ? 29  VAL B CG2 1 
ATOM   330  N N   . SER A 1 43  ? -9.912  -1.279  6.034   1.00 25.67  ? 30  SER B N   1 
ATOM   331  C CA  . SER A 1 43  ? -9.903  0.151   6.445   1.00 28.42  ? 30  SER B CA  1 
ATOM   332  C C   . SER A 1 43  ? -8.475  0.586   6.803   1.00 25.04  ? 30  SER B C   1 
ATOM   333  O O   . SER A 1 43  ? -7.806  -0.166  7.534   1.00 27.56  ? 30  SER B O   1 
ATOM   334  C CB  . SER A 1 43  ? -10.874 0.416   7.577   1.00 29.79  ? 30  SER B CB  1 
ATOM   335  O OG  . SER A 1 43  ? -12.185 0.004   7.236   1.00 38.40  ? 30  SER B OG  1 
ATOM   336  N N   . VAL A 1 44  ? -8.059  1.783   6.366   1.00 28.85  ? 31  VAL B N   1 
ATOM   337  C CA  . VAL A 1 44  ? -6.638  2.207   6.532   1.00 26.40  ? 31  VAL B CA  1 
ATOM   338  C C   . VAL A 1 44  ? -6.457  3.709   6.748   1.00 30.89  ? 31  VAL B C   1 
ATOM   339  O O   . VAL A 1 44  ? -7.403  4.458   6.484   1.00 29.66  ? 31  VAL B O   1 
ATOM   340  C CB  . VAL A 1 44  ? -5.843  1.841   5.263   1.00 27.12  ? 31  VAL B CB  1 
ATOM   341  C CG1 . VAL A 1 44  ? -6.010  0.393   4.830   1.00 28.25  ? 31  VAL B CG1 1 
ATOM   342  C CG2 . VAL A 1 44  ? -6.123  2.793   4.112   1.00 27.69  ? 31  VAL B CG2 1 
ATOM   343  N N   . HIS A 1 45  ? -5.283  4.120   7.233   1.00 29.20  ? 32  HIS B N   1 
ATOM   344  C CA  . HIS A 1 45  ? -4.919  5.559   7.244   1.00 29.89  ? 32  HIS B CA  1 
ATOM   345  C C   . HIS A 1 45  ? -3.756  5.653   6.247   1.00 30.14  ? 32  HIS B C   1 
ATOM   346  O O   . HIS A 1 45  ? -3.115  4.619   6.022   1.00 27.91  ? 32  HIS B O   1 
ATOM   347  C CB  . HIS A 1 45  ? -4.541  6.057   8.638   1.00 37.06  ? 32  HIS B CB  1 
ATOM   348  C CG  . HIS A 1 45  ? -5.676  6.475   9.506   1.00 39.74  ? 32  HIS B CG  1 
ATOM   349  N ND1 . HIS A 1 45  ? -5.571  6.494   10.879  1.00 49.75  ? 32  HIS B ND1 1 
ATOM   350  C CD2 . HIS A 1 45  ? -6.915  6.880   9.227   1.00 44.33  ? 32  HIS B CD2 1 
ATOM   351  C CE1 . HIS A 1 45  ? -6.718  6.897   11.399  1.00 42.26  ? 32  HIS B CE1 1 
ATOM   352  N NE2 . HIS A 1 45  ? -7.548  7.138   10.413  1.00 48.49  ? 32  HIS B NE2 1 
ATOM   353  N N   . TYR A 1 46  ? -3.517  6.815   5.643   1.00 26.94  ? 33  TYR B N   1 
ATOM   354  C CA  . TYR A 1 46  ? -2.450  6.894   4.621   1.00 29.21  ? 33  TYR B CA  1 
ATOM   355  C C   . TYR A 1 46  ? -1.932  8.311   4.368   1.00 32.04  ? 33  TYR B C   1 
ATOM   356  O O   . TYR A 1 46  ? -2.616  9.267   4.737   1.00 26.76  ? 33  TYR B O   1 
ATOM   357  C CB  . TYR A 1 46  ? -2.926  6.356   3.267   1.00 32.10  ? 33  TYR B CB  1 
ATOM   358  C CG  . TYR A 1 46  ? -3.917  7.211   2.516   1.00 31.52  ? 33  TYR B CG  1 
ATOM   359  C CD1 . TYR A 1 46  ? -5.278  7.072   2.723   1.00 33.49  ? 33  TYR B CD1 1 
ATOM   360  C CD2 . TYR A 1 46  ? -3.499  8.141   1.579   1.00 33.60  ? 33  TYR B CD2 1 
ATOM   361  C CE1 . TYR A 1 46  ? -6.197  7.847   2.038   1.00 32.63  ? 33  TYR B CE1 1 
ATOM   362  C CE2 . TYR A 1 46  ? -4.402  8.927   0.886   1.00 29.94  ? 33  TYR B CE2 1 
ATOM   363  C CZ  . TYR A 1 46  ? -5.757  8.778   1.115   1.00 33.67  ? 33  TYR B CZ  1 
ATOM   364  O OH  . TYR A 1 46  ? -6.663  9.546   0.434   1.00 32.14  ? 33  TYR B OH  1 
ATOM   365  N N   . THR A 1 47  ? -0.752  8.407   3.754   1.00 26.58  ? 34  THR B N   1 
ATOM   366  C CA  . THR A 1 47  ? -0.201  9.706   3.287   1.00 25.87  ? 34  THR B CA  1 
ATOM   367  C C   . THR A 1 47  ? 0.481   9.402   1.949   1.00 25.78  ? 34  THR B C   1 
ATOM   368  O O   . THR A 1 47  ? 1.116   8.348   1.849   1.00 25.10  ? 34  THR B O   1 
ATOM   369  C CB  . THR A 1 47  ? 0.694   10.426  4.316   1.00 28.02  ? 34  THR B CB  1 
ATOM   370  O OG1 . THR A 1 47  ? 0.011   10.557  5.563   1.00 27.25  ? 34  THR B OG1 1 
ATOM   371  C CG2 . THR A 1 47  ? 1.126   11.794  3.841   1.00 28.04  ? 34  THR B CG2 1 
ATOM   372  N N   . GLY A 1 48  ? 0.280   10.260  0.956   1.00 22.64  ? 35  GLY B N   1 
ATOM   373  C CA  . GLY A 1 48  ? 0.879   10.042  -0.372  1.00 25.81  ? 35  GLY B CA  1 
ATOM   374  C C   . GLY A 1 48  ? 1.795   11.180  -0.783  1.00 28.77  ? 35  GLY B C   1 
ATOM   375  O O   . GLY A 1 48  ? 1.419   12.333  -0.567  1.00 31.61  ? 35  GLY B O   1 
ATOM   376  N N   . TRP A 1 49  ? 2.948   10.859  -1.358  1.00 27.99  ? 36  TRP B N   1 
ATOM   377  C CA  . TRP A 1 49  ? 3.906   11.898  -1.806  1.00 30.31  ? 36  TRP B CA  1 
ATOM   378  C C   . TRP A 1 49  ? 4.485   11.627  -3.199  1.00 32.84  ? 36  TRP B C   1 
ATOM   379  O O   . TRP A 1 49  ? 4.532   10.466  -3.617  1.00 25.65  ? 36  TRP B O   1 
ATOM   380  C CB  . TRP A 1 49  ? 5.101   12.024  -0.854  1.00 34.14  ? 36  TRP B CB  1 
ATOM   381  C CG  . TRP A 1 49  ? 4.876   12.238  0.608   1.00 31.60  ? 36  TRP B CG  1 
ATOM   382  C CD1 . TRP A 1 49  ? 4.856   13.428  1.275   1.00 37.10  ? 36  TRP B CD1 1 
ATOM   383  C CD2 . TRP A 1 49  ? 4.776   11.215  1.612   1.00 29.72  ? 36  TRP B CD2 1 
ATOM   384  N NE1 . TRP A 1 49  ? 4.697   13.217  2.616   1.00 33.91  ? 36  TRP B NE1 1 
ATOM   385  C CE2 . TRP A 1 49  ? 4.641   11.869  2.853   1.00 34.11  ? 36  TRP B CE2 1 
ATOM   386  C CE3 . TRP A 1 49  ? 4.750   9.818   1.577   1.00 32.14  ? 36  TRP B CE3 1 
ATOM   387  C CZ2 . TRP A 1 49  ? 4.490   11.169  4.047   1.00 31.89  ? 36  TRP B CZ2 1 
ATOM   388  C CZ3 . TRP A 1 49  ? 4.599   9.128   2.757   1.00 35.92  ? 36  TRP B CZ3 1 
ATOM   389  C CH2 . TRP A 1 49  ? 4.471   9.796   3.972   1.00 32.61  ? 36  TRP B CH2 1 
ATOM   390  N N   . LEU A 1 50  ? 4.948   12.680  -3.866  1.00 32.72  ? 37  LEU B N   1 
ATOM   391  C CA  . LEU A 1 50  ? 5.711   12.505  -5.124  1.00 34.03  ? 37  LEU B CA  1 
ATOM   392  C C   . LEU A 1 50  ? 7.143   12.207  -4.659  1.00 35.09  ? 37  LEU B C   1 
ATOM   393  O O   . LEU A 1 50  ? 7.418   12.447  -3.481  1.00 35.22  ? 37  LEU B O   1 
ATOM   394  C CB  . LEU A 1 50  ? 5.655   13.794  -5.949  1.00 32.19  ? 37  LEU B CB  1 
ATOM   395  C CG  . LEU A 1 50  ? 4.605   13.907  -7.053  1.00 36.30  ? 37  LEU B CG  1 
ATOM   396  C CD1 . LEU A 1 50  ? 3.362   13.093  -6.754  1.00 31.78  ? 37  LEU B CD1 1 
ATOM   397  C CD2 . LEU A 1 50  ? 4.240   15.362  -7.289  1.00 38.18  ? 37  LEU B CD2 1 
ATOM   398  N N   . THR A 1 51  ? 8.019   11.720  -5.535  1.00 36.61  ? 38  THR B N   1 
ATOM   399  C CA  . THR A 1 51  ? 9.384   11.290  -5.123  1.00 45.63  ? 38  THR B CA  1 
ATOM   400  C C   . THR A 1 51  ? 10.149  12.480  -4.541  1.00 49.39  ? 38  THR B C   1 
ATOM   401  O O   . THR A 1 51  ? 10.963  12.265  -3.639  1.00 52.22  ? 38  THR B O   1 
ATOM   402  C CB  . THR A 1 51  ? 10.105  10.625  -6.305  1.00 47.86  ? 38  THR B CB  1 
ATOM   403  O OG1 . THR A 1 51  ? 9.986   11.465  -7.452  1.00 43.46  ? 38  THR B OG1 1 
ATOM   404  C CG2 . THR A 1 51  ? 9.547   9.256   -6.625  1.00 42.45  ? 38  THR B CG2 1 
ATOM   405  N N   . ASP A 1 52  ? 9.871   13.677  -5.038  1.00 48.17  ? 39  ASP B N   1 
ATOM   406  C CA  . ASP A 1 52  ? 10.549  14.897  -4.599  1.00 51.63  ? 39  ASP B CA  1 
ATOM   407  C C   . ASP A 1 52  ? 10.001  15.472  -3.288  1.00 56.01  ? 39  ASP B C   1 
ATOM   408  O O   . ASP A 1 52  ? 10.495  16.488  -2.823  1.00 61.11  ? 39  ASP B O   1 
ATOM   409  C CB  . ASP A 1 52  ? 10.491  15.984  -5.668  1.00 48.20  ? 39  ASP B CB  1 
ATOM   410  C CG  . ASP A 1 52  ? 9.120   16.568  -5.968  1.00 55.17  ? 39  ASP B CG  1 
ATOM   411  O OD1 . ASP A 1 52  ? 8.187   16.441  -5.139  1.00 56.58  ? 39  ASP B OD1 1 
ATOM   412  O OD2 . ASP A 1 52  ? 8.994   17.160  -7.038  1.00 54.01  ? 39  ASP B OD2 1 
ATOM   413  N N   . GLY A 1 53  ? 9.012   14.841  -2.655  1.00 51.22  ? 40  GLY B N   1 
ATOM   414  C CA  . GLY A 1 53  ? 8.565   15.299  -1.324  1.00 44.32  ? 40  GLY B CA  1 
ATOM   415  C C   . GLY A 1 53  ? 7.258   16.066  -1.285  1.00 36.21  ? 40  GLY B C   1 
ATOM   416  O O   . GLY A 1 53  ? 6.760   16.296  -0.177  1.00 35.54  ? 40  GLY B O   1 
ATOM   417  N N   . GLN A 1 54  ? 6.735   16.465  -2.438  1.00 37.35  ? 41  GLN B N   1 
ATOM   418  C CA  . GLN A 1 54  ? 5.416   17.150  -2.487  1.00 38.03  ? 41  GLN B CA  1 
ATOM   419  C C   . GLN A 1 54  ? 4.292   16.190  -2.071  1.00 41.91  ? 41  GLN B C   1 
ATOM   420  O O   . GLN A 1 54  ? 4.089   15.194  -2.778  1.00 32.12  ? 41  GLN B O   1 
ATOM   421  C CB  . GLN A 1 54  ? 5.169   17.708  -3.888  1.00 41.21  ? 41  GLN B CB  1 
ATOM   422  C CG  . GLN A 1 54  ? 3.803   18.353  -4.057  1.00 52.02  ? 41  GLN B CG  1 
ATOM   423  C CD  . GLN A 1 54  ? 3.597   18.892  -5.452  1.00 64.09  ? 41  GLN B CD  1 
ATOM   424  O OE1 . GLN A 1 54  ? 4.530   18.990  -6.246  1.00 66.11  ? 41  GLN B OE1 1 
ATOM   425  N NE2 . GLN A 1 54  ? 2.363   19.249  -5.761  1.00 54.62  ? 41  GLN B NE2 1 
ATOM   426  N N   . LYS A 1 55  ? 3.578   16.509  -0.987  1.00 38.33  ? 42  LYS B N   1 
ATOM   427  C CA  . LYS A 1 55  ? 2.417   15.683  -0.563  1.00 39.25  ? 42  LYS B CA  1 
ATOM   428  C C   . LYS A 1 55  ? 1.214   16.039  -1.434  1.00 39.98  ? 42  LYS B C   1 
ATOM   429  O O   . LYS A 1 55  ? 1.041   17.224  -1.724  1.00 43.79  ? 42  LYS B O   1 
ATOM   430  C CB  . LYS A 1 55  ? 2.111   15.872  0.923   1.00 36.40  ? 42  LYS B CB  1 
ATOM   431  C CG  . LYS A 1 55  ? 0.928   15.074  1.454   1.00 42.04  ? 42  LYS B CG  1 
ATOM   432  C CD  . LYS A 1 55  ? 0.718   15.225  2.941   1.00 46.96  ? 42  LYS B CD  1 
ATOM   433  C CE  . LYS A 1 55  ? 0.522   16.661  3.377   1.00 55.73  ? 42  LYS B CE  1 
ATOM   434  N NZ  . LYS A 1 55  ? -0.146  16.742  4.696   1.00 65.71  ? 42  LYS B NZ  1 
ATOM   435  N N   . PHE A 1 56  ? 0.436   15.031  -1.833  1.00 30.00  ? 43  PHE B N   1 
ATOM   436  C CA  . PHE A 1 56  ? -0.723  15.274  -2.725  1.00 30.00  ? 43  PHE B CA  1 
ATOM   437  C C   . PHE A 1 56  ? -2.040  14.901  -2.032  1.00 30.00  ? 43  PHE B C   1 
ATOM   438  O O   . PHE A 1 56  ? -3.079  15.417  -2.453  1.00 30.00  ? 43  PHE B O   1 
ATOM   439  C CB  . PHE A 1 56  ? -0.528  14.562  -4.065  1.00 30.00  ? 43  PHE B CB  1 
ATOM   440  C CG  . PHE A 1 56  ? -0.285  13.076  -4.005  1.00 30.00  ? 43  PHE B CG  1 
ATOM   441  C CD1 . PHE A 1 56  ? -1.315  12.196  -3.716  1.00 30.00  ? 43  PHE B CD1 1 
ATOM   442  C CD2 . PHE A 1 56  ? 0.969   12.553  -4.269  1.00 30.00  ? 43  PHE B CD2 1 
ATOM   443  C CE1 . PHE A 1 56  ? -1.089  10.831  -3.673  1.00 30.00  ? 43  PHE B CE1 1 
ATOM   444  C CE2 . PHE A 1 56  ? 1.192   11.188  -4.231  1.00 30.00  ? 43  PHE B CE2 1 
ATOM   445  C CZ  . PHE A 1 56  ? 0.164   10.329  -3.933  1.00 30.00  ? 43  PHE B CZ  1 
ATOM   446  N N   . ASP A 1 57  ? -1.977  14.063  -0.986  1.00 34.12  ? 44  ASP B N   1 
ATOM   447  C CA  . ASP A 1 57  ? -3.204  13.659  -0.238  1.00 35.69  ? 44  ASP B CA  1 
ATOM   448  C C   . ASP A 1 57  ? -2.868  12.938  1.072   1.00 39.47  ? 44  ASP B C   1 
ATOM   449  O O   . ASP A 1 57  ? -1.736  12.459  1.190   1.00 39.41  ? 44  ASP B O   1 
ATOM   450  C CB  . ASP A 1 57  ? -4.160  12.825  -1.109  1.00 40.63  ? 44  ASP B CB  1 
ATOM   451  C CG  . ASP A 1 57  ? -5.604  12.840  -0.640  1.00 45.18  ? 44  ASP B CG  1 
ATOM   452  O OD1 . ASP A 1 57  ? -5.958  13.738  0.142   1.00 45.76  ? 44  ASP B OD1 1 
ATOM   453  O OD2 . ASP A 1 57  ? -6.360  11.951  -1.059  1.00 48.44  ? 44  ASP B OD2 1 
ATOM   454  N N   . SER A 1 58  ? -3.824  12.894  2.003   1.00 34.62  ? 45  SER B N   1 
ATOM   455  C CA  . SER A 1 58  ? -3.658  12.181  3.296   1.00 40.26  ? 45  SER B CA  1 
ATOM   456  C C   . SER A 1 58  ? -5.029  11.800  3.878   1.00 44.16  ? 45  SER B C   1 
ATOM   457  O O   . SER A 1 58  ? -6.001  12.540  3.659   1.00 36.36  ? 45  SER B O   1 
ATOM   458  C CB  . SER A 1 58  ? -2.863  12.980  4.284   1.00 39.35  ? 45  SER B CB  1 
ATOM   459  O OG  . SER A 1 58  ? -2.826  12.318  5.537   1.00 48.51  ? 45  SER B OG  1 
ATOM   460  N N   . SER A 1 59  ? -5.047  10.764  4.714   1.00 30.00  ? 46  SER B N   1 
ATOM   461  C CA  . SER A 1 59  ? -6.265  10.408  5.476   1.00 30.00  ? 46  SER B CA  1 
ATOM   462  C C   . SER A 1 59  ? -6.330  11.333  6.699   1.00 30.00  ? 46  SER B C   1 
ATOM   463  O O   . SER A 1 59  ? -5.993  10.886  7.810   1.00 30.00  ? 46  SER B O   1 
ATOM   464  C CB  . SER A 1 59  ? -6.203  8.989   5.898   1.00 30.00  ? 46  SER B CB  1 
ATOM   465  O OG  . SER A 1 59  ? -5.121  8.789   6.788   1.00 30.00  ? 46  SER B OG  1 
ATOM   466  N N   . LYS A 1 60  ? -6.702  12.595  6.498   1.00 83.77  ? 47  LYS B N   1 
ATOM   467  C CA  . LYS A 1 60  ? -6.775  13.593  7.594   1.00 87.17  ? 47  LYS B CA  1 
ATOM   468  C C   . LYS A 1 60  ? -7.974  13.324  8.509   1.00 102.94 ? 47  LYS B C   1 
ATOM   469  O O   . LYS A 1 60  ? -9.012  12.875  8.002   1.00 104.49 ? 47  LYS B O   1 
ATOM   470  C CB  . LYS A 1 60  ? -6.867  14.992  6.981   1.00 91.83  ? 47  LYS B CB  1 
ATOM   471  C CG  . LYS A 1 60  ? -8.209  15.369  6.364   1.00 90.80  ? 47  LYS B CG  1 
ATOM   472  C CD  . LYS A 1 60  ? -8.417  14.828  4.963   1.00 91.91  ? 47  LYS B CD  1 
ATOM   473  C CE  . LYS A 1 60  ? -9.666  13.984  4.831   1.00 86.72  ? 47  LYS B CE  1 
ATOM   474  N NZ  . LYS A 1 60  ? -9.381  12.538  4.988   1.00 81.37  ? 47  LYS B NZ  1 
ATOM   475  N N   . ASP A 1 61  ? -7.826  13.592  9.808   1.00 130.05 ? 48  ASP B N   1 
ATOM   476  C CA  . ASP A 1 61  ? -8.928  13.427  10.805  1.00 140.48 ? 48  ASP B CA  1 
ATOM   477  C C   . ASP A 1 61  ? -10.307 13.290  10.155  1.00 155.69 ? 48  ASP B C   1 
ATOM   478  O O   . ASP A 1 61  ? -10.784 12.143  10.023  1.00 166.86 ? 48  ASP B O   1 
ATOM   479  C CB  . ASP A 1 61  ? -8.928  14.578  11.815  1.00 130.47 ? 48  ASP B CB  1 
ATOM   480  C CG  . ASP A 1 61  ? -7.530  14.950  12.281  1.00 122.02 ? 48  ASP B CG  1 
ATOM   481  O OD1 . ASP A 1 61  ? -6.644  14.070  12.234  1.00 123.60 ? 48  ASP B OD1 1 
ATOM   482  O OD2 . ASP A 1 61  ? -7.332  16.115  12.683  1.00 104.98 ? 48  ASP B OD2 1 
ATOM   483  N N   . ARG A 1 62  ? -10.981 14.412  9.886   1.00 159.13 ? 49  ARG B N   1 
ATOM   484  C CA  . ARG A 1 62  ? -12.361 14.351  9.344   1.00 149.03 ? 49  ARG B CA  1 
ATOM   485  C C   . ARG A 1 62  ? -13.132 13.253  10.072  1.00 152.56 ? 49  ARG B C   1 
ATOM   486  O O   . ARG A 1 62  ? -13.295 13.355  11.302  1.00 152.87 ? 49  ARG B O   1 
ATOM   487  C CB  . ARG A 1 62  ? -12.320 14.047  7.847   1.00 139.72 ? 49  ARG B CB  1 
ATOM   488  C CG  . ARG A 1 62  ? -13.501 14.610  7.073   1.00 136.33 ? 49  ARG B CG  1 
ATOM   489  C CD  . ARG A 1 62  ? -13.990 15.921  7.658   1.00 130.37 ? 49  ARG B CD  1 
ATOM   490  N NE  . ARG A 1 62  ? -14.165 16.941  6.636   1.00 123.35 ? 49  ARG B NE  1 
ATOM   491  C CZ  . ARG A 1 62  ? -14.325 16.692  5.342   1.00 116.18 ? 49  ARG B CZ  1 
ATOM   492  N NH1 . ARG A 1 62  ? -13.283 16.724  4.529   1.00 116.19 ? 49  ARG B NH1 1 
ATOM   493  N NH2 . ARG A 1 62  ? -15.526 16.419  4.864   1.00 115.68 ? 49  ARG B NH2 1 
ATOM   494  N N   . ASN A 1 63  ? -13.602 12.251  9.329   1.00 150.46 ? 50  ASN B N   1 
ATOM   495  C CA  . ASN A 1 63  ? -14.354 11.120  9.925   1.00 137.43 ? 50  ASN B CA  1 
ATOM   496  C C   . ASN A 1 63  ? -13.766 9.841   9.340   1.00 119.60 ? 50  ASN B C   1 
ATOM   497  O O   . ASN A 1 63  ? -14.485 8.826   9.320   1.00 117.31 ? 50  ASN B O   1 
ATOM   498  C CB  . ASN A 1 63  ? -15.854 11.222  9.636   1.00 136.68 ? 50  ASN B CB  1 
ATOM   499  C CG  . ASN A 1 63  ? -16.337 12.643  9.430   1.00 129.60 ? 50  ASN B CG  1 
ATOM   500  O OD1 . ASN A 1 63  ? -16.445 13.411  10.383  1.00 121.47 ? 50  ASN B OD1 1 
ATOM   501  N ND2 . ASN A 1 63  ? -16.638 12.998  8.192   1.00 123.90 ? 50  ASN B ND2 1 
ATOM   502  N N   . ASP A 1 64  ? -12.526 9.911   8.850   1.00 105.86 ? 51  ASP B N   1 
ATOM   503  C CA  . ASP A 1 64  ? -11.898 8.751   8.160   1.00 90.23  ? 51  ASP B CA  1 
ATOM   504  C C   . ASP A 1 64  ? -11.836 7.554   9.119   1.00 73.71  ? 51  ASP B C   1 
ATOM   505  O O   . ASP A 1 64  ? -11.902 7.771   10.339  1.00 85.13  ? 51  ASP B O   1 
ATOM   506  C CB  . ASP A 1 64  ? -10.576 9.204   7.536   1.00 89.56  ? 51  ASP B CB  1 
ATOM   507  C CG  . ASP A 1 64  ? -9.424  9.355   8.516   1.00 100.75 ? 51  ASP B CG  1 
ATOM   508  O OD1 . ASP A 1 64  ? -8.276  9.280   8.059   1.00 106.84 ? 51  ASP B OD1 1 
ATOM   509  O OD2 . ASP A 1 64  ? -9.676  9.551   9.718   1.00 95.14  ? 51  ASP B OD2 1 
ATOM   510  N N   . PRO A 1 65  ? -11.728 6.304   8.649   1.00 53.65  ? 52  PRO B N   1 
ATOM   511  C CA  . PRO A 1 65  ? -10.648 5.906   7.760   1.00 48.27  ? 52  PRO B CA  1 
ATOM   512  C C   . PRO A 1 65  ? -11.028 5.715   6.287   1.00 40.09  ? 52  PRO B C   1 
ATOM   513  O O   . PRO A 1 65  ? -12.158 5.940   5.949   1.00 43.22  ? 52  PRO B O   1 
ATOM   514  C CB  . PRO A 1 65  ? -10.319 4.547   8.372   1.00 45.42  ? 52  PRO B CB  1 
ATOM   515  C CG  . PRO A 1 65  ? -11.658 3.978   8.783   1.00 53.10  ? 52  PRO B CG  1 
ATOM   516  C CD  . PRO A 1 65  ? -12.542 5.171   9.078   1.00 50.48  ? 52  PRO B CD  1 
ATOM   517  N N   . PHE A 1 66  ? -10.059 5.339   5.457   1.00 35.06  ? 53  PHE B N   1 
ATOM   518  C CA  . PHE A 1 66  ? -10.330 5.027   4.031   1.00 32.32  ? 53  PHE B CA  1 
ATOM   519  C C   . PHE A 1 66  ? -10.593 3.523   3.898   1.00 28.52  ? 53  PHE B C   1 
ATOM   520  O O   . PHE A 1 66  ? -9.795  2.752   4.413   1.00 32.50  ? 53  PHE B O   1 
ATOM   521  C CB  . PHE A 1 66  ? -9.144  5.449   3.164   1.00 30.84  ? 53  PHE B CB  1 
ATOM   522  C CG  . PHE A 1 66  ? -9.301  5.173   1.692   1.00 29.54  ? 53  PHE B CG  1 
ATOM   523  C CD1 . PHE A 1 66  ? -10.060 6.009   0.891   1.00 30.29  ? 53  PHE B CD1 1 
ATOM   524  C CD2 . PHE A 1 66  ? -8.693  4.076   1.106   1.00 27.21  ? 53  PHE B CD2 1 
ATOM   525  C CE1 . PHE A 1 66  ? -10.205 5.756   -0.462  1.00 31.37  ? 53  PHE B CE1 1 
ATOM   526  C CE2 . PHE A 1 66  ? -8.842  3.821   -0.246  1.00 26.03  ? 53  PHE B CE2 1 
ATOM   527  C CZ  . PHE A 1 66  ? -9.596  4.661   -1.028  1.00 31.00  ? 53  PHE B CZ  1 
ATOM   528  N N   . ALA A 1 67  ? -11.664 3.128   3.221   1.00 29.49  ? 54  ALA B N   1 
ATOM   529  C CA  . ALA A 1 67  ? -12.004 1.690   3.124   1.00 27.46  ? 54  ALA B CA  1 
ATOM   530  C C   . ALA A 1 67  ? -12.255 1.244   1.678   1.00 30.22  ? 54  ALA B C   1 
ATOM   531  O O   . ALA A 1 67  ? -12.801 2.044   0.896   1.00 29.97  ? 54  ALA B O   1 
ATOM   532  C CB  . ALA A 1 67  ? -13.170 1.360   4.000   1.00 34.41  ? 54  ALA B CB  1 
ATOM   533  N N   . PHE A 1 68  ? -11.876 0.004   1.359   1.00 24.01  ? 55  PHE B N   1 
ATOM   534  C CA  . PHE A 1 68  ? -12.028 -0.537  -0.013  1.00 25.35  ? 55  PHE B CA  1 
ATOM   535  C C   . PHE A 1 68  ? -12.062 -2.077  -0.027  1.00 26.39  ? 55  PHE B C   1 
ATOM   536  O O   . PHE A 1 68  ? -11.597 -2.689  0.933   1.00 27.37  ? 55  PHE B O   1 
ATOM   537  C CB  . PHE A 1 68  ? -10.933 0.016   -0.924  1.00 28.06  ? 55  PHE B CB  1 
ATOM   538  C CG  . PHE A 1 68  ? -9.524  -0.421  -0.615  1.00 25.25  ? 55  PHE B CG  1 
ATOM   539  C CD1 . PHE A 1 68  ? -8.821  0.139   0.438   1.00 27.38  ? 55  PHE B CD1 1 
ATOM   540  C CD2 . PHE A 1 68  ? -8.885  -1.365  -1.401  1.00 25.78  ? 55  PHE B CD2 1 
ATOM   541  C CE1 . PHE A 1 68  ? -7.522  -0.255  0.713   1.00 28.05  ? 55  PHE B CE1 1 
ATOM   542  C CE2 . PHE A 1 68  ? -7.587  -1.758  -1.123  1.00 28.18  ? 55  PHE B CE2 1 
ATOM   543  C CZ  . PHE A 1 68  ? -6.909  -1.203  -0.069  1.00 26.11  ? 55  PHE B CZ  1 
ATOM   544  N N   . VAL A 1 69  ? -12.607 -2.661  -1.099  1.00 23.93  ? 56  VAL B N   1 
ATOM   545  C CA  . VAL A 1 69  ? -12.703 -4.143  -1.242  1.00 26.22  ? 56  VAL B CA  1 
ATOM   546  C C   . VAL A 1 69  ? -11.414 -4.663  -1.885  1.00 23.72  ? 56  VAL B C   1 
ATOM   547  O O   . VAL A 1 69  ? -11.243 -4.449  -3.090  1.00 26.32  ? 56  VAL B O   1 
ATOM   548  C CB  . VAL A 1 69  ? -13.949 -4.556  -2.050  1.00 26.64  ? 56  VAL B CB  1 
ATOM   549  C CG1 . VAL A 1 69  ? -14.012 -6.058  -2.268  1.00 30.31  ? 56  VAL B CG1 1 
ATOM   550  C CG2 . VAL A 1 69  ? -15.227 -4.044  -1.407  1.00 27.94  ? 56  VAL B CG2 1 
ATOM   551  N N   . LEU A 1 70  ? -10.573 -5.340  -1.110  1.00 24.69  ? 57  LEU B N   1 
ATOM   552  C CA  . LEU A 1 70  ? -9.247  -5.797  -1.595  1.00 22.90  ? 57  LEU B CA  1 
ATOM   553  C C   . LEU A 1 70  ? -9.355  -6.703  -2.829  1.00 23.77  ? 57  LEU B C   1 
ATOM   554  O O   . LEU A 1 70  ? -10.043 -7.708  -2.752  1.00 25.29  ? 57  LEU B O   1 
ATOM   555  C CB  . LEU A 1 70  ? -8.537  -6.497  -0.433  1.00 27.04  ? 57  LEU B CB  1 
ATOM   556  C CG  . LEU A 1 70  ? -7.012  -6.517  -0.488  1.00 26.68  ? 57  LEU B CG  1 
ATOM   557  C CD1 . LEU A 1 70  ? -6.452  -5.167  -0.909  1.00 27.01  ? 57  LEU B CD1 1 
ATOM   558  C CD2 . LEU A 1 70  ? -6.431  -6.939  0.852   1.00 29.87  ? 57  LEU B CD2 1 
ATOM   559  N N   . GLY A 1 71  ? -8.649  -6.342  -3.901  1.00 25.31  ? 58  GLY B N   1 
ATOM   560  C CA  . GLY A 1 71  ? -8.628  -7.135  -5.140  1.00 24.59  ? 58  GLY B CA  1 
ATOM   561  C C   . GLY A 1 71  ? -9.788  -6.804  -6.050  1.00 25.63  ? 58  GLY B C   1 
ATOM   562  O O   . GLY A 1 71  ? -9.909  -7.464  -7.090  1.00 24.79  ? 58  GLY B O   1 
ATOM   563  N N   . GLY A 1 72  ? -10.556 -5.766  -5.712  1.00 25.66  ? 59  GLY B N   1 
ATOM   564  C CA  . GLY A 1 72  ? -11.770 -5.501  -6.461  1.00 24.66  ? 59  GLY B CA  1 
ATOM   565  C C   . GLY A 1 72  ? -11.713 -4.374  -7.504  1.00 25.67  ? 59  GLY B C   1 
ATOM   566  O O   . GLY A 1 72  ? -12.735 -4.091  -8.132  1.00 26.86  ? 59  GLY B O   1 
ATOM   567  N N   . GLY A 1 73  ? -10.541 -3.749  -7.683  1.00 23.06  ? 60  GLY B N   1 
ATOM   568  C CA  . GLY A 1 73  ? -10.309 -2.726  -8.671  1.00 23.63  ? 60  GLY B CA  1 
ATOM   569  C C   . GLY A 1 73  ? -10.894 -1.364  -8.301  1.00 22.44  ? 60  GLY B C   1 
ATOM   570  O O   . GLY A 1 73  ? -11.162 -0.555  -9.207  1.00 22.05  ? 60  GLY B O   1 
ATOM   571  N N   . MET A 1 74  ? -11.126 -1.121  -7.020  1.00 20.67  ? 61  MET B N   1 
ATOM   572  C CA  . MET A 1 74  ? -11.661 0.187   -6.569  1.00 23.67  ? 61  MET B CA  1 
ATOM   573  C C   . MET A 1 74  ? -10.517 1.210   -6.482  1.00 25.59  ? 61  MET B C   1 
ATOM   574  O O   . MET A 1 74  ? -10.804 2.410   -6.481  1.00 23.70  ? 61  MET B O   1 
ATOM   575  C CB  . MET A 1 74  ? -12.319 0.032   -5.199  1.00 23.16  ? 61  MET B CB  1 
ATOM   576  C CG  . MET A 1 74  ? -13.518 -0.897  -5.192  1.00 25.06  ? 61  MET B CG  1 
ATOM   577  S SD  . MET A 1 74  ? -14.331 -0.975  -3.580  1.00 26.68  ? 61  MET B SD  1 
ATOM   578  C CE  . MET A 1 74  ? -15.156 0.613   -3.543  1.00 26.26  ? 61  MET B CE  1 
ATOM   579  N N   . VAL A 1 75  ? -9.272  0.741   -6.452  1.00 21.53  ? 62  VAL B N   1 
ATOM   580  C CA  . VAL A 1 75  ? -8.098  1.634   -6.260  1.00 21.06  ? 62  VAL B CA  1 
ATOM   581  C C   . VAL A 1 75  ? -7.010  1.292   -7.279  1.00 23.23  ? 62  VAL B C   1 
ATOM   582  O O   . VAL A 1 75  ? -7.192  0.331   -8.023  1.00 21.75  ? 62  VAL B O   1 
ATOM   583  C CB  . VAL A 1 75  ? -7.531  1.515   -4.831  1.00 21.39  ? 62  VAL B CB  1 
ATOM   584  C CG1 . VAL A 1 75  ? -8.506  2.013   -3.777  1.00 23.92  ? 62  VAL B CG1 1 
ATOM   585  C CG2 . VAL A 1 75  ? -7.070  0.101   -4.524  1.00 22.27  ? 62  VAL B CG2 1 
ATOM   586  N N   . ILE A 1 76  ? -5.921  2.065   -7.270  1.00 19.91  ? 63  ILE B N   1 
ATOM   587  C CA  . ILE A 1 76  ? -4.763  1.822   -8.177  1.00 24.03  ? 63  ILE B CA  1 
ATOM   588  C C   . ILE A 1 76  ? -4.209  0.406   -7.953  1.00 21.60  ? 63  ILE B C   1 
ATOM   589  O O   . ILE A 1 76  ? -4.306  -0.089  -6.836  1.00 22.08  ? 63  ILE B O   1 
ATOM   590  C CB  . ILE A 1 76  ? -3.690  2.922   -8.016  1.00 24.68  ? 63  ILE B CB  1 
ATOM   591  C CG1 . ILE A 1 76  ? -3.160  3.035   -6.584  1.00 24.50  ? 63  ILE B CG1 1 
ATOM   592  C CG2 . ILE A 1 76  ? -4.208  4.255   -8.533  1.00 24.68  ? 63  ILE B CG2 1 
ATOM   593  C CD1 . ILE A 1 76  ? -2.059  4.055   -6.436  1.00 26.01  ? 63  ILE B CD1 1 
ATOM   594  N N   . LYS A 1 77  ? -3.600  -0.179  -8.978  1.00 20.84  ? 64  LYS B N   1 
ATOM   595  C CA  . LYS A 1 77  ? -3.142  -1.593  -8.917  1.00 24.35  ? 64  LYS B CA  1 
ATOM   596  C C   . LYS A 1 77  ? -2.102  -1.830  -7.808  1.00 23.32  ? 64  LYS B C   1 
ATOM   597  O O   . LYS A 1 77  ? -2.107  -2.926  -7.260  1.00 19.17  ? 64  LYS B O   1 
ATOM   598  C CB  . LYS A 1 77  ? -2.640  -2.032  -10.298 1.00 24.72  ? 64  LYS B CB  1 
ATOM   599  C CG  . LYS A 1 77  ? -3.681  -2.141  -11.402 1.00 28.44  ? 64  LYS B CG  1 
ATOM   600  C CD  . LYS A 1 77  ? -3.046  -2.183  -12.773 1.00 32.77  ? 64  LYS B CD  1 
ATOM   601  C CE  . LYS A 1 77  ? -3.897  -2.866  -13.821 1.00 39.49  ? 64  LYS B CE  1 
ATOM   602  N NZ  . LYS A 1 77  ? -3.097  -3.235  -15.013 1.00 45.00  ? 64  LYS B NZ  1 
ATOM   603  N N   . GLY A 1 78  ? -1.235  -0.853  -7.541  1.00 21.81  ? 65  GLY B N   1 
ATOM   604  C CA  . GLY A 1 78  ? -0.193  -0.985  -6.506  1.00 22.30  ? 65  GLY B CA  1 
ATOM   605  C C   . GLY A 1 78  ? -0.789  -1.136  -5.125  1.00 22.13  ? 65  GLY B C   1 
ATOM   606  O O   . GLY A 1 78  ? -0.146  -1.760  -4.296  1.00 20.49  ? 65  GLY B O   1 
ATOM   607  N N   . TRP A 1 79  ? -1.974  -0.561  -4.909  1.00 19.68  ? 66  TRP B N   1 
ATOM   608  C CA  . TRP A 1 79  ? -2.681  -0.711  -3.614  1.00 20.78  ? 66  TRP B CA  1 
ATOM   609  C C   . TRP A 1 79  ? -3.369  -2.083  -3.531  1.00 21.75  ? 66  TRP B C   1 
ATOM   610  O O   . TRP A 1 79  ? -3.249  -2.715  -2.485  1.00 24.06  ? 66  TRP B O   1 
ATOM   611  C CB  . TRP A 1 79  ? -3.672  0.431   -3.407  1.00 19.91  ? 66  TRP B CB  1 
ATOM   612  C CG  . TRP A 1 79  ? -3.124  1.618   -2.678  1.00 21.19  ? 66  TRP B CG  1 
ATOM   613  C CD1 . TRP A 1 79  ? -2.031  2.366   -3.004  1.00 21.57  ? 66  TRP B CD1 1 
ATOM   614  C CD2 . TRP A 1 79  ? -3.671  2.207   -1.489  1.00 20.06  ? 66  TRP B CD2 1 
ATOM   615  N NE1 . TRP A 1 79  ? -1.858  3.378   -2.099  1.00 23.26  ? 66  TRP B NE1 1 
ATOM   616  C CE2 . TRP A 1 79  ? -2.849  3.303   -1.157  1.00 23.21  ? 66  TRP B CE2 1 
ATOM   617  C CE3 . TRP A 1 79  ? -4.768  1.910   -0.676  1.00 21.07  ? 66  TRP B CE3 1 
ATOM   618  C CZ2 . TRP A 1 79  ? -3.099  4.101   -0.044  1.00 22.79  ? 66  TRP B CZ2 1 
ATOM   619  C CZ3 . TRP A 1 79  ? -5.014  2.702   0.420   1.00 23.80  ? 66  TRP B CZ3 1 
ATOM   620  C CH2 . TRP A 1 79  ? -4.189  3.782   0.730   1.00 24.45  ? 66  TRP B CH2 1 
ATOM   621  N N   . ASP A 1 80  ? -4.050  -2.517  -4.597  1.00 21.50  ? 67  ASP B N   1 
ATOM   622  C CA  . ASP A 1 80  ? -4.693  -3.861  -4.617  1.00 21.50  ? 67  ASP B CA  1 
ATOM   623  C C   . ASP A 1 80  ? -3.646  -4.957  -4.357  1.00 22.79  ? 67  ASP B C   1 
ATOM   624  O O   . ASP A 1 80  ? -3.983  -5.930  -3.694  1.00 24.88  ? 67  ASP B O   1 
ATOM   625  C CB  . ASP A 1 80  ? -5.484  -4.086  -5.908  1.00 24.44  ? 67  ASP B CB  1 
ATOM   626  C CG  . ASP A 1 80  ? -6.967  -3.764  -5.802  1.00 24.92  ? 67  ASP B CG  1 
ATOM   627  O OD1 . ASP A 1 80  ? -7.466  -3.642  -4.674  1.00 22.94  ? 67  ASP B OD1 1 
ATOM   628  O OD2 . ASP A 1 80  ? -7.615  -3.649  -6.854  1.00 23.81  ? 67  ASP B OD2 1 
ATOM   629  N N   . GLU A 1 81  ? -2.437  -4.800  -4.887  1.00 23.99  ? 68  GLU B N   1 
ATOM   630  C CA  . GLU A 1 81  ? -1.335  -5.764  -4.628  1.00 24.27  ? 68  GLU B CA  1 
ATOM   631  C C   . GLU A 1 81  ? -0.645  -5.485  -3.285  1.00 24.57  ? 68  GLU B C   1 
ATOM   632  O O   . GLU A 1 81  ? -0.579  -6.414  -2.492  1.00 25.02  ? 68  GLU B O   1 
ATOM   633  C CB  . GLU A 1 81  ? -0.301  -5.677  -5.749  1.00 24.92  ? 68  GLU B CB  1 
ATOM   634  C CG  . GLU A 1 81  ? 0.923   -6.547  -5.525  1.00 26.35  ? 68  GLU B CG  1 
ATOM   635  C CD  . GLU A 1 81  ? 1.967   -6.543  -6.631  1.00 30.69  ? 68  GLU B CD  1 
ATOM   636  O OE1 . GLU A 1 81  ? 1.848   -5.728  -7.561  1.00 28.24  ? 68  GLU B OE1 1 
ATOM   637  O OE2 . GLU A 1 81  ? 2.900   -7.357  -6.555  1.00 29.14  ? 68  GLU B OE2 1 
ATOM   638  N N   . GLY A 1 82  ? -0.207  -4.248  -3.037  1.00 24.62  ? 69  GLY B N   1 
ATOM   639  C CA  . GLY A 1 82  ? 0.601   -3.895  -1.851  1.00 25.18  ? 69  GLY B CA  1 
ATOM   640  C C   . GLY A 1 82  ? -0.023  -4.117  -0.483  1.00 24.38  ? 69  GLY B C   1 
ATOM   641  O O   . GLY A 1 82  ? 0.727   -4.443  0.443   1.00 23.02  ? 69  GLY B O   1 
ATOM   642  N N   . VAL A 1 83  ? -1.331  -3.929  -0.357  1.00 21.81  ? 70  VAL B N   1 
ATOM   643  C CA  . VAL A 1 83  ? -1.993  -4.057  0.978   1.00 20.14  ? 70  VAL B CA  1 
ATOM   644  C C   . VAL A 1 83  ? -2.174  -5.546  1.360   1.00 23.21  ? 70  VAL B C   1 
ATOM   645  O O   . VAL A 1 83  ? -2.248  -5.840  2.549   1.00 23.44  ? 70  VAL B O   1 
ATOM   646  C CB  . VAL A 1 83  ? -3.299  -3.237  1.034   1.00 20.33  ? 70  VAL B CB  1 
ATOM   647  C CG1 . VAL A 1 83  ? -4.060  -3.439  2.335   1.00 22.37  ? 70  VAL B CG1 1 
ATOM   648  C CG2 . VAL A 1 83  ? -3.036  -1.758  0.792   1.00 21.81  ? 70  VAL B CG2 1 
ATOM   649  N N   . GLN A 1 84  ? -2.231  -6.436  0.374   1.00 22.19  ? 71  GLN B N   1 
ATOM   650  C CA  . GLN A 1 84  ? -2.415  -7.880  0.651   1.00 22.46  ? 71  GLN B CA  1 
ATOM   651  C C   . GLN A 1 84  ? -1.202  -8.396  1.438   1.00 25.47  ? 71  GLN B C   1 
ATOM   652  O O   . GLN A 1 84  ? -0.078  -8.152  1.011   1.00 25.94  ? 71  GLN B O   1 
ATOM   653  C CB  . GLN A 1 84  ? -2.671  -8.668  -0.636  1.00 24.04  ? 71  GLN B CB  1 
ATOM   654  C CG  . GLN A 1 84  ? -4.016  -8.394  -1.289  1.00 23.67  ? 71  GLN B CG  1 
ATOM   655  C CD  . GLN A 1 84  ? -4.294  -9.323  -2.446  1.00 27.10  ? 71  GLN B CD  1 
ATOM   656  O OE1 . GLN A 1 84  ? -4.007  -10.516 -2.392  1.00 22.95  ? 71  GLN B OE1 1 
ATOM   657  N NE2 . GLN A 1 84  ? -4.861  -8.777  -3.510  1.00 24.72  ? 71  GLN B NE2 1 
ATOM   658  N N   . GLY A 1 85  ? -1.461  -9.033  2.570   1.00 26.24  ? 72  GLY B N   1 
ATOM   659  C CA  . GLY A 1 85  ? -0.386  -9.586  3.379   1.00 28.34  ? 72  GLY B CA  1 
ATOM   660  C C   . GLY A 1 85  ? 0.032   -8.705  4.567   1.00 30.12  ? 72  GLY B C   1 
ATOM   661  O O   . GLY A 1 85  ? 0.743   -9.184  5.440   1.00 30.05  ? 72  GLY B O   1 
ATOM   662  N N   . MET A 1 86  ? -0.375  -7.426  4.588   1.00 29.44  ? 73  MET B N   1 
ATOM   663  C CA  . MET A 1 86  ? -0.276  -6.584  5.770   1.00 29.81  ? 73  MET B CA  1 
ATOM   664  C C   . MET A 1 86  ? -1.056  -7.245  6.909   1.00 29.27  ? 73  MET B C   1 
ATOM   665  O O   . MET A 1 86  ? -2.059  -7.905  6.632   1.00 25.87  ? 73  MET B O   1 
ATOM   666  C CB  . MET A 1 86  ? -0.854  -5.192  5.504   1.00 30.78  ? 73  MET B CB  1 
ATOM   667  C CG  . MET A 1 86  ? 0.052   -4.278  4.673   1.00 28.46  ? 73  MET B CG  1 
ATOM   668  S SD  . MET A 1 86  ? -0.560  -2.551  4.557   1.00 28.03  ? 73  MET B SD  1 
ATOM   669  C CE  . MET A 1 86  ? -0.259  -1.982  6.237   1.00 31.49  ? 73  MET B CE  1 
ATOM   670  N N   . LYS A 1 87  ? -0.685  -6.939  8.161   1.00 25.06  ? 74  LYS B N   1 
ATOM   671  C CA  . LYS A 1 87  ? -1.411  -7.451  9.362   1.00 25.71  ? 74  LYS B CA  1 
ATOM   672  C C   . LYS A 1 87  ? -1.942  -6.259  10.176  1.00 26.41  ? 74  LYS B C   1 
ATOM   673  O O   . LYS A 1 87  ? -1.311  -5.197  10.118  1.00 27.41  ? 74  LYS B O   1 
ATOM   674  C CB  . LYS A 1 87  ? -0.511  -8.366  10.195  1.00 29.86  ? 74  LYS B CB  1 
ATOM   675  C CG  . LYS A 1 87  ? -0.319  -9.770  9.640   1.00 32.64  ? 74  LYS B CG  1 
ATOM   676  C CD  . LYS A 1 87  ? 0.706   -10.571 10.401  1.00 39.03  ? 74  LYS B CD  1 
ATOM   677  C CE  . LYS A 1 87  ? 0.712   -12.033 10.011  1.00 44.84  ? 74  LYS B CE  1 
ATOM   678  N NZ  . LYS A 1 87  ? 1.854   -12.763 10.609  1.00 52.63  ? 74  LYS B NZ  1 
ATOM   679  N N   . VAL A 1 88  ? -3.063  -6.418  10.889  1.00 24.88  ? 75  VAL B N   1 
ATOM   680  C CA  . VAL A 1 88  ? -3.673  -5.253  11.609  1.00 27.85  ? 75  VAL B CA  1 
ATOM   681  C C   . VAL A 1 88  ? -2.642  -4.639  12.563  1.00 28.56  ? 75  VAL B C   1 
ATOM   682  O O   . VAL A 1 88  ? -2.039  -5.395  13.329  1.00 32.36  ? 75  VAL B O   1 
ATOM   683  C CB  . VAL A 1 88  ? -4.988  -5.586  12.342  1.00 35.55  ? 75  VAL B CB  1 
ATOM   684  C CG1 . VAL A 1 88  ? -5.488  -4.405  13.158  1.00 33.77  ? 75  VAL B CG1 1 
ATOM   685  C CG2 . VAL A 1 88  ? -6.066  -6.081  11.395  1.00 33.73  ? 75  VAL B CG2 1 
ATOM   686  N N   . GLY A 1 89  ? -2.464  -3.318  12.500  1.00 31.66  ? 76  GLY B N   1 
ATOM   687  C CA  . GLY A 1 89  ? -1.457  -2.613  13.319  1.00 29.31  ? 76  GLY B CA  1 
ATOM   688  C C   . GLY A 1 89  ? -0.233  -2.230  12.505  1.00 30.15  ? 76  GLY B C   1 
ATOM   689  O O   . GLY A 1 89  ? 0.490   -1.321  12.935  1.00 31.33  ? 76  GLY B O   1 
ATOM   690  N N   . GLY A 1 90  ? -0.004  -2.897  11.375  1.00 27.98  ? 77  GLY B N   1 
ATOM   691  C CA  . GLY A 1 90  ? 1.144   -2.632  10.502  1.00 26.01  ? 77  GLY B CA  1 
ATOM   692  C C   . GLY A 1 90  ? 1.128   -1.283  9.761   1.00 24.54  ? 77  GLY B C   1 
ATOM   693  O O   . GLY A 1 90  ? 0.056   -0.759  9.452   1.00 24.90  ? 77  GLY B O   1 
ATOM   694  N N   . VAL A 1 91  ? 2.337   -0.717  9.536   1.00 24.37  ? 78  VAL B N   1 
ATOM   695  C CA  . VAL A 1 91  ? 2.628   0.400   8.648   1.00 25.15  ? 78  VAL B CA  1 
ATOM   696  C C   . VAL A 1 91  ? 3.574   -0.079  7.529   1.00 27.37  ? 78  VAL B C   1 
ATOM   697  O O   . VAL A 1 91  ? 4.620   -0.683  7.798   1.00 29.16  ? 78  VAL B O   1 
ATOM   698  C CB  . VAL A 1 91  ? 3.246   1.594   9.398   1.00 27.13  ? 78  VAL B CB  1 
ATOM   699  C CG1 . VAL A 1 91  ? 3.491   2.798   8.487   1.00 25.95  ? 78  VAL B CG1 1 
ATOM   700  C CG2 . VAL A 1 91  ? 2.375   2.024   10.586  1.00 31.10  ? 78  VAL B CG2 1 
ATOM   701  N N   . ARG A 1 92  ? 3.207   0.197   6.265   1.00 23.12  ? 79  ARG B N   1 
ATOM   702  C CA  . ARG A 1 92  ? 3.907   -0.323  5.089   1.00 20.85  ? 79  ARG B CA  1 
ATOM   703  C C   . ARG A 1 92  ? 4.097   0.861   4.153   1.00 23.59  ? 79  ARG B C   1 
ATOM   704  O O   . ARG A 1 92  ? 3.131   1.604   3.928   1.00 25.88  ? 79  ARG B O   1 
ATOM   705  C CB  . ARG A 1 92  ? 3.141   -1.510  4.484   1.00 21.36  ? 79  ARG B CB  1 
ATOM   706  C CG  . ARG A 1 92  ? 3.747   -2.075  3.195   1.00 21.90  ? 79  ARG B CG  1 
ATOM   707  C CD  . ARG A 1 92  ? 3.062   -3.349  2.649   1.00 22.71  ? 79  ARG B CD  1 
ATOM   708  N NE  . ARG A 1 92  ? 3.402   -4.588  3.314   1.00 20.90  ? 79  ARG B NE  1 
ATOM   709  C CZ  . ARG A 1 92  ? 2.969   -5.807  3.008   1.00 24.98  ? 79  ARG B CZ  1 
ATOM   710  N NH1 . ARG A 1 92  ? 2.308   -6.050  1.897   1.00 26.73  ? 79  ARG B NH1 1 
ATOM   711  N NH2 . ARG A 1 92  ? 3.307   -6.836  3.771   1.00 24.91  ? 79  ARG B NH2 1 
ATOM   712  N N   . ARG A 1 93  ? 5.313   1.011   3.632   1.00 21.84  ? 80  ARG B N   1 
ATOM   713  C CA  . ARG A 1 93  ? 5.619   2.067   2.646   1.00 24.36  ? 80  ARG B CA  1 
ATOM   714  C C   . ARG A 1 93  ? 5.588   1.447   1.252   1.00 25.95  ? 80  ARG B C   1 
ATOM   715  O O   . ARG A 1 93  ? 6.322   0.472   1.035   1.00 25.80  ? 80  ARG B O   1 
ATOM   716  C CB  . ARG A 1 93  ? 7.005   2.655   2.915   1.00 23.87  ? 80  ARG B CB  1 
ATOM   717  C CG  . ARG A 1 93  ? 7.402   3.796   1.992   1.00 24.14  ? 80  ARG B CG  1 
ATOM   718  C CD  . ARG A 1 93  ? 8.350   4.780   2.653   1.00 26.06  ? 80  ARG B CD  1 
ATOM   719  N NE  . ARG A 1 93  ? 9.594   4.167   3.100   1.00 27.45  ? 80  ARG B NE  1 
ATOM   720  C CZ  . ARG A 1 93  ? 10.234  4.484   4.219   1.00 29.80  ? 80  ARG B CZ  1 
ATOM   721  N NH1 . ARG A 1 93  ? 9.808   5.485   4.969   1.00 27.24  ? 80  ARG B NH1 1 
ATOM   722  N NH2 . ARG A 1 93  ? 11.303  3.799   4.585   1.00 28.30  ? 80  ARG B NH2 1 
ATOM   723  N N   . LEU A 1 94  ? 4.766   1.991   0.362   1.00 23.21  ? 81  LEU B N   1 
ATOM   724  C CA  . LEU A 1 94  ? 4.692   1.483   -1.028  1.00 25.41  ? 81  LEU B CA  1 
ATOM   725  C C   . LEU A 1 94  ? 5.391   2.441   -1.995  1.00 24.41  ? 81  LEU B C   1 
ATOM   726  O O   . LEU A 1 94  ? 5.077   3.629   -1.964  1.00 23.43  ? 81  LEU B O   1 
ATOM   727  C CB  . LEU A 1 94  ? 3.226   1.290   -1.427  1.00 25.70  ? 81  LEU B CB  1 
ATOM   728  C CG  . LEU A 1 94  ? 2.392   0.394   -0.513  1.00 27.43  ? 81  LEU B CG  1 
ATOM   729  C CD1 . LEU A 1 94  ? 0.928   0.425   -0.920  1.00 30.98  ? 81  LEU B CD1 1 
ATOM   730  C CD2 . LEU A 1 94  ? 2.915   -1.032  -0.525  1.00 28.08  ? 81  LEU B CD2 1 
ATOM   731  N N   . THR A 1 95  ? 6.319   1.926   -2.794  1.00 24.00  ? 82  THR B N   1 
ATOM   732  C CA  . THR A 1 95  ? 6.925   2.736   -3.884  1.00 23.92  ? 82  THR B CA  1 
ATOM   733  C C   . THR A 1 95  ? 6.291   2.198   -5.175  1.00 23.92  ? 82  THR B C   1 
ATOM   734  O O   . THR A 1 95  ? 6.643   1.088   -5.572  1.00 22.60  ? 82  THR B O   1 
ATOM   735  C CB  . THR A 1 95  ? 8.458   2.761   -3.771  1.00 27.95  ? 82  THR B CB  1 
ATOM   736  O OG1 . THR A 1 95  ? 8.836   3.211   -2.470  1.00 23.96  ? 82  THR B OG1 1 
ATOM   737  C CG2 . THR A 1 95  ? 9.107   3.625   -4.832  1.00 28.18  ? 82  THR B CG2 1 
ATOM   738  N N   . ILE A 1 96  ? 5.389   2.962   -5.794  1.00 23.34  ? 83  ILE B N   1 
ATOM   739  C CA  . ILE A 1 96  ? 4.591   2.439   -6.945  1.00 22.35  ? 83  ILE B CA  1 
ATOM   740  C C   . ILE A 1 96  ? 5.065   3.009   -8.288  1.00 24.73  ? 83  ILE B C   1 
ATOM   741  O O   . ILE A 1 96  ? 5.007   4.224   -8.473  1.00 24.54  ? 83  ILE B O   1 
ATOM   742  C CB  . ILE A 1 96  ? 3.082   2.685   -6.696  1.00 24.12  ? 83  ILE B CB  1 
ATOM   743  C CG1 . ILE A 1 96  ? 2.624   2.053   -5.381  1.00 23.69  ? 83  ILE B CG1 1 
ATOM   744  C CG2 . ILE A 1 96  ? 2.238   2.227   -7.870  1.00 24.45  ? 83  ILE B CG2 1 
ATOM   745  C CD1 . ILE A 1 96  ? 1.493   2.782   -4.708  1.00 25.80  ? 83  ILE B CD1 1 
ATOM   746  N N   . PRO A 1 97  ? 5.483   2.146   -9.241  1.00 24.73  ? 84  PRO B N   1 
ATOM   747  C CA  . PRO A 1 97  ? 5.871   2.606   -10.578 1.00 27.80  ? 84  PRO B CA  1 
ATOM   748  C C   . PRO A 1 97  ? 4.646   3.144   -11.336 1.00 31.55  ? 84  PRO B C   1 
ATOM   749  O O   . PRO A 1 97  ? 3.548   2.753   -11.009 1.00 27.08  ? 84  PRO B O   1 
ATOM   750  C CB  . PRO A 1 97  ? 6.471   1.347   -11.210 1.00 28.41  ? 84  PRO B CB  1 
ATOM   751  C CG  . PRO A 1 97  ? 5.803   0.206   -10.493 1.00 29.99  ? 84  PRO B CG  1 
ATOM   752  C CD  . PRO A 1 97  ? 5.609   0.701   -9.078  1.00 26.78  ? 84  PRO B CD  1 
ATOM   753  N N   . PRO A 1 98  ? 4.804   4.060   -12.318 1.00 31.60  ? 85  PRO B N   1 
ATOM   754  C CA  . PRO A 1 98  ? 3.652   4.655   -13.018 1.00 29.40  ? 85  PRO B CA  1 
ATOM   755  C C   . PRO A 1 98  ? 2.612   3.659   -13.578 1.00 25.04  ? 85  PRO B C   1 
ATOM   756  O O   . PRO A 1 98  ? 1.457   3.974   -13.515 1.00 26.46  ? 85  PRO B O   1 
ATOM   757  C CB  . PRO A 1 98  ? 4.323   5.483   -14.124 1.00 33.73  ? 85  PRO B CB  1 
ATOM   758  C CG  . PRO A 1 98  ? 5.662   5.848   -13.548 1.00 37.16  ? 85  PRO B CG  1 
ATOM   759  C CD  . PRO A 1 98  ? 6.080   4.608   -12.791 1.00 35.60  ? 85  PRO B CD  1 
ATOM   760  N N   . GLN A 1 99  ? 3.040   2.492   -14.068 1.00 26.74  ? 86  GLN B N   1 
ATOM   761  C CA  . GLN A 1 99  ? 2.114   1.477   -14.648 1.00 29.89  ? 86  GLN B CA  1 
ATOM   762  C C   . GLN A 1 99  ? 1.161   0.922   -13.583 1.00 26.20  ? 86  GLN B C   1 
ATOM   763  O O   . GLN A 1 99  ? 0.118   0.394   -13.962 1.00 26.49  ? 86  GLN B O   1 
ATOM   764  C CB  . GLN A 1 99  ? 2.871   0.307   -15.281 1.00 39.84  ? 86  GLN B CB  1 
ATOM   765  C CG  . GLN A 1 99  ? 4.287   0.639   -15.714 1.00 49.42  ? 86  GLN B CG  1 
ATOM   766  C CD  . GLN A 1 99  ? 5.271   0.420   -14.594 1.00 43.62  ? 86  GLN B CD  1 
ATOM   767  O OE1 . GLN A 1 99  ? 5.259   -0.603  -13.918 1.00 44.74  ? 86  GLN B OE1 1 
ATOM   768  N NE2 . GLN A 1 99  ? 6.132   1.400   -14.392 1.00 37.65  ? 86  GLN B NE2 1 
ATOM   769  N N   . LEU A 1 100 ? 1.540   1.003   -12.312 1.00 23.91  ? 87  LEU B N   1 
ATOM   770  C CA  . LEU A 1 100 ? 0.707   0.458   -11.212 1.00 24.83  ? 87  LEU B CA  1 
ATOM   771  C C   . LEU A 1 100 ? 0.019   1.624   -10.497 1.00 24.33  ? 87  LEU B C   1 
ATOM   772  O O   . LEU A 1 100 ? -0.671  1.377   -9.506  1.00 23.48  ? 87  LEU B O   1 
ATOM   773  C CB  . LEU A 1 100 ? 1.584   -0.367  -10.266 1.00 25.33  ? 87  LEU B CB  1 
ATOM   774  C CG  . LEU A 1 100 ? 2.203   -1.630  -10.859 1.00 26.59  ? 87  LEU B CG  1 
ATOM   775  C CD1 . LEU A 1 100 ? 3.031   -2.362  -9.817  1.00 27.05  ? 87  LEU B CD1 1 
ATOM   776  C CD2 . LEU A 1 100 ? 1.124   -2.541  -11.420 1.00 28.01  ? 87  LEU B CD2 1 
ATOM   777  N N   . GLY A 1 101 ? 0.207   2.841   -11.003 1.00 22.96  ? 88  GLY B N   1 
ATOM   778  C CA  . GLY A 1 101 ? -0.448  4.031   -10.441 1.00 23.59  ? 88  GLY B CA  1 
ATOM   779  C C   . GLY A 1 101 ? -1.409  4.675   -11.435 1.00 27.93  ? 88  GLY B C   1 
ATOM   780  O O   . GLY A 1 101 ? -2.327  3.982   -11.878 1.00 26.68  ? 88  GLY B O   1 
ATOM   781  N N   . TYR A 1 102 ? -1.188  5.944   -11.799 1.00 27.62  ? 89  TYR B N   1 
ATOM   782  C CA  . TYR A 1 102 ? -2.109  6.705   -12.690 1.00 31.37  ? 89  TYR B CA  1 
ATOM   783  C C   . TYR A 1 102 ? -1.536  6.809   -14.108 1.00 28.76  ? 89  TYR B C   1 
ATOM   784  O O   . TYR A 1 102 ? -2.163  7.468   -14.942 1.00 31.49  ? 89  TYR B O   1 
ATOM   785  C CB  . TYR A 1 102 ? -2.427  8.068   -12.073 1.00 28.75  ? 89  TYR B CB  1 
ATOM   786  C CG  . TYR A 1 102 ? -3.341  7.984   -10.881 1.00 29.88  ? 89  TYR B CG  1 
ATOM   787  C CD1 . TYR A 1 102 ? -4.676  7.654   -11.033 1.00 26.83  ? 89  TYR B CD1 1 
ATOM   788  C CD2 . TYR A 1 102 ? -2.867  8.206   -9.601  1.00 26.53  ? 89  TYR B CD2 1 
ATOM   789  C CE1 . TYR A 1 102 ? -5.525  7.564   -9.946  1.00 25.32  ? 89  TYR B CE1 1 
ATOM   790  C CE2 . TYR A 1 102 ? -3.701  8.118   -8.502  1.00 26.85  ? 89  TYR B CE2 1 
ATOM   791  C CZ  . TYR A 1 102 ? -5.034  7.795   -8.674  1.00 26.35  ? 89  TYR B CZ  1 
ATOM   792  O OH  . TYR A 1 102 ? -5.867  7.704   -7.591  1.00 22.41  ? 89  TYR B OH  1 
ATOM   793  N N   . GLY A 1 103 ? -0.378  6.201   -14.351 1.00 28.87  ? 90  GLY B N   1 
ATOM   794  C CA  . GLY A 1 103 ? 0.187   6.124   -15.704 1.00 30.90  ? 90  GLY B CA  1 
ATOM   795  C C   . GLY A 1 103 ? 0.377   7.455   -16.401 1.00 36.77  ? 90  GLY B C   1 
ATOM   796  O O   . GLY A 1 103 ? 0.920   8.372   -15.788 1.00 33.69  ? 90  GLY B O   1 
ATOM   797  N N   . ALA A 1 104 ? -0.059  7.538   -17.656 1.00 37.11  ? 91  ALA B N   1 
ATOM   798  C CA  . ALA A 1 104 ? 0.180   8.761   -18.454 1.00 46.83  ? 91  ALA B CA  1 
ATOM   799  C C   . ALA A 1 104 ? -0.949  9.778   -18.264 1.00 40.65  ? 91  ALA B C   1 
ATOM   800  O O   . ALA A 1 104 ? -0.729  10.957  -18.541 1.00 48.07  ? 91  ALA B O   1 
ATOM   801  C CB  . ALA A 1 104 ? 0.369   8.378   -19.901 1.00 50.46  ? 91  ALA B CB  1 
ATOM   802  N N   . ARG A 1 105 ? -2.101  9.328   -17.783 1.00 44.28  ? 92  ARG B N   1 
ATOM   803  C CA  . ARG A 1 105 ? -3.236  10.250  -17.526 1.00 48.39  ? 92  ARG B CA  1 
ATOM   804  C C   . ARG A 1 105 ? -2.940  11.173  -16.347 1.00 43.12  ? 92  ARG B C   1 
ATOM   805  O O   . ARG A 1 105 ? -3.418  12.310  -16.363 1.00 41.97  ? 92  ARG B O   1 
ATOM   806  C CB  . ARG A 1 105 ? -4.507  9.470   -17.186 1.00 49.77  ? 92  ARG B CB  1 
ATOM   807  C CG  . ARG A 1 105 ? -4.887  8.378   -18.173 1.00 61.20  ? 92  ARG B CG  1 
ATOM   808  C CD  . ARG A 1 105 ? -6.302  7.889   -17.918 1.00 69.51  ? 92  ARG B CD  1 
ATOM   809  N NE  . ARG A 1 105 ? -6.519  7.337   -16.586 1.00 81.58  ? 92  ARG B NE  1 
ATOM   810  C CZ  . ARG A 1 105 ? -5.596  6.711   -15.862 1.00 82.69  ? 92  ARG B CZ  1 
ATOM   811  N NH1 . ARG A 1 105 ? -5.190  5.502   -16.204 1.00 76.36  ? 92  ARG B NH1 1 
ATOM   812  N NH2 . ARG A 1 105 ? -5.087  7.295   -14.791 1.00 79.22  ? 92  ARG B NH2 1 
ATOM   813  N N   . GLY A 1 106 ? -2.212  10.692  -15.342 1.00 36.34  ? 93  GLY B N   1 
ATOM   814  C CA  . GLY A 1 106 ? -2.054  11.510  -14.130 1.00 34.76  ? 93  GLY B CA  1 
ATOM   815  C C   . GLY A 1 106 ? -3.378  11.597  -13.392 1.00 33.93  ? 93  GLY B C   1 
ATOM   816  O O   . GLY A 1 106 ? -4.272  10.794  -13.702 1.00 34.12  ? 93  GLY B O   1 
ATOM   817  N N   . ALA A 1 107 ? -3.491  12.511  -12.428 1.00 29.47  ? 94  ALA B N   1 
ATOM   818  C CA  . ALA A 1 107 ? -4.733  12.629  -11.626 1.00 33.49  ? 94  ALA B CA  1 
ATOM   819  C C   . ALA A 1 107 ? -5.005  14.076  -11.213 1.00 39.25  ? 94  ALA B C   1 
ATOM   820  O O   . ALA A 1 107 ? -4.158  14.651  -10.533 1.00 33.61  ? 94  ALA B O   1 
ATOM   821  C CB  . ALA A 1 107 ? -4.694  11.729  -10.421 1.00 31.17  ? 94  ALA B CB  1 
ATOM   822  N N   . GLY A 1 108 ? -6.137  14.632  -11.651 1.00 39.61  ? 95  GLY B N   1 
ATOM   823  C CA  . GLY A 1 108 ? -6.570  15.972  -11.198 1.00 45.05  ? 95  GLY B CA  1 
ATOM   824  C C   . GLY A 1 108 ? -5.689  17.149  -11.570 1.00 42.20  ? 95  GLY B C   1 
ATOM   825  O O   . GLY A 1 108 ? -6.030  18.266  -11.179 1.00 46.51  ? 95  GLY B O   1 
ATOM   826  N N   . GLY A 1 109 ? -4.623  16.930  -12.318 1.00 39.21  ? 96  GLY B N   1 
ATOM   827  C CA  . GLY A 1 109 ? -3.718  18.066  -12.565 1.00 48.74  ? 96  GLY B CA  1 
ATOM   828  C C   . GLY A 1 109 ? -2.785  18.292  -11.379 1.00 48.53  ? 96  GLY B C   1 
ATOM   829  O O   . GLY A 1 109 ? -2.080  19.302  -11.379 1.00 44.60  ? 96  GLY B O   1 
ATOM   830  N N   . VAL A 1 110 ? -2.787  17.388  -10.394 1.00 42.08  ? 97  VAL B N   1 
ATOM   831  C CA  . VAL A 1 110 ? -1.856  17.480  -9.226  1.00 39.00  ? 97  VAL B CA  1 
ATOM   832  C C   . VAL A 1 110 ? -0.758  16.411  -9.368  1.00 42.42  ? 97  VAL B C   1 
ATOM   833  O O   . VAL A 1 110 ? 0.407   16.736  -9.119  1.00 33.86  ? 97  VAL B O   1 
ATOM   834  C CB  . VAL A 1 110 ? -2.615  17.358  -7.894  1.00 44.58  ? 97  VAL B CB  1 
ATOM   835  C CG1 . VAL A 1 110 ? -1.699  17.492  -6.690  1.00 44.93  ? 97  VAL B CG1 1 
ATOM   836  C CG2 . VAL A 1 110 ? -3.779  18.333  -7.804  1.00 50.14  ? 97  VAL B CG2 1 
ATOM   837  N N   . ILE A 1 111 ? -1.134  15.175  -9.716  1.00 34.77  ? 98  ILE B N   1 
ATOM   838  C CA  . ILE A 1 111 ? -0.128  14.107  -9.977  1.00 35.43  ? 98  ILE B CA  1 
ATOM   839  C C   . ILE A 1 111 ? 0.174   14.119  -11.478 1.00 35.31  ? 98  ILE B C   1 
ATOM   840  O O   . ILE A 1 111 ? -0.746  13.873  -12.260 1.00 29.56  ? 98  ILE B O   1 
ATOM   841  C CB  . ILE A 1 111 ? -0.637  12.718  -9.526  1.00 31.95  ? 98  ILE B CB  1 
ATOM   842  C CG1 . ILE A 1 111 ? -0.709  12.581  -8.005  1.00 33.14  ? 98  ILE B CG1 1 
ATOM   843  C CG2 . ILE A 1 111 ? 0.190   11.610  -10.156 1.00 30.39  ? 98  ILE B CG2 1 
ATOM   844  C CD1 . ILE A 1 111 ? -1.331  11.285  -7.549  1.00 35.01  ? 98  ILE B CD1 1 
ATOM   845  N N   . PRO A 1 112 ? 1.421   14.379  -11.911 1.00 34.79  ? 99  PRO B N   1 
ATOM   846  C CA  . PRO A 1 112 ? 1.709   14.475  -13.342 1.00 39.13  ? 99  PRO B CA  1 
ATOM   847  C C   . PRO A 1 112 ? 1.783   13.139  -14.096 1.00 41.31  ? 99  PRO B C   1 
ATOM   848  O O   . PRO A 1 112 ? 1.833   12.125  -13.463 1.00 36.86  ? 99  PRO B O   1 
ATOM   849  C CB  . PRO A 1 112 ? 3.106   15.106  -13.335 1.00 40.59  ? 99  PRO B CB  1 
ATOM   850  C CG  . PRO A 1 112 ? 3.725   14.642  -12.045 1.00 41.46  ? 99  PRO B CG  1 
ATOM   851  C CD  . PRO A 1 112 ? 2.579   14.632  -11.060 1.00 38.24  ? 99  PRO B CD  1 
ATOM   852  N N   . PRO A 1 113 ? 1.744   13.124  -15.445 1.00 40.48  ? 100 PRO B N   1 
ATOM   853  C CA  . PRO A 1 113 ? 1.973   11.885  -16.178 1.00 43.93  ? 100 PRO B CA  1 
ATOM   854  C C   . PRO A 1 113 ? 3.286   11.207  -15.782 1.00 38.49  ? 100 PRO B C   1 
ATOM   855  O O   . PRO A 1 113 ? 4.273   11.875  -15.460 1.00 36.08  ? 100 PRO B O   1 
ATOM   856  C CB  . PRO A 1 113 ? 1.984   12.354  -17.646 1.00 46.13  ? 100 PRO B CB  1 
ATOM   857  C CG  . PRO A 1 113 ? 1.135   13.611  -17.637 1.00 45.73  ? 100 PRO B CG  1 
ATOM   858  C CD  . PRO A 1 113 ? 1.507   14.286  -16.333 1.00 44.71  ? 100 PRO B CD  1 
ATOM   859  N N   . ASN A 1 114 ? 3.267   9.871   -15.780 1.00 35.85  ? 101 ASN B N   1 
ATOM   860  C CA  . ASN A 1 114 ? 4.459   9.033   -15.617 1.00 39.32  ? 101 ASN B CA  1 
ATOM   861  C C   . ASN A 1 114 ? 5.126   9.222   -14.255 1.00 35.45  ? 101 ASN B C   1 
ATOM   862  O O   . ASN A 1 114 ? 6.356   9.049   -14.159 1.00 32.61  ? 101 ASN B O   1 
ATOM   863  C CB  . ASN A 1 114 ? 5.492   9.255   -16.736 1.00 46.38  ? 101 ASN B CB  1 
ATOM   864  C CG  . ASN A 1 114 ? 4.860   9.480   -18.102 1.00 60.70  ? 101 ASN B CG  1 
ATOM   865  O OD1 . ASN A 1 114 ? 5.265   10.387  -18.832 1.00 67.56  ? 101 ASN B OD1 1 
ATOM   866  N ND2 . ASN A 1 114 ? 3.858   8.682   -18.465 1.00 62.36  ? 101 ASN B ND2 1 
ATOM   867  N N   . ALA A 1 115 ? 4.335   9.511   -13.189 1.00 31.21  ? 102 ALA B N   1 
ATOM   868  C CA  . ALA A 1 115 ? 4.896   9.721   -11.850 1.00 30.64  ? 102 ALA B CA  1 
ATOM   869  C C   . ALA A 1 115 ? 4.988   8.409   -11.045 1.00 31.26  ? 102 ALA B C   1 
ATOM   870  O O   . ALA A 1 115 ? 4.001   7.678   -10.921 1.00 26.54  ? 102 ALA B O   1 
ATOM   871  C CB  . ALA A 1 115 ? 4.075   10.754  -11.074 1.00 32.08  ? 102 ALA B CB  1 
ATOM   872  N N   . THR A 1 116 ? 6.159   8.184   -10.413 1.00 30.41  ? 103 THR B N   1 
ATOM   873  C CA  . THR A 1 116 ? 6.336   7.245   -9.301  1.00 31.46  ? 103 THR B CA  1 
ATOM   874  C C   . THR A 1 116 ? 5.747   7.834   -8.022  1.00 30.44  ? 103 THR B C   1 
ATOM   875  O O   . THR A 1 116 ? 5.975   9.017   -7.792  1.00 25.48  ? 103 THR B O   1 
ATOM   876  C CB  . THR A 1 116 ? 7.825   6.940   -9.088  1.00 31.93  ? 103 THR B CB  1 
ATOM   877  O OG1 . THR A 1 116 ? 8.238   6.355   -10.322 1.00 34.11  ? 103 THR B OG1 1 
ATOM   878  C CG2 . THR A 1 116 ? 8.147   5.979   -7.959  1.00 32.55  ? 103 THR B CG2 1 
ATOM   879  N N   . LEU A 1 117 ? 4.978   7.030   -7.237  1.00 24.66  ? 104 LEU B N   1 
ATOM   880  C CA  . LEU A 1 117 ? 4.276   7.513   -6.054  1.00 23.86  ? 104 LEU B CA  1 
ATOM   881  C C   . LEU A 1 117 ? 4.817   6.781   -4.828  1.00 24.53  ? 104 LEU B C   1 
ATOM   882  O O   . LEU A 1 117 ? 5.135   5.582   -4.907  1.00 23.66  ? 104 LEU B O   1 
ATOM   883  C CB  . LEU A 1 117 ? 2.761   7.245   -6.170  1.00 25.37  ? 104 LEU B CB  1 
ATOM   884  C CG  . LEU A 1 117 ? 2.048   7.681   -7.455  1.00 25.72  ? 104 LEU B CG  1 
ATOM   885  C CD1 . LEU A 1 117 ? 0.561   7.251   -7.452  1.00 24.82  ? 104 LEU B CD1 1 
ATOM   886  C CD2 . LEU A 1 117 ? 2.183   9.177   -7.710  1.00 25.12  ? 104 LEU B CD2 1 
ATOM   887  N N   . VAL A 1 118 ? 4.935   7.515   -3.722  1.00 23.60  ? 105 VAL B N   1 
ATOM   888  C CA  . VAL A 1 118 ? 5.364   6.895   -2.437  1.00 23.92  ? 105 VAL B CA  1 
ATOM   889  C C   . VAL A 1 118 ? 4.204   7.051   -1.444  1.00 26.91  ? 105 VAL B C   1 
ATOM   890  O O   . VAL A 1 118 ? 3.719   8.173   -1.287  1.00 27.05  ? 105 VAL B O   1 
ATOM   891  C CB  . VAL A 1 118 ? 6.681   7.493   -1.898  1.00 27.54  ? 105 VAL B CB  1 
ATOM   892  C CG1 . VAL A 1 118 ? 7.021   6.962   -0.516  1.00 25.24  ? 105 VAL B CG1 1 
ATOM   893  C CG2 . VAL A 1 118 ? 7.837   7.272   -2.862  1.00 29.58  ? 105 VAL B CG2 1 
ATOM   894  N N   . PHE A 1 119 ? 3.759   5.953   -0.843  1.00 24.08  ? 106 PHE B N   1 
ATOM   895  C CA  . PHE A 1 119 ? 2.704   6.029   0.188   1.00 21.20  ? 106 PHE B CA  1 
ATOM   896  C C   . PHE A 1 119 ? 3.122   5.309   1.471   1.00 24.70  ? 106 PHE B C   1 
ATOM   897  O O   . PHE A 1 119 ? 3.829   4.306   1.364   1.00 24.61  ? 106 PHE B O   1 
ATOM   898  C CB  . PHE A 1 119 ? 1.426   5.321   -0.264  1.00 23.58  ? 106 PHE B CB  1 
ATOM   899  C CG  . PHE A 1 119 ? 0.610   5.944   -1.369  1.00 21.65  ? 106 PHE B CG  1 
ATOM   900  C CD1 . PHE A 1 119 ? 0.910   5.702   -2.699  1.00 22.91  ? 106 PHE B CD1 1 
ATOM   901  C CD2 . PHE A 1 119 ? -0.506  6.715   -1.082  1.00 23.13  ? 106 PHE B CD2 1 
ATOM   902  C CE1 . PHE A 1 119 ? 0.140   6.247   -3.713  1.00 23.20  ? 106 PHE B CE1 1 
ATOM   903  C CE2 . PHE A 1 119 ? -1.275  7.260   -2.097  1.00 21.29  ? 106 PHE B CE2 1 
ATOM   904  C CZ  . PHE A 1 119 ? -0.952  7.025   -3.411  1.00 20.23  ? 106 PHE B CZ  1 
ATOM   905  N N   . GLU A 1 120 ? 2.697   5.803   2.628   1.00 21.50  ? 107 GLU B N   1 
ATOM   906  C CA  . GLU A 1 120 ? 2.870   5.083   3.911   1.00 23.16  ? 107 GLU B CA  1 
ATOM   907  C C   . GLU A 1 120 ? 1.454   4.698   4.363   1.00 25.21  ? 107 GLU B C   1 
ATOM   908  O O   . GLU A 1 120 ? 0.645   5.614   4.573   1.00 25.01  ? 107 GLU B O   1 
ATOM   909  C CB  . GLU A 1 120 ? 3.623   5.935   4.930   1.00 26.33  ? 107 GLU B CB  1 
ATOM   910  C CG  . GLU A 1 120 ? 5.138   5.847   4.791   1.00 26.47  ? 107 GLU B CG  1 
ATOM   911  C CD  . GLU A 1 120 ? 5.972   6.815   5.619   1.00 33.45  ? 107 GLU B CD  1 
ATOM   912  O OE1 . GLU A 1 120 ? 5.502   7.245   6.686   1.00 34.25  ? 107 GLU B OE1 1 
ATOM   913  O OE2 . GLU A 1 120 ? 7.097   7.130   5.195   1.00 31.53  ? 107 GLU B OE2 1 
ATOM   914  N N   . VAL A 1 121 ? 1.162   3.403   4.500   1.00 24.13  ? 108 VAL B N   1 
ATOM   915  C CA  . VAL A 1 121 ? -0.232  2.953   4.798   1.00 22.08  ? 108 VAL B CA  1 
ATOM   916  C C   . VAL A 1 121 ? -0.325  2.237   6.152   1.00 24.91  ? 108 VAL B C   1 
ATOM   917  O O   . VAL A 1 121 ? 0.483   1.338   6.384   1.00 25.45  ? 108 VAL B O   1 
ATOM   918  C CB  . VAL A 1 121 ? -0.773  2.065   3.656   1.00 25.41  ? 108 VAL B CB  1 
ATOM   919  C CG1 . VAL A 1 121 ? -2.192  1.584   3.914   1.00 26.25  ? 108 VAL B CG1 1 
ATOM   920  C CG2 . VAL A 1 121 ? -0.664  2.742   2.300   1.00 28.39  ? 108 VAL B CG2 1 
ATOM   921  N N   . GLU A 1 122 ? -1.284  2.607   7.008   1.00 21.92  ? 109 GLU B N   1 
ATOM   922  C CA  . GLU A 1 122 ? -1.492  1.891   8.298   1.00 22.53  ? 109 GLU B CA  1 
ATOM   923  C C   . GLU A 1 122 ? -2.791  1.076   8.250   1.00 26.97  ? 109 GLU B C   1 
ATOM   924  O O   . GLU A 1 122 ? -3.834  1.681   7.993   1.00 27.88  ? 109 GLU B O   1 
ATOM   925  C CB  . GLU A 1 122 ? -1.538  2.864   9.468   1.00 31.38  ? 109 GLU B CB  1 
ATOM   926  C CG  . GLU A 1 122 ? -1.725  2.180   10.808  1.00 37.39  ? 109 GLU B CG  1 
ATOM   927  C CD  . GLU A 1 122 ? -2.137  3.095   11.948  1.00 53.14  ? 109 GLU B CD  1 
ATOM   928  O OE1 . GLU A 1 122 ? -2.307  4.309   11.708  1.00 55.37  ? 109 GLU B OE1 1 
ATOM   929  O OE2 . GLU A 1 122 ? -2.294  2.589   13.074  1.00 60.83  ? 109 GLU B OE2 1 
ATOM   930  N N   . LEU A 1 123 ? -2.714  -0.229  8.531   1.00 23.75  ? 110 LEU B N   1 
ATOM   931  C CA  . LEU A 1 123 ? -3.911  -1.119  8.473   1.00 27.02  ? 110 LEU B CA  1 
ATOM   932  C C   . LEU A 1 123 ? -4.662  -1.107  9.812   1.00 28.93  ? 110 LEU B C   1 
ATOM   933  O O   . LEU A 1 123 ? -4.073  -1.498  10.829  1.00 29.81  ? 110 LEU B O   1 
ATOM   934  C CB  . LEU A 1 123 ? -3.526  -2.544  8.065   1.00 25.57  ? 110 LEU B CB  1 
ATOM   935  C CG  . LEU A 1 123 ? -4.698  -3.512  7.909   1.00 26.26  ? 110 LEU B CG  1 
ATOM   936  C CD1 . LEU A 1 123 ? -5.667  -3.032  6.844   1.00 27.67  ? 110 LEU B CD1 1 
ATOM   937  C CD2 . LEU A 1 123 ? -4.212  -4.916  7.593   1.00 28.17  ? 110 LEU B CD2 1 
ATOM   938  N N   . LEU A 1 124 ? -5.929  -0.713  9.777   1.00 29.32  ? 111 LEU B N   1 
ATOM   939  C CA  . LEU A 1 124 ? -6.740  -0.590  11.014  1.00 30.65  ? 111 LEU B CA  1 
ATOM   940  C C   . LEU A 1 124 ? -7.709  -1.769  11.169  1.00 33.62  ? 111 LEU B C   1 
ATOM   941  O O   . LEU A 1 124 ? -7.943  -2.146  12.318  1.00 33.49  ? 111 LEU B O   1 
ATOM   942  C CB  . LEU A 1 124 ? -7.496  0.736   10.931  1.00 35.21  ? 111 LEU B CB  1 
ATOM   943  C CG  . LEU A 1 124 ? -6.636  1.996   10.860  1.00 37.89  ? 111 LEU B CG  1 
ATOM   944  C CD1 . LEU A 1 124 ? -7.412  3.138   10.229  1.00 39.17  ? 111 LEU B CD1 1 
ATOM   945  C CD2 . LEU A 1 124 ? -6.140  2.392   12.240  1.00 42.41  ? 111 LEU B CD2 1 
ATOM   946  N N   . ASP A 1 125 ? -8.255  -2.309  10.070  1.00 30.47  ? 112 ASP B N   1 
ATOM   947  C CA  . ASP A 1 125 ? -9.290  -3.377  10.155  1.00 35.84  ? 112 ASP B CA  1 
ATOM   948  C C   . ASP A 1 125 ? -9.336  -4.224  8.876   1.00 33.81  ? 112 ASP B C   1 
ATOM   949  O O   . ASP A 1 125 ? -8.937  -3.713  7.827   1.00 31.56  ? 112 ASP B O   1 
ATOM   950  C CB  . ASP A 1 125 ? -10.667 -2.775  10.432  1.00 44.12  ? 112 ASP B CB  1 
ATOM   951  C CG  . ASP A 1 125 ? -11.718 -3.771  10.889  1.00 59.01  ? 112 ASP B CG  1 
ATOM   952  O OD1 . ASP A 1 125 ? -11.557 -4.337  11.988  1.00 60.51  ? 112 ASP B OD1 1 
ATOM   953  O OD2 . ASP A 1 125 ? -12.700 -3.962  10.146  1.00 71.05  ? 112 ASP B OD2 1 
ATOM   954  N N   . VAL A 1 126 ? -9.845  -5.455  8.972   1.00 28.21  ? 113 VAL B N   1 
ATOM   955  C CA  . VAL A 1 126 ? -9.937  -6.389  7.812   1.00 29.53  ? 113 VAL B CA  1 
ATOM   956  C C   . VAL A 1 126 ? -11.329 -7.036  7.785   1.00 36.19  ? 113 VAL B C   1 
ATOM   957  O O   . VAL A 1 126 ? -11.630 -7.745  6.842   1.00 37.63  ? 113 VAL B O   1 
ATOM   958  C CB  . VAL A 1 126 ? -8.834  -7.465  7.872   1.00 32.92  ? 113 VAL B CB  1 
ATOM   959  C CG1 . VAL A 1 126 ? -7.467  -6.903  7.519   1.00 36.73  ? 113 VAL B CG1 1 
ATOM   960  C CG2 . VAL A 1 126 ? -8.803  -8.179  9.211   1.00 34.51  ? 113 VAL B CG2 1 
ATOM   961  O OXT . VAL A 1 126 ? -12.082 -6.820  8.730   1.00 30.00  ? 113 VAL B OXT 1 
HETATM 962  N N1  . WRX B 2 .   ? -5.668  7.559   -3.723  1.00 27.09  ? 201 WRX B N1  1 
HETATM 963  N N3  . WRX B 2 .   ? -9.607  4.827   -7.975  1.00 27.39  ? 201 WRX B N3  1 
HETATM 964  C C4  . WRX B 2 .   ? -5.559  11.283  -5.288  1.00 25.51  ? 201 WRX B C4  1 
HETATM 965  C C5  . WRX B 2 .   ? -6.068  9.897   -5.031  1.00 27.01  ? 201 WRX B C5  1 
HETATM 966  C C6  . WRX B 2 .   ? -5.478  6.307   -4.472  1.00 34.98  ? 201 WRX B C6  1 
HETATM 967  C C7  . WRX B 2 .   ? -6.659  5.774   -5.311  1.00 35.01  ? 201 WRX B C7  1 
HETATM 968  C C8  . WRX B 2 .   ? -9.009  6.018   -5.935  1.00 26.18  ? 201 WRX B C8  1 
HETATM 969  C C10 . WRX B 2 .   ? -9.953  8.336   -5.342  1.00 28.53  ? 201 WRX B C10 1 
HETATM 970  C C13 . WRX B 2 .   ? -9.493  11.036  -5.063  1.00 35.08  ? 201 WRX B C13 1 
HETATM 971  C C15 . WRX B 2 .   ? -9.840  9.163   -6.452  1.00 32.34  ? 201 WRX B C15 1 
HETATM 972  C C17 . WRX B 2 .   ? -9.800  4.673   -9.409  1.00 28.27  ? 201 WRX B C17 1 
HETATM 973  C C20 . WRX B 2 .   ? -7.016  2.085   -11.259 1.00 26.60  ? 201 WRX B C20 1 
HETATM 974  C C21 . WRX B 2 .   ? -8.138  1.533   -10.711 1.00 26.35  ? 201 WRX B C21 1 
HETATM 975  C C22 . WRX B 2 .   ? -9.051  2.361   -10.098 1.00 28.65  ? 201 WRX B C22 1 
HETATM 976  C C24 . WRX B 2 .   ? -5.899  5.081   -2.334  1.00 28.31  ? 201 WRX B C24 1 
HETATM 977  C C26 . WRX B 2 .   ? -6.548  7.485   -2.552  1.00 27.06  ? 201 WRX B C26 1 
HETATM 978  C C28 . WRX B 2 .   ? -5.361  13.594  -4.632  1.00 29.59  ? 201 WRX B C28 1 
HETATM 979  F F1  . WRX B 2 .   ? -4.184  15.083  -6.001  1.00 34.86  ? 201 WRX B F1  1 
HETATM 980  C C1  . WRX B 2 .   ? -4.639  13.825  -5.765  1.00 30.18  ? 201 WRX B C1  1 
HETATM 981  C C2  . WRX B 2 .   ? -4.358  12.850  -6.673  1.00 27.77  ? 201 WRX B C2  1 
HETATM 982  C C3  . WRX B 2 .   ? -4.823  11.569  -6.422  1.00 26.84  ? 201 WRX B C3  1 
HETATM 983  S S1  . WRX B 2 .   ? -4.890  8.899   -4.129  1.00 26.03  ? 201 WRX B S1  1 
HETATM 984  O O1  . WRX B 2 .   ? -4.574  9.616   -2.929  1.00 27.99  ? 201 WRX B O1  1 
HETATM 985  N N2  . WRX B 2 .   ? -7.756  6.538   -5.414  1.00 29.18  ? 201 WRX B N2  1 
HETATM 986  C C9  . WRX B 2 .   ? -10.216 6.859   -5.497  1.00 27.76  ? 201 WRX B C9  1 
HETATM 987  C C11 . WRX B 2 .   ? -9.836  8.915   -4.086  1.00 26.96  ? 201 WRX B C11 1 
HETATM 988  C C12 . WRX B 2 .   ? -9.600  10.273  -3.937  1.00 33.16  ? 201 WRX B C12 1 
HETATM 989  F F2  . WRX B 2 .   ? -9.261  12.368  -4.927  1.00 36.16  ? 201 WRX B F2  1 
HETATM 990  C C14 . WRX B 2 .   ? -9.605  10.522  -6.319  1.00 34.63  ? 201 WRX B C14 1 
HETATM 991  C C16 . WRX B 2 .   ? -8.974  5.875   -7.453  1.00 29.23  ? 201 WRX B C16 1 
HETATM 992  C C18 . WRX B 2 .   ? -8.826  3.718   -10.056 1.00 26.80  ? 201 WRX B C18 1 
HETATM 993  C C19 . WRX B 2 .   ? -7.672  4.178   -10.639 1.00 29.21  ? 201 WRX B C19 1 
HETATM 994  N N4  . WRX B 2 .   ? -6.766  3.393   -11.234 1.00 30.39  ? 201 WRX B N4  1 
HETATM 995  O O2  . WRX B 2 .   ? -8.371  6.694   -8.141  1.00 25.42  ? 201 WRX B O2  1 
HETATM 996  O O3  . WRX B 2 .   ? -6.584  4.680   -5.871  1.00 25.04  ? 201 WRX B O3  1 
HETATM 997  C C23 . WRX B 2 .   ? -4.962  5.237   -3.523  1.00 26.67  ? 201 WRX B C23 1 
HETATM 998  C C25 . WRX B 2 .   ? -6.062  6.402   -1.607  1.00 25.54  ? 201 WRX B C25 1 
HETATM 999  O O4  . WRX B 2 .   ? -3.853  8.569   -5.059  1.00 25.77  ? 201 WRX B O4  1 
HETATM 1000 C C27 . WRX B 2 .   ? -5.822  12.307  -4.399  1.00 29.36  ? 201 WRX B C27 1 
HETATM 1001 C C1  . GOL C 3 .   ? 15.179  -2.049  -11.044 1.00 56.55  ? 202 GOL B C1  1 
HETATM 1002 O O1  . GOL C 3 .   ? 14.535  -0.780  -10.964 1.00 59.53  ? 202 GOL B O1  1 
HETATM 1003 C C2  . GOL C 3 .   ? 16.018  -2.331  -9.816  1.00 50.71  ? 202 GOL B C2  1 
HETATM 1004 O O2  . GOL C 3 .   ? 15.616  -3.559  -9.215  1.00 47.59  ? 202 GOL B O2  1 
HETATM 1005 C C3  . GOL C 3 .   ? 15.990  -1.214  -8.795  1.00 61.96  ? 202 GOL B C3  1 
HETATM 1006 O O3  . GOL C 3 .   ? 15.957  -1.723  -7.465  1.00 66.77  ? 202 GOL B O3  1 
HETATM 1007 C C1  . GOL D 3 .   ? 11.271  4.568   7.845   1.00 50.45  ? 203 GOL B C1  1 
HETATM 1008 O O1  . GOL D 3 .   ? 12.482  3.936   7.447   1.00 55.07  ? 203 GOL B O1  1 
HETATM 1009 C C2  . GOL D 3 .   ? 11.514  5.994   8.282   1.00 49.11  ? 203 GOL B C2  1 
HETATM 1010 O O2  . GOL D 3 .   ? 10.298  6.736   8.218   1.00 56.34  ? 203 GOL B O2  1 
HETATM 1011 C C3  . GOL D 3 .   ? 12.132  6.101   9.659   1.00 49.94  ? 203 GOL B C3  1 
HETATM 1012 O O3  . GOL D 3 .   ? 13.268  6.961   9.651   1.00 50.02  ? 203 GOL B O3  1 
HETATM 1013 C C1  . PEG E 4 .   ? 10.410  8.257   -10.937 1.00 20.00  ? 204 PEG B C1  1 
HETATM 1014 O O1  . PEG E 4 .   ? 11.363  9.280   -10.746 1.00 20.00  ? 204 PEG B O1  1 
HETATM 1015 C C2  . PEG E 4 .   ? 9.181   8.744   -11.638 1.00 20.00  ? 204 PEG B C2  1 
HETATM 1016 O O2  . PEG E 4 .   ? 8.868   10.064  -11.213 1.00 20.00  ? 204 PEG B O2  1 
HETATM 1017 C C3  . PEG E 4 .   ? 8.218   10.100  -9.951  1.00 20.00  ? 204 PEG B C3  1 
HETATM 1018 C C4  . PEG E 4 .   ? 7.685   11.465  -9.703  1.00 20.00  ? 204 PEG B C4  1 
HETATM 1019 O O4  . PEG E 4 .   ? 6.961   11.542  -8.495  1.00 20.00  ? 204 PEG B O4  1 
HETATM 1020 O O   . HOH F 5 .   ? 11.127  -11.413 13.889  1.00 37.84  ? 301 HOH B O   1 
HETATM 1021 O O   . HOH F 5 .   ? -10.864 -0.817  -11.779 1.00 39.34  ? 302 HOH B O   1 
HETATM 1022 O O   . HOH F 5 .   ? 3.286   -3.558  7.769   1.00 23.55  ? 303 HOH B O   1 
HETATM 1023 O O   . HOH F 5 .   ? 1.074   9.450   -13.402 1.00 33.00  ? 304 HOH B O   1 
HETATM 1024 O O   . HOH F 5 .   ? 12.850  2.240   9.436   1.00 34.90  ? 305 HOH B O   1 
HETATM 1025 O O   . HOH F 5 .   ? 9.931   -5.126  5.099   1.00 23.25  ? 306 HOH B O   1 
HETATM 1026 O O   . HOH F 5 .   ? 11.334  8.569   6.603   1.00 42.24  ? 307 HOH B O   1 
HETATM 1027 O O   . HOH F 5 .   ? 10.987  1.959   1.671   1.00 34.84  ? 308 HOH B O   1 
HETATM 1028 O O   . HOH F 5 .   ? 2.372   -11.313 5.292   1.00 38.19  ? 309 HOH B O   1 
HETATM 1029 O O   . HOH F 5 .   ? -15.914 -7.442  1.126   1.00 35.18  ? 310 HOH B O   1 
HETATM 1030 O O   . HOH F 5 .   ? 14.420  -5.145  -3.208  1.00 39.97  ? 311 HOH B O   1 
HETATM 1031 O O   . HOH F 5 .   ? 8.613   0.478   -7.342  1.00 29.02  ? 312 HOH B O   1 
HETATM 1032 O O   . HOH F 5 .   ? -6.626  -2.291  -8.998  1.00 21.81  ? 313 HOH B O   1 
HETATM 1033 O O   . HOH F 5 .   ? -7.920  -12.319 7.791   1.00 42.24  ? 314 HOH B O   1 
HETATM 1034 O O   . HOH F 5 .   ? 11.217  0.240   10.562  1.00 47.93  ? 315 HOH B O   1 
HETATM 1035 O O   . HOH F 5 .   ? -14.270 4.282   0.360   1.00 37.18  ? 316 HOH B O   1 
HETATM 1036 O O   . HOH F 5 .   ? 12.631  -4.902  14.379  1.00 31.94  ? 317 HOH B O   1 
HETATM 1037 O O   . HOH F 5 .   ? 17.492  -2.143  2.787   1.00 34.02  ? 318 HOH B O   1 
HETATM 1038 O O   . HOH F 5 .   ? -13.963 -5.315  -10.278 1.00 39.61  ? 319 HOH B O   1 
HETATM 1039 O O   . HOH F 5 .   ? 0.047   -6.432  -9.549  1.00 37.83  ? 320 HOH B O   1 
HETATM 1040 O O   . HOH F 5 .   ? -1.546  -11.743 -2.800  1.00 27.35  ? 321 HOH B O   1 
HETATM 1041 O O   . HOH F 5 .   ? 9.569   3.922   -10.523 1.00 33.67  ? 322 HOH B O   1 
HETATM 1042 O O   . HOH F 5 .   ? -10.159 -2.369  -4.726  1.00 22.87  ? 323 HOH B O   1 
HETATM 1043 O O   . HOH F 5 .   ? -5.868  13.241  -15.391 1.00 52.49  ? 324 HOH B O   1 
HETATM 1044 O O   . HOH F 5 .   ? -12.860 -2.694  7.538   1.00 42.77  ? 325 HOH B O   1 
HETATM 1045 O O   . HOH F 5 .   ? -6.684  9.313   -13.679 1.00 36.46  ? 326 HOH B O   1 
HETATM 1046 O O   . HOH F 5 .   ? 1.420   -8.066  -1.357  1.00 37.62  ? 327 HOH B O   1 
HETATM 1047 O O   . HOH F 5 .   ? 15.432  -12.415 1.685   1.00 45.16  ? 328 HOH B O   1 
HETATM 1048 O O   . HOH F 5 .   ? -4.914  4.384   -13.105 1.00 32.37  ? 329 HOH B O   1 
HETATM 1049 O O   . HOH F 5 .   ? 7.420   -3.460  14.077  1.00 29.30  ? 330 HOH B O   1 
HETATM 1050 O O   . HOH F 5 .   ? -2.482  -5.155  -8.962  1.00 25.16  ? 331 HOH B O   1 
HETATM 1051 O O   . HOH F 5 .   ? -3.403  1.384   -11.503 1.00 23.28  ? 332 HOH B O   1 
HETATM 1052 O O   . HOH F 5 .   ? 10.182  -14.973 -8.987  1.00 43.65  ? 333 HOH B O   1 
HETATM 1053 O O   . HOH F 5 .   ? 3.203   -9.133  2.061   1.00 30.82  ? 334 HOH B O   1 
HETATM 1054 O O   . HOH F 5 .   ? 3.397   -9.317  -8.587  1.00 29.65  ? 335 HOH B O   1 
HETATM 1055 O O   . HOH F 5 .   ? -8.442  13.097  -12.431 1.00 31.44  ? 336 HOH B O   1 
HETATM 1056 O O   . HOH F 5 .   ? 2.020   -6.197  8.810   1.00 28.73  ? 337 HOH B O   1 
HETATM 1057 O O   . HOH F 5 .   ? 1.123   7.547   -11.186 1.00 25.25  ? 338 HOH B O   1 
HETATM 1058 O O   . HOH F 5 .   ? -4.953  -12.489 -0.512  1.00 29.07  ? 339 HOH B O   1 
HETATM 1059 O O   . HOH F 5 .   ? 11.713  -1.512  8.110   1.00 26.12  ? 340 HOH B O   1 
HETATM 1060 O O   . HOH F 5 .   ? -0.470  -1.963  -15.535 1.00 54.47  ? 341 HOH B O   1 
HETATM 1061 O O   . HOH F 5 .   ? 2.648   -9.417  -4.525  1.00 30.34  ? 342 HOH B O   1 
HETATM 1062 O O   . HOH F 5 .   ? 12.577  -8.779  -3.291  1.00 34.27  ? 343 HOH B O   1 
HETATM 1063 O O   . HOH F 5 .   ? 9.114   1.225   -0.351  1.00 32.98  ? 344 HOH B O   1 
HETATM 1064 O O   . HOH F 5 .   ? 5.907   -10.774 -1.255  1.00 47.16  ? 345 HOH B O   1 
HETATM 1065 O O   . HOH F 5 .   ? -6.789  -8.593  14.446  1.00 42.86  ? 346 HOH B O   1 
HETATM 1066 O O   . HOH F 5 .   ? 9.944   -1.710  13.685  1.00 34.44  ? 347 HOH B O   1 
HETATM 1067 O O   . HOH F 5 .   ? -11.592 -13.204 1.860   1.00 47.57  ? 348 HOH B O   1 
HETATM 1068 O O   . HOH F 5 .   ? -19.144 13.358  6.603   1.00 49.92  ? 349 HOH B O   1 
HETATM 1069 O O   . HOH F 5 .   ? 5.536   -32.463 4.527   1.00 51.44  ? 350 HOH B O   1 
HETATM 1070 O O   . HOH F 5 .   ? 2.848   -8.313  7.380   1.00 27.24  ? 351 HOH B O   1 
HETATM 1071 O O   . HOH F 5 .   ? 4.644   -33.142 2.084   1.00 33.37  ? 352 HOH B O   1 
HETATM 1072 O O   . HOH F 5 .   ? -14.708 -5.862  6.980   1.00 47.06  ? 353 HOH B O   1 
HETATM 1073 O O   . HOH F 5 .   ? -0.022  6.118   7.478   1.00 52.68  ? 354 HOH B O   1 
HETATM 1074 O O   . HOH F 5 .   ? 13.128  -9.535  -6.261  1.00 55.17  ? 355 HOH B O   1 
HETATM 1075 O O   . HOH F 5 .   ? -2.902  -12.299 1.667   1.00 34.04  ? 356 HOH B O   1 
HETATM 1076 O O   . HOH F 5 .   ? -4.873  -13.901 9.809   1.00 45.67  ? 357 HOH B O   1 
HETATM 1077 O O   . HOH F 5 .   ? 0.503   1.798   14.174  1.00 58.44  ? 358 HOH B O   1 
HETATM 1078 O O   . HOH F 5 .   ? -14.042 5.089   2.669   1.00 33.60  ? 359 HOH B O   1 
HETATM 1079 O O   . HOH F 5 .   ? -18.098 -3.001  2.001   1.00 37.74  ? 360 HOH B O   1 
HETATM 1080 O O   . HOH F 5 .   ? 12.304  9.588   -2.699  1.00 46.29  ? 361 HOH B O   1 
HETATM 1081 O O   . HOH F 5 .   ? -10.935 -6.400  -9.903  1.00 35.69  ? 362 HOH B O   1 
HETATM 1082 O O   . HOH F 5 .   ? -1.081  4.894   -19.101 1.00 53.10  ? 363 HOH B O   1 
HETATM 1083 O O   . HOH F 5 .   ? -14.809 -8.444  4.933   1.00 43.36  ? 364 HOH B O   1 
HETATM 1084 O O   . HOH F 5 .   ? 4.868   -11.259 -7.856  1.00 32.05  ? 365 HOH B O   1 
HETATM 1085 O O   . HOH F 5 .   ? -7.884  3.974   -15.105 1.00 52.17  ? 366 HOH B O   1 
HETATM 1086 O O   . HOH F 5 .   ? 7.169   -14.537 2.918   1.00 42.39  ? 367 HOH B O   1 
HETATM 1087 O O   . HOH F 5 .   ? 8.956   -1.161  -13.703 1.00 30.00  ? 368 HOH B O   1 
HETATM 1088 O O   . HOH F 5 .   ? 14.535  -3.272  15.563  1.00 30.69  ? 369 HOH B O   1 
HETATM 1089 O O   . HOH F 5 .   ? 14.066  -10.334 1.279   1.00 42.56  ? 370 HOH B O   1 
HETATM 1090 O O   . HOH F 5 .   ? -10.340 8.555   13.885  1.00 63.68  ? 371 HOH B O   1 
HETATM 1091 O O   . HOH F 5 .   ? -9.719  9.664   -16.268 1.00 45.58  ? 372 HOH B O   1 
HETATM 1092 O O   . HOH F 5 .   ? -8.268  11.421  -14.855 1.00 40.19  ? 373 HOH B O   1 
HETATM 1093 O O   . HOH F 5 .   ? -8.640  7.464   -12.315 1.00 31.49  ? 374 HOH B O   1 
HETATM 1094 O O   . HOH F 5 .   ? -9.977  5.487   -13.340 1.00 38.43  ? 375 HOH B O   1 
HETATM 1095 O O   . HOH F 5 .   ? 16.108  -2.328  -3.132  1.00 52.30  ? 376 HOH B O   1 
HETATM 1096 O O   . HOH F 5 .   ? -4.630  0.928   -14.211 1.00 36.66  ? 377 HOH B O   1 
HETATM 1097 O O   . HOH F 5 .   ? 0.349   2.447   -17.905 1.00 50.43  ? 378 HOH B O   1 
HETATM 1098 O O   . HOH F 5 .   ? 10.699  -5.293  16.271  1.00 38.65  ? 379 HOH B O   1 
HETATM 1099 O O   . HOH F 5 .   ? 0.227   -2.011  -18.510 1.00 58.00  ? 380 HOH B O   1 
# 
